data_9Q53
#
_entry.id   9Q53
#
_cell.length_a   59.989
_cell.length_b   153.665
_cell.length_c   109.188
_cell.angle_alpha   90.00
_cell.angle_beta   90.63
_cell.angle_gamma   90.00
#
_symmetry.space_group_name_H-M   'P 1 21 1'
#
loop_
_entity.id
_entity.type
_entity.pdbx_description
1 polymer 'Nitric oxide synthase 3'
2 non-polymer 'PROTOPORPHYRIN IX CONTAINING FE'
3 non-polymer 5,6,7,8-TETRAHYDROBIOPTERIN
4 non-polymer 6-({2,3-difluoro-5-[2-(piperidin-1-yl)ethyl]phenoxy}methyl)-4-methylpyridin-2-amine
5 non-polymer 2-[BIS-(2-HYDROXY-ETHYL)-AMINO]-2-HYDROXYMETHYL-PROPANE-1,3-DIOL
6 non-polymer GLYCEROL
7 non-polymer 'CHLORIDE ION'
8 non-polymer 'GADOLINIUM ATOM'
9 non-polymer 'ZINC ION'
10 non-polymer 'CALCIUM ION'
11 water water
#
_entity_poly.entity_id   1
_entity_poly.type   'polypeptide(L)'
_entity_poly.pdbx_seq_one_letter_code
;APASLLPPAPEHSPPSSPLTQPPEGPKFPRVKNWEVGSITYDTLSAQAQQDGPCTPRRCLGSLVFPRKLQGRPSPGPPAP
EQLLSQARDFINQYYSSIKRSGSQAHEQRLQEVEAEVAATGTYQLRESELVFGAKQAWRNAPRCVGRIQWGKLQVFDARD
CRSAQEMFTYICNHIKYATNRGNLRSAITVFPQRCPGRGDFRIWNSQLVRYAGYRQQDGSVRGDPANVEITELCIQHGWT
PGNGRFDVLPLLLQAPDEPPELFLLPPELVLEVPLEHPTLEWFAALGLRWYALPAVSNMLLEIGGLEFPAAPFSGWYMST
EIGTRNLCDPHRYNILEDVAVCMDLDTRTTSSLWKDKAAVEINVAVLHSYQLAKVTIVDHHAATASFMKHLENEQKARGG
CPADWAWIVPPISGSLTPVFHQEMVNYFLSPAFRYQPDPW
;
_entity_poly.pdbx_strand_id   A,B,C,D
#
loop_
_chem_comp.id
_chem_comp.type
_chem_comp.name
_chem_comp.formula
A1CN6 non-polymer 6-({2,3-difluoro-5-[2-(piperidin-1-yl)ethyl]phenoxy}methyl)-4-methylpyridin-2-amine 'C20 H25 F2 N3 O'
BTB non-polymer 2-[BIS-(2-HYDROXY-ETHYL)-AMINO]-2-HYDROXYMETHYL-PROPANE-1,3-DIOL 'C8 H19 N O5'
CA non-polymer 'CALCIUM ION' 'Ca 2'
CL non-polymer 'CHLORIDE ION' 'Cl -1'
GD non-polymer 'GADOLINIUM ATOM' Gd
GOL non-polymer GLYCEROL 'C3 H8 O3'
H4B non-polymer 5,6,7,8-TETRAHYDROBIOPTERIN 'C9 H15 N5 O3'
HEM non-polymer 'PROTOPORPHYRIN IX CONTAINING FE' 'C34 H32 Fe N4 O4'
ZN non-polymer 'ZINC ION' 'Zn 2'
#
# COMPACT_ATOMS: atom_id res chain seq x y z
N LYS A 27 51.15 0.40 -23.91
CA LYS A 27 50.28 -0.65 -24.42
C LYS A 27 49.95 -1.70 -23.34
N PHE A 28 50.58 -1.58 -22.17
CA PHE A 28 50.24 -2.44 -21.03
C PHE A 28 49.58 -1.61 -19.94
N PRO A 29 48.26 -1.71 -19.78
CA PRO A 29 47.54 -0.80 -18.86
C PRO A 29 48.08 -0.84 -17.42
N ARG A 30 48.24 0.35 -16.84
CA ARG A 30 48.54 0.52 -15.43
C ARG A 30 47.27 0.36 -14.61
N VAL A 31 47.36 -0.38 -13.51
CA VAL A 31 46.19 -0.78 -12.69
C VAL A 31 46.53 -0.52 -11.22
N LYS A 32 45.79 0.39 -10.60
CA LYS A 32 46.11 0.86 -9.26
C LYS A 32 45.05 0.39 -8.26
N ASN A 33 45.52 0.10 -7.04
CA ASN A 33 44.65 -0.06 -5.89
C ASN A 33 44.76 1.19 -5.02
N TRP A 34 43.65 1.90 -4.88
CA TRP A 34 43.61 3.19 -4.21
C TRP A 34 43.56 3.10 -2.69
N GLU A 35 43.25 1.93 -2.13
CA GLU A 35 43.31 1.78 -0.68
C GLU A 35 44.74 1.56 -0.21
N VAL A 36 45.53 0.84 -1.00
CA VAL A 36 46.89 0.46 -0.62
C VAL A 36 47.93 1.32 -1.33
N GLY A 37 47.66 1.69 -2.59
CA GLY A 37 48.61 2.39 -3.41
C GLY A 37 49.43 1.51 -4.31
N SER A 38 49.21 0.19 -4.29
CA SER A 38 49.99 -0.73 -5.11
C SER A 38 49.63 -0.57 -6.59
N ILE A 39 50.64 -0.75 -7.45
CA ILE A 39 50.50 -0.71 -8.89
C ILE A 39 50.85 -2.08 -9.45
N THR A 40 50.05 -2.56 -10.41
CA THR A 40 50.42 -3.68 -11.28
C THR A 40 50.21 -3.28 -12.74
N TYR A 41 50.74 -4.10 -13.64
CA TYR A 41 50.48 -3.96 -15.07
C TYR A 41 49.78 -5.21 -15.58
N ASP A 42 48.74 -5.02 -16.39
CA ASP A 42 48.03 -6.16 -16.98
C ASP A 42 48.65 -6.46 -18.34
N THR A 43 49.44 -7.53 -18.41
CA THR A 43 50.00 -7.98 -19.67
C THR A 43 49.15 -9.05 -20.35
N LEU A 44 48.18 -9.64 -19.62
CA LEU A 44 47.33 -10.67 -20.20
C LEU A 44 46.30 -10.07 -21.17
N SER A 45 45.89 -8.82 -20.96
CA SER A 45 44.90 -8.21 -21.83
C SER A 45 45.36 -8.16 -23.28
N ALA A 46 46.67 -8.29 -23.54
CA ALA A 46 47.17 -8.37 -24.91
C ALA A 46 46.68 -9.62 -25.64
N GLN A 47 46.30 -10.67 -24.91
CA GLN A 47 45.83 -11.92 -25.51
C GLN A 47 44.35 -11.91 -25.82
N ALA A 48 43.64 -10.79 -25.60
CA ALA A 48 42.20 -10.73 -25.79
C ALA A 48 41.81 -11.18 -27.18
N GLN A 49 41.12 -12.32 -27.29
CA GLN A 49 40.87 -12.89 -28.62
C GLN A 49 39.76 -12.13 -29.34
N GLN A 50 38.70 -11.77 -28.64
CA GLN A 50 37.54 -11.13 -29.25
C GLN A 50 37.53 -9.64 -28.96
N ASP A 51 36.68 -8.93 -29.68
CA ASP A 51 36.46 -7.51 -29.49
C ASP A 51 35.25 -7.28 -28.60
N GLY A 52 35.40 -6.41 -27.60
CA GLY A 52 34.31 -5.98 -26.77
C GLY A 52 33.57 -4.78 -27.36
N PRO A 53 32.79 -4.13 -26.54
CA PRO A 53 31.82 -3.15 -27.07
C PRO A 53 32.30 -1.71 -27.03
N CYS A 54 33.45 -1.47 -26.42
CA CYS A 54 33.92 -0.12 -26.17
C CYS A 54 34.81 0.37 -27.32
N THR A 55 34.86 1.70 -27.51
CA THR A 55 35.75 2.29 -28.51
C THR A 55 36.38 3.53 -27.91
N PRO A 56 37.44 4.10 -28.52
CA PRO A 56 37.98 5.36 -27.99
C PRO A 56 36.93 6.44 -27.84
N ARG A 57 35.88 6.40 -28.66
CA ARG A 57 34.87 7.46 -28.61
C ARG A 57 33.94 7.31 -27.40
N ARG A 58 33.65 6.08 -26.97
CA ARG A 58 32.59 5.89 -25.98
C ARG A 58 32.73 4.55 -25.30
N CYS A 59 32.52 4.54 -23.98
CA CYS A 59 32.64 3.35 -23.15
C CYS A 59 31.24 2.77 -22.87
N LEU A 60 31.06 1.49 -23.14
CA LEU A 60 29.79 0.80 -22.98
C LEU A 60 29.85 -0.31 -21.92
N GLY A 61 30.80 -0.20 -20.98
CA GLY A 61 31.01 -1.22 -19.98
C GLY A 61 29.81 -1.52 -19.09
N SER A 62 28.90 -0.57 -18.93
CA SER A 62 27.75 -0.78 -18.05
C SER A 62 26.61 -1.53 -18.71
N LEU A 63 26.69 -1.80 -20.01
CA LEU A 63 25.60 -2.50 -20.69
C LEU A 63 25.65 -3.99 -20.34
N VAL A 64 24.50 -4.53 -19.94
CA VAL A 64 24.44 -5.97 -19.62
C VAL A 64 24.78 -6.82 -20.85
N PHE A 65 24.00 -6.66 -21.93
CA PHE A 65 24.27 -7.29 -23.22
C PHE A 65 24.78 -6.24 -24.18
N PRO A 66 26.05 -6.22 -24.54
CA PRO A 66 26.54 -5.12 -25.38
C PRO A 66 26.56 -5.41 -26.89
N GLU A 81 35.87 -23.43 -41.54
CA GLU A 81 37.15 -24.13 -41.60
C GLU A 81 38.21 -23.44 -40.76
N GLN A 82 38.05 -22.12 -40.54
CA GLN A 82 38.85 -21.38 -39.58
C GLN A 82 38.58 -21.80 -38.13
N LEU A 83 37.64 -22.73 -37.94
CA LEU A 83 37.53 -23.57 -36.76
C LEU A 83 38.89 -24.11 -36.34
N LEU A 84 39.80 -24.23 -37.31
CA LEU A 84 41.12 -24.81 -37.07
C LEU A 84 42.01 -23.89 -36.25
N SER A 85 41.99 -22.58 -36.56
CA SER A 85 42.87 -21.66 -35.85
C SER A 85 42.45 -21.49 -34.40
N GLN A 86 41.14 -21.53 -34.11
CA GLN A 86 40.68 -21.55 -32.73
C GLN A 86 41.09 -22.86 -32.05
N ALA A 87 40.83 -23.99 -32.71
CA ALA A 87 41.17 -25.28 -32.14
C ALA A 87 42.68 -25.39 -31.91
N ARG A 88 43.47 -24.93 -32.87
CA ARG A 88 44.92 -24.93 -32.71
C ARG A 88 45.34 -24.14 -31.48
N ASP A 89 44.86 -22.90 -31.34
CA ASP A 89 45.29 -22.04 -30.25
C ASP A 89 44.92 -22.62 -28.89
N PHE A 90 43.75 -23.25 -28.79
CA PHE A 90 43.36 -23.89 -27.53
C PHE A 90 44.28 -25.06 -27.17
N ILE A 91 44.77 -25.80 -28.16
CA ILE A 91 45.62 -26.95 -27.86
C ILE A 91 46.95 -26.50 -27.29
N ASN A 92 47.48 -25.38 -27.81
CA ASN A 92 48.72 -24.84 -27.29
C ASN A 92 48.56 -24.35 -25.86
N GLN A 93 47.45 -23.66 -25.58
CA GLN A 93 47.11 -23.33 -24.21
C GLN A 93 47.22 -24.58 -23.33
N TYR A 94 46.48 -25.62 -23.70
CA TYR A 94 46.45 -26.83 -22.88
C TYR A 94 47.84 -27.42 -22.69
N TYR A 95 48.63 -27.52 -23.76
CA TYR A 95 49.92 -28.18 -23.57
C TYR A 95 50.91 -27.26 -22.85
N SER A 96 50.85 -25.95 -23.08
CA SER A 96 51.57 -25.04 -22.21
C SER A 96 51.17 -25.24 -20.75
N SER A 97 49.85 -25.39 -20.50
CA SER A 97 49.35 -25.53 -19.14
C SER A 97 49.81 -26.82 -18.44
N ILE A 98 50.15 -27.87 -19.18
CA ILE A 98 50.68 -29.07 -18.56
C ILE A 98 52.19 -29.21 -18.81
N LYS A 99 52.86 -28.10 -19.14
CA LYS A 99 54.32 -28.06 -19.26
C LYS A 99 54.82 -29.02 -20.33
N ARG A 100 54.04 -29.24 -21.38
CA ARG A 100 54.38 -30.16 -22.46
C ARG A 100 54.30 -29.45 -23.81
N SER A 101 54.88 -28.25 -23.89
CA SER A 101 54.78 -27.46 -25.10
C SER A 101 55.64 -28.08 -26.19
N GLY A 102 55.08 -28.21 -27.39
CA GLY A 102 55.82 -28.68 -28.55
C GLY A 102 56.33 -30.11 -28.45
N SER A 103 55.92 -30.84 -27.42
CA SER A 103 56.33 -32.22 -27.25
C SER A 103 55.70 -33.08 -28.36
N GLN A 104 56.04 -34.37 -28.34
CA GLN A 104 55.46 -35.28 -29.33
C GLN A 104 53.96 -35.41 -29.13
N ALA A 105 53.52 -35.47 -27.87
CA ALA A 105 52.08 -35.51 -27.61
C ALA A 105 51.39 -34.27 -28.14
N HIS A 106 52.04 -33.11 -28.03
CA HIS A 106 51.49 -31.89 -28.61
C HIS A 106 51.30 -32.02 -30.11
N GLU A 107 52.35 -32.43 -30.82
CA GLU A 107 52.29 -32.44 -32.28
C GLU A 107 51.30 -33.47 -32.80
N GLN A 108 51.02 -34.49 -32.02
CA GLN A 108 50.12 -35.55 -32.45
C GLN A 108 48.66 -35.09 -32.38
N ARG A 109 48.28 -34.45 -31.26
CA ARG A 109 46.93 -33.94 -31.13
C ARG A 109 46.60 -32.92 -32.20
N LEU A 110 47.59 -32.12 -32.64
CA LEU A 110 47.33 -31.11 -33.66
C LEU A 110 46.91 -31.76 -34.98
N GLN A 111 47.73 -32.69 -35.48
CA GLN A 111 47.38 -33.38 -36.71
C GLN A 111 46.15 -34.26 -36.54
N GLU A 112 45.84 -34.66 -35.29
CA GLU A 112 44.61 -35.38 -35.02
C GLU A 112 43.37 -34.53 -35.35
N VAL A 113 43.28 -33.35 -34.75
CA VAL A 113 42.09 -32.51 -34.95
C VAL A 113 41.99 -32.08 -36.41
N GLU A 114 43.13 -31.80 -37.06
CA GLU A 114 43.14 -31.45 -38.48
C GLU A 114 42.40 -32.49 -39.32
N ALA A 115 42.77 -33.77 -39.14
CA ALA A 115 42.13 -34.83 -39.91
C ALA A 115 40.67 -35.03 -39.50
N GLU A 116 40.38 -34.86 -38.20
CA GLU A 116 39.01 -34.98 -37.70
C GLU A 116 38.09 -33.95 -38.34
N VAL A 117 38.57 -32.72 -38.48
CA VAL A 117 37.74 -31.69 -39.14
C VAL A 117 37.69 -31.94 -40.65
N ALA A 118 38.76 -32.46 -41.24
CA ALA A 118 38.78 -32.83 -42.66
C ALA A 118 38.04 -34.14 -42.92
N ALA A 119 37.28 -34.60 -41.95
CA ALA A 119 36.47 -35.81 -42.13
C ALA A 119 35.01 -35.58 -41.79
N THR A 120 34.71 -34.78 -40.76
CA THR A 120 33.34 -34.50 -40.35
C THR A 120 32.94 -33.04 -40.43
N GLY A 121 33.90 -32.10 -40.33
CA GLY A 121 33.59 -30.69 -40.22
C GLY A 121 33.69 -30.15 -38.81
N THR A 122 33.98 -31.01 -37.84
CA THR A 122 34.16 -30.65 -36.45
C THR A 122 35.22 -31.61 -35.89
N TYR A 123 35.41 -31.57 -34.57
CA TYR A 123 36.34 -32.51 -33.94
C TYR A 123 35.91 -32.71 -32.49
N GLN A 124 36.47 -33.73 -31.88
CA GLN A 124 36.10 -34.13 -30.53
C GLN A 124 37.20 -33.78 -29.54
N LEU A 125 36.80 -33.24 -28.39
CA LEU A 125 37.74 -32.96 -27.31
C LEU A 125 38.06 -34.23 -26.53
N ARG A 126 39.35 -34.44 -26.24
CA ARG A 126 39.73 -35.42 -25.24
C ARG A 126 39.07 -35.05 -23.92
N GLU A 127 38.79 -36.07 -23.10
CA GLU A 127 38.06 -35.86 -21.85
C GLU A 127 38.77 -34.84 -20.96
N SER A 128 40.10 -34.85 -20.97
CA SER A 128 40.88 -33.94 -20.13
C SER A 128 40.89 -32.52 -20.71
N GLU A 129 41.08 -32.38 -22.03
CA GLU A 129 40.93 -31.07 -22.66
C GLU A 129 39.60 -30.44 -22.31
N LEU A 130 38.54 -31.26 -22.26
CA LEU A 130 37.22 -30.75 -21.89
C LEU A 130 37.20 -30.27 -20.43
N VAL A 131 37.83 -31.02 -19.52
CA VAL A 131 37.91 -30.57 -18.14
C VAL A 131 38.69 -29.27 -18.05
N PHE A 132 39.82 -29.19 -18.76
CA PHE A 132 40.61 -27.97 -18.73
C PHE A 132 39.85 -26.79 -19.33
N GLY A 133 39.06 -27.03 -20.38
CA GLY A 133 38.34 -25.95 -21.03
C GLY A 133 37.19 -25.41 -20.18
N ALA A 134 36.44 -26.31 -19.54
CA ALA A 134 35.41 -25.88 -18.60
C ALA A 134 35.97 -24.98 -17.52
N LYS A 135 37.09 -25.38 -16.91
CA LYS A 135 37.68 -24.58 -15.83
C LYS A 135 38.18 -23.24 -16.33
N GLN A 136 38.84 -23.22 -17.49
CA GLN A 136 39.33 -21.96 -18.04
C GLN A 136 38.18 -21.00 -18.30
N ALA A 137 37.08 -21.50 -18.85
CA ALA A 137 35.95 -20.63 -19.15
C ALA A 137 35.44 -19.94 -17.88
N TRP A 138 35.38 -20.68 -16.77
CA TRP A 138 35.05 -20.05 -15.50
C TRP A 138 36.14 -19.05 -15.10
N ARG A 139 37.40 -19.48 -15.16
CA ARG A 139 38.51 -18.63 -14.77
C ARG A 139 38.56 -17.35 -15.62
N ASN A 140 38.03 -17.40 -16.84
CA ASN A 140 38.07 -16.26 -17.73
C ASN A 140 36.84 -15.37 -17.64
N ALA A 141 35.82 -15.76 -16.92
CA ALA A 141 34.57 -14.98 -16.83
C ALA A 141 34.79 -13.67 -16.08
N PRO A 142 34.71 -12.50 -16.74
CA PRO A 142 35.06 -11.25 -16.03
C PRO A 142 34.11 -10.90 -14.90
N ARG A 143 32.82 -11.21 -15.04
CA ARG A 143 31.84 -10.74 -14.07
C ARG A 143 31.68 -11.65 -12.85
N CYS A 144 32.46 -12.74 -12.74
CA CYS A 144 32.29 -13.71 -11.65
C CYS A 144 33.20 -13.39 -10.48
N VAL A 145 32.62 -13.09 -9.31
CA VAL A 145 33.42 -12.78 -8.12
C VAL A 145 33.89 -14.04 -7.42
N GLY A 146 33.41 -15.21 -7.82
CA GLY A 146 33.73 -16.43 -7.11
C GLY A 146 34.91 -17.19 -7.65
N ARG A 147 35.71 -16.59 -8.53
CA ARG A 147 36.69 -17.35 -9.29
C ARG A 147 37.86 -17.88 -8.45
N ILE A 148 37.98 -17.52 -7.17
CA ILE A 148 39.00 -18.09 -6.30
C ILE A 148 38.90 -19.62 -6.32
N GLN A 149 37.73 -20.14 -6.70
CA GLN A 149 37.41 -21.55 -6.68
C GLN A 149 37.62 -22.24 -8.02
N TRP A 150 38.18 -21.55 -9.01
CA TRP A 150 38.08 -22.01 -10.40
C TRP A 150 38.73 -23.37 -10.61
N GLY A 151 39.78 -23.71 -9.85
CA GLY A 151 40.44 -24.99 -10.06
C GLY A 151 39.69 -26.19 -9.51
N LYS A 152 38.70 -25.96 -8.66
CA LYS A 152 37.89 -27.04 -8.09
C LYS A 152 36.51 -26.95 -8.75
N LEU A 153 36.32 -27.77 -9.78
CA LEU A 153 35.06 -27.80 -10.51
C LEU A 153 34.84 -29.22 -10.99
N GLN A 154 33.71 -29.81 -10.61
CA GLN A 154 33.40 -31.18 -11.02
C GLN A 154 32.77 -31.15 -12.40
N VAL A 155 33.47 -31.68 -13.41
CA VAL A 155 32.99 -31.69 -14.77
C VAL A 155 32.33 -33.03 -15.05
N PHE A 156 31.07 -32.98 -15.50
CA PHE A 156 30.31 -34.18 -15.85
C PHE A 156 30.17 -34.23 -17.36
N ASP A 157 30.73 -35.28 -17.96
CA ASP A 157 30.73 -35.42 -19.42
C ASP A 157 29.43 -36.10 -19.83
N ALA A 158 28.54 -35.33 -20.47
CA ALA A 158 27.26 -35.82 -20.97
C ALA A 158 27.19 -35.78 -22.48
N ARG A 159 28.34 -35.77 -23.16
CA ARG A 159 28.35 -35.66 -24.62
C ARG A 159 27.77 -36.88 -25.32
N ASP A 160 27.59 -37.99 -24.61
CA ASP A 160 26.95 -39.17 -25.17
C ASP A 160 25.45 -39.19 -24.94
N CYS A 161 24.84 -38.02 -24.76
CA CYS A 161 23.42 -37.91 -24.44
C CYS A 161 22.59 -37.75 -25.70
N ARG A 162 21.36 -38.28 -25.64
CA ARG A 162 20.37 -38.10 -26.68
C ARG A 162 18.99 -38.27 -26.04
N SER A 163 18.03 -37.45 -26.48
CA SER A 163 16.69 -37.35 -25.93
C SER A 163 16.63 -36.54 -24.63
N ALA A 164 15.50 -35.84 -24.42
CA ALA A 164 15.33 -35.01 -23.23
C ALA A 164 15.19 -35.83 -21.96
N GLN A 165 14.69 -37.06 -22.06
CA GLN A 165 14.62 -37.91 -20.88
C GLN A 165 16.00 -38.18 -20.32
N GLU A 166 17.01 -38.32 -21.19
CA GLU A 166 18.36 -38.54 -20.71
C GLU A 166 18.99 -37.25 -20.19
N MET A 167 18.71 -36.12 -20.84
CA MET A 167 19.04 -34.82 -20.25
C MET A 167 18.55 -34.77 -18.81
N PHE A 168 17.25 -35.03 -18.61
CA PHE A 168 16.64 -34.92 -17.29
C PHE A 168 17.37 -35.76 -16.25
N THR A 169 17.86 -36.93 -16.64
CA THR A 169 18.59 -37.75 -15.69
C THR A 169 19.98 -37.19 -15.42
N TYR A 170 20.71 -36.79 -16.48
CA TYR A 170 21.97 -36.06 -16.28
C TYR A 170 21.76 -34.86 -15.36
N ILE A 171 20.72 -34.06 -15.62
CA ILE A 171 20.50 -32.85 -14.83
C ILE A 171 20.22 -33.20 -13.37
N CYS A 172 19.40 -34.24 -13.14
CA CYS A 172 19.05 -34.60 -11.77
C CYS A 172 20.26 -35.13 -11.00
N ASN A 173 21.19 -35.79 -11.69
CA ASN A 173 22.39 -36.24 -11.00
C ASN A 173 23.26 -35.06 -10.60
N HIS A 174 23.53 -34.16 -11.55
CA HIS A 174 24.16 -32.87 -11.26
C HIS A 174 23.56 -32.25 -10.00
N ILE A 175 22.25 -32.04 -10.01
CA ILE A 175 21.59 -31.40 -8.88
C ILE A 175 21.88 -32.14 -7.58
N LYS A 176 21.81 -33.47 -7.60
CA LYS A 176 22.03 -34.24 -6.38
C LYS A 176 23.48 -34.14 -5.91
N TYR A 177 24.43 -34.25 -6.84
CA TYR A 177 25.84 -34.13 -6.47
C TYR A 177 26.16 -32.72 -5.99
N ALA A 178 25.68 -31.70 -6.70
CA ALA A 178 26.05 -30.32 -6.38
C ALA A 178 25.37 -29.83 -5.10
N THR A 179 24.17 -30.34 -4.80
CA THR A 179 23.51 -29.96 -3.55
C THR A 179 24.21 -30.60 -2.36
N ASN A 180 24.36 -31.93 -2.37
CA ASN A 180 25.16 -32.63 -1.37
C ASN A 180 24.65 -32.35 0.05
N ARG A 181 23.33 -32.38 0.22
CA ARG A 181 22.68 -32.18 1.52
C ARG A 181 23.06 -30.84 2.15
N GLY A 182 23.31 -29.82 1.32
CA GLY A 182 23.59 -28.48 1.82
C GLY A 182 25.05 -28.12 1.86
N ASN A 183 25.96 -29.07 1.66
CA ASN A 183 27.38 -28.76 1.60
C ASN A 183 27.73 -28.66 0.12
N LEU A 184 27.53 -27.46 -0.44
CA LEU A 184 27.47 -27.31 -1.89
C LEU A 184 28.83 -27.54 -2.53
N ARG A 185 28.82 -28.05 -3.77
CA ARG A 185 30.03 -28.34 -4.54
C ARG A 185 29.84 -27.86 -5.98
N SER A 186 30.88 -27.26 -6.56
CA SER A 186 30.79 -26.71 -7.90
C SER A 186 30.73 -27.82 -8.95
N ALA A 187 30.03 -27.55 -10.05
CA ALA A 187 29.88 -28.60 -11.05
C ALA A 187 29.39 -28.02 -12.36
N ILE A 188 29.70 -28.72 -13.44
CA ILE A 188 29.13 -28.43 -14.75
C ILE A 188 28.89 -29.75 -15.46
N THR A 189 27.82 -29.79 -16.26
CA THR A 189 27.50 -30.96 -17.09
C THR A 189 27.50 -30.50 -18.55
N VAL A 190 28.32 -31.14 -19.37
CA VAL A 190 28.51 -30.72 -20.75
C VAL A 190 27.78 -31.69 -21.67
N PHE A 191 26.76 -31.18 -22.34
CA PHE A 191 25.95 -31.92 -23.30
C PHE A 191 26.56 -31.79 -24.70
N PRO A 192 26.07 -32.56 -25.67
CA PRO A 192 26.74 -32.59 -26.98
C PRO A 192 26.87 -31.22 -27.63
N GLN A 193 28.04 -30.98 -28.22
CA GLN A 193 28.30 -29.75 -28.92
C GLN A 193 27.37 -29.57 -30.12
N ARG A 194 27.23 -28.32 -30.53
CA ARG A 194 26.63 -28.02 -31.82
C ARG A 194 27.46 -28.65 -32.93
N CYS A 195 26.78 -29.04 -34.00
CA CYS A 195 27.46 -29.55 -35.19
C CYS A 195 26.60 -29.20 -36.40
N PRO A 196 27.20 -29.16 -37.59
CA PRO A 196 26.44 -28.74 -38.78
C PRO A 196 25.30 -29.70 -39.12
N GLY A 197 24.27 -29.15 -39.75
CA GLY A 197 23.15 -29.93 -40.24
C GLY A 197 22.21 -30.48 -39.18
N ARG A 198 22.66 -30.54 -37.93
CA ARG A 198 21.88 -31.09 -36.83
C ARG A 198 21.44 -29.97 -35.89
N GLY A 199 20.34 -30.19 -35.18
CA GLY A 199 19.87 -29.23 -34.21
C GLY A 199 20.79 -29.01 -33.03
N ASP A 200 20.22 -28.67 -31.88
CA ASP A 200 20.99 -28.30 -30.70
C ASP A 200 20.34 -28.86 -29.45
N PHE A 201 21.17 -29.06 -28.43
CA PHE A 201 20.68 -29.31 -27.08
C PHE A 201 20.54 -27.97 -26.38
N ARG A 202 19.33 -27.68 -25.90
CA ARG A 202 19.06 -26.43 -25.23
C ARG A 202 18.25 -26.68 -23.97
N ILE A 203 18.58 -25.95 -22.90
CA ILE A 203 17.75 -25.88 -21.71
C ILE A 203 17.03 -24.54 -21.76
N TRP A 204 15.71 -24.58 -21.92
CA TRP A 204 14.95 -23.35 -22.09
C TRP A 204 14.94 -22.49 -20.83
N ASN A 205 15.04 -23.11 -19.66
CA ASN A 205 15.05 -22.33 -18.43
C ASN A 205 16.40 -21.65 -18.24
N SER A 206 16.36 -20.40 -17.75
CA SER A 206 17.60 -19.66 -17.52
C SER A 206 18.38 -20.25 -16.35
N GLN A 207 17.69 -20.80 -15.36
CA GLN A 207 18.31 -21.54 -14.27
C GLN A 207 17.57 -22.85 -14.05
N LEU A 208 18.26 -23.80 -13.44
CA LEU A 208 17.64 -25.08 -13.12
C LEU A 208 16.50 -24.91 -12.12
N VAL A 209 16.67 -24.05 -11.12
CA VAL A 209 15.63 -23.74 -10.14
C VAL A 209 15.18 -22.31 -10.33
N ARG A 210 13.88 -22.13 -10.57
CA ARG A 210 13.27 -20.81 -10.73
C ARG A 210 11.87 -20.84 -10.15
N TYR A 211 11.46 -19.73 -9.51
CA TYR A 211 10.11 -19.59 -9.00
C TYR A 211 9.20 -18.96 -10.05
N ALA A 212 7.96 -19.44 -10.14
CA ALA A 212 7.02 -18.98 -11.15
C ALA A 212 6.61 -17.52 -10.93
N GLY A 213 6.11 -16.91 -12.00
CA GLY A 213 5.59 -15.56 -11.96
C GLY A 213 4.34 -15.44 -12.81
N TYR A 214 3.20 -15.16 -12.16
CA TYR A 214 1.89 -15.11 -12.80
C TYR A 214 1.34 -13.68 -12.77
N ARG A 215 0.57 -13.32 -13.80
CA ARG A 215 -0.02 -11.99 -13.92
C ARG A 215 -1.51 -12.03 -13.60
N GLN A 216 -2.10 -10.84 -13.45
CA GLN A 216 -3.53 -10.66 -13.20
C GLN A 216 -4.04 -9.47 -13.99
N GLN A 217 -5.34 -9.19 -13.84
CA GLN A 217 -5.97 -8.08 -14.55
C GLN A 217 -5.81 -6.75 -13.83
N ASP A 218 -5.01 -6.69 -12.77
CA ASP A 218 -4.41 -5.45 -12.29
C ASP A 218 -2.95 -5.36 -12.69
N GLY A 219 -2.52 -6.15 -13.67
CA GLY A 219 -1.19 -6.07 -14.24
C GLY A 219 -0.09 -6.73 -13.42
N SER A 220 -0.20 -6.68 -12.10
CA SER A 220 0.90 -7.06 -11.22
C SER A 220 1.23 -8.54 -11.37
N VAL A 221 2.38 -8.92 -10.80
CA VAL A 221 2.91 -10.27 -10.86
C VAL A 221 2.92 -10.85 -9.45
N ARG A 222 2.52 -12.11 -9.34
CA ARG A 222 2.62 -12.89 -8.11
C ARG A 222 3.68 -13.96 -8.33
N GLY A 223 4.69 -13.98 -7.46
CA GLY A 223 5.89 -14.77 -7.71
C GLY A 223 7.03 -13.94 -8.25
N ASP A 224 7.89 -14.54 -9.06
CA ASP A 224 9.08 -13.86 -9.54
C ASP A 224 8.78 -13.14 -10.85
N PRO A 225 8.74 -11.80 -10.88
CA PRO A 225 8.47 -11.10 -12.15
C PRO A 225 9.47 -11.41 -13.24
N ALA A 226 10.71 -11.80 -12.88
CA ALA A 226 11.70 -12.15 -13.89
C ALA A 226 11.30 -13.36 -14.72
N ASN A 227 10.39 -14.18 -14.23
CA ASN A 227 10.09 -15.47 -14.85
C ASN A 227 8.68 -15.53 -15.42
N VAL A 228 8.12 -14.37 -15.81
CA VAL A 228 6.79 -14.36 -16.37
C VAL A 228 6.75 -15.07 -17.71
N GLU A 229 7.81 -14.90 -18.52
CA GLU A 229 7.78 -15.46 -19.87
C GLU A 229 8.04 -16.96 -19.87
N ILE A 230 9.06 -17.41 -19.14
CA ILE A 230 9.31 -18.84 -19.06
C ILE A 230 8.11 -19.54 -18.44
N THR A 231 7.40 -18.88 -17.51
CA THR A 231 6.30 -19.53 -16.82
C THR A 231 5.11 -19.78 -17.75
N GLU A 232 4.83 -18.83 -18.64
CA GLU A 232 3.71 -19.06 -19.56
C GLU A 232 4.07 -20.07 -20.65
N LEU A 233 5.36 -20.20 -20.95
CA LEU A 233 5.80 -21.29 -21.82
C LEU A 233 5.54 -22.64 -21.17
N CYS A 234 5.83 -22.77 -19.87
CA CYS A 234 5.59 -24.02 -19.18
C CYS A 234 4.11 -24.36 -19.16
N ILE A 235 3.25 -23.38 -18.87
CA ILE A 235 1.82 -23.59 -19.00
C ILE A 235 1.48 -23.92 -20.45
N GLN A 236 2.11 -23.23 -21.40
CA GLN A 236 1.81 -23.45 -22.81
C GLN A 236 2.18 -24.85 -23.29
N HIS A 237 3.13 -25.51 -22.63
CA HIS A 237 3.57 -26.84 -23.04
C HIS A 237 3.05 -27.94 -22.12
N GLY A 238 2.15 -27.62 -21.20
CA GLY A 238 1.48 -28.66 -20.47
C GLY A 238 1.45 -28.49 -18.95
N TRP A 239 2.30 -27.63 -18.41
CA TRP A 239 2.39 -27.52 -16.97
C TRP A 239 1.11 -26.92 -16.40
N THR A 240 0.62 -27.54 -15.34
CA THR A 240 -0.54 -27.02 -14.61
C THR A 240 -0.07 -26.05 -13.54
N PRO A 241 -0.41 -24.77 -13.63
CA PRO A 241 0.27 -23.77 -12.80
C PRO A 241 -0.19 -23.79 -11.35
N GLY A 242 0.77 -23.62 -10.45
CA GLY A 242 0.44 -23.33 -9.07
C GLY A 242 -0.11 -21.92 -8.95
N ASN A 243 -0.18 -21.46 -7.69
CA ASN A 243 -0.68 -20.11 -7.45
C ASN A 243 0.06 -19.41 -6.31
N GLY A 244 1.28 -19.87 -5.98
CA GLY A 244 2.03 -19.33 -4.88
C GLY A 244 3.15 -18.40 -5.34
N ARG A 245 3.75 -17.72 -4.36
CA ARG A 245 4.87 -16.82 -4.59
C ARG A 245 6.19 -17.55 -4.81
N PHE A 246 6.27 -18.84 -4.48
CA PHE A 246 7.52 -19.58 -4.64
C PHE A 246 7.22 -20.97 -5.22
N ASP A 247 6.52 -21.02 -6.33
CA ASP A 247 6.26 -22.27 -7.05
C ASP A 247 7.46 -22.59 -7.95
N VAL A 248 8.17 -23.67 -7.64
CA VAL A 248 9.33 -24.09 -8.41
C VAL A 248 8.88 -24.56 -9.79
N LEU A 249 9.44 -23.95 -10.83
CA LEU A 249 9.03 -24.23 -12.20
C LEU A 249 9.51 -25.61 -12.63
N PRO A 250 8.81 -26.22 -13.59
CA PRO A 250 9.34 -27.42 -14.25
C PRO A 250 10.44 -27.04 -15.22
N LEU A 251 11.11 -28.07 -15.74
CA LEU A 251 12.18 -27.89 -16.71
C LEU A 251 11.62 -28.10 -18.11
N LEU A 252 11.95 -27.18 -19.02
CA LEU A 252 11.64 -27.32 -20.44
C LEU A 252 12.93 -27.67 -21.15
N LEU A 253 13.11 -28.96 -21.43
CA LEU A 253 14.33 -29.51 -22.01
C LEU A 253 14.10 -29.83 -23.48
N GLN A 254 15.09 -29.55 -24.31
CA GLN A 254 14.96 -29.64 -25.76
C GLN A 254 16.14 -30.42 -26.32
N ALA A 255 15.86 -31.58 -26.90
CA ALA A 255 16.82 -32.38 -27.65
C ALA A 255 16.81 -31.94 -29.12
N PRO A 256 17.86 -32.27 -29.88
CA PRO A 256 17.92 -31.80 -31.27
C PRO A 256 16.70 -32.15 -32.11
N ASP A 257 16.09 -31.13 -32.70
CA ASP A 257 15.07 -31.26 -33.74
C ASP A 257 13.79 -31.89 -33.24
N GLU A 258 13.49 -31.72 -31.96
CA GLU A 258 12.18 -32.05 -31.42
C GLU A 258 11.72 -30.89 -30.53
N PRO A 259 10.41 -30.68 -30.43
CA PRO A 259 9.88 -29.74 -29.44
C PRO A 259 10.41 -30.05 -28.04
N PRO A 260 10.45 -29.06 -27.16
CA PRO A 260 10.91 -29.32 -25.79
C PRO A 260 9.91 -30.18 -25.02
N GLU A 261 10.38 -30.75 -23.91
CA GLU A 261 9.55 -31.61 -23.07
C GLU A 261 9.47 -31.07 -21.66
N LEU A 262 8.27 -31.14 -21.08
CA LEU A 262 8.05 -30.80 -19.69
C LEU A 262 8.64 -31.87 -18.77
N PHE A 263 9.30 -31.44 -17.71
CA PHE A 263 9.81 -32.35 -16.68
C PHE A 263 9.66 -31.70 -15.31
N LEU A 264 9.09 -32.44 -14.36
CA LEU A 264 8.94 -31.97 -12.99
C LEU A 264 10.13 -32.42 -12.16
N LEU A 265 10.70 -31.49 -11.41
CA LEU A 265 11.78 -31.84 -10.48
C LEU A 265 11.18 -32.46 -9.22
N PRO A 266 11.70 -33.59 -8.75
CA PRO A 266 11.22 -34.15 -7.47
C PRO A 266 11.42 -33.14 -6.35
N PRO A 267 10.39 -32.93 -5.53
CA PRO A 267 10.51 -31.91 -4.46
C PRO A 267 11.66 -32.16 -3.50
N GLU A 268 11.90 -33.43 -3.14
CA GLU A 268 13.02 -33.76 -2.27
C GLU A 268 14.37 -33.48 -2.92
N LEU A 269 14.38 -33.17 -4.21
CA LEU A 269 15.63 -32.89 -4.90
C LEU A 269 16.02 -31.43 -4.83
N VAL A 270 15.05 -30.52 -4.70
CA VAL A 270 15.31 -29.08 -4.71
C VAL A 270 15.37 -28.59 -3.26
N LEU A 271 16.57 -28.28 -2.78
CA LEU A 271 16.77 -27.86 -1.41
C LEU A 271 16.42 -26.39 -1.25
N GLU A 272 15.53 -26.08 -0.30
CA GLU A 272 15.08 -24.70 -0.09
C GLU A 272 15.32 -24.26 1.34
N VAL A 273 15.59 -22.98 1.52
CA VAL A 273 15.88 -22.40 2.82
C VAL A 273 14.77 -21.41 3.17
N PRO A 274 13.91 -21.72 4.12
CA PRO A 274 12.93 -20.74 4.59
C PRO A 274 13.63 -19.66 5.39
N LEU A 275 13.25 -18.42 5.14
CA LEU A 275 13.98 -17.28 5.67
C LEU A 275 13.36 -16.82 6.99
N GLU A 276 14.21 -16.70 8.01
CA GLU A 276 13.88 -16.07 9.27
C GLU A 276 15.05 -15.18 9.66
N HIS A 277 14.86 -14.40 10.73
CA HIS A 277 15.81 -13.41 11.20
C HIS A 277 16.22 -13.73 12.63
N PRO A 278 17.49 -13.51 12.98
CA PRO A 278 17.94 -13.88 14.34
C PRO A 278 17.21 -13.17 15.47
N THR A 279 16.69 -11.95 15.26
CA THR A 279 16.06 -11.20 16.34
C THR A 279 14.70 -10.59 16.01
N LEU A 280 14.28 -10.58 14.74
CA LEU A 280 12.98 -10.05 14.34
C LEU A 280 12.07 -11.25 14.14
N GLU A 281 11.28 -11.57 15.19
CA GLU A 281 10.53 -12.83 15.22
C GLU A 281 9.45 -12.87 14.15
N TRP A 282 8.94 -11.70 13.73
CA TRP A 282 7.93 -11.61 12.68
C TRP A 282 8.48 -11.87 11.29
N PHE A 283 9.80 -11.89 11.09
CA PHE A 283 10.34 -12.06 9.74
C PHE A 283 9.95 -13.41 9.17
N ALA A 284 10.07 -14.47 9.97
CA ALA A 284 9.61 -15.79 9.55
C ALA A 284 8.20 -15.75 8.98
N ALA A 285 7.30 -14.97 9.61
CA ALA A 285 5.90 -15.02 9.24
C ALA A 285 5.64 -14.43 7.85
N LEU A 286 6.56 -13.61 7.33
CA LEU A 286 6.43 -13.10 5.98
C LEU A 286 6.48 -14.20 4.92
N GLY A 287 6.90 -15.42 5.29
CA GLY A 287 6.82 -16.54 4.37
C GLY A 287 7.85 -16.53 3.27
N LEU A 288 8.92 -15.75 3.40
CA LEU A 288 9.95 -15.73 2.38
C LEU A 288 10.77 -17.02 2.39
N ARG A 289 11.26 -17.39 1.22
CA ARG A 289 12.17 -18.51 1.10
C ARG A 289 13.04 -18.30 -0.13
N TRP A 290 14.13 -19.07 -0.21
CA TRP A 290 14.90 -19.19 -1.44
C TRP A 290 15.50 -20.59 -1.51
N TYR A 291 16.09 -20.91 -2.65
CA TYR A 291 16.63 -22.25 -2.89
C TYR A 291 18.15 -22.25 -2.72
N ALA A 292 18.68 -23.46 -2.61
CA ALA A 292 20.07 -23.71 -2.25
C ALA A 292 21.04 -23.48 -3.40
N LEU A 293 20.71 -23.96 -4.60
CA LEU A 293 21.68 -24.17 -5.66
C LEU A 293 21.53 -23.12 -6.75
N PRO A 294 22.49 -22.20 -6.92
CA PRO A 294 22.48 -21.33 -8.10
C PRO A 294 23.06 -22.10 -9.27
N ALA A 295 22.24 -22.36 -10.29
CA ALA A 295 22.62 -23.27 -11.36
C ALA A 295 22.16 -22.68 -12.68
N VAL A 296 23.11 -22.12 -13.43
CA VAL A 296 22.83 -21.37 -14.65
C VAL A 296 22.78 -22.33 -15.83
N SER A 297 21.68 -22.31 -16.58
CA SER A 297 21.40 -23.37 -17.55
C SER A 297 21.15 -22.88 -18.96
N ASN A 298 21.40 -21.60 -19.27
CA ASN A 298 21.07 -21.07 -20.58
C ASN A 298 22.24 -20.35 -21.26
N MET A 299 23.46 -20.54 -20.77
CA MET A 299 24.64 -19.94 -21.39
C MET A 299 25.37 -20.97 -22.24
N LEU A 300 26.13 -20.46 -23.20
CA LEU A 300 26.83 -21.28 -24.17
C LEU A 300 28.31 -21.34 -23.82
N LEU A 301 28.86 -22.55 -23.81
CA LEU A 301 30.27 -22.76 -23.49
C LEU A 301 31.04 -22.98 -24.78
N GLU A 302 32.15 -22.25 -24.94
CA GLU A 302 32.95 -22.26 -26.15
C GLU A 302 34.35 -22.75 -25.80
N ILE A 303 34.81 -23.80 -26.49
CA ILE A 303 36.14 -24.37 -26.23
C ILE A 303 36.82 -24.66 -27.57
N GLY A 304 37.91 -23.95 -27.84
CA GLY A 304 38.72 -24.19 -29.00
C GLY A 304 37.92 -24.23 -30.29
N GLY A 305 37.08 -23.22 -30.48
CA GLY A 305 36.23 -23.16 -31.65
C GLY A 305 35.00 -24.03 -31.59
N LEU A 306 34.84 -24.85 -30.57
CA LEU A 306 33.64 -25.67 -30.39
C LEU A 306 32.68 -24.95 -29.44
N GLU A 307 31.39 -25.25 -29.59
CA GLU A 307 30.33 -24.54 -28.91
C GLU A 307 29.34 -25.53 -28.30
N PHE A 308 29.02 -25.36 -27.03
CA PHE A 308 28.10 -26.23 -26.30
C PHE A 308 26.93 -25.41 -25.78
N PRO A 309 25.76 -25.48 -26.42
CA PRO A 309 24.65 -24.61 -26.04
C PRO A 309 23.91 -25.08 -24.80
N ALA A 310 24.20 -26.29 -24.34
CA ALA A 310 23.66 -26.82 -23.10
C ALA A 310 24.85 -27.31 -22.29
N ALA A 311 25.18 -26.59 -21.22
CA ALA A 311 26.29 -26.93 -20.35
C ALA A 311 26.06 -26.27 -18.99
N PRO A 312 25.03 -26.69 -18.26
CA PRO A 312 24.67 -25.96 -17.04
C PRO A 312 25.72 -26.12 -15.96
N PHE A 313 25.97 -25.04 -15.23
CA PHE A 313 26.96 -25.02 -14.16
C PHE A 313 26.35 -24.43 -12.90
N SER A 314 26.92 -24.80 -11.76
CA SER A 314 26.40 -24.33 -10.48
C SER A 314 27.54 -24.15 -9.50
N GLY A 315 27.33 -23.22 -8.57
CA GLY A 315 28.24 -23.02 -7.46
C GLY A 315 27.47 -22.96 -6.15
N TRP A 316 27.71 -21.92 -5.36
CA TRP A 316 26.88 -21.60 -4.21
C TRP A 316 26.63 -20.09 -4.22
N TYR A 317 25.66 -19.64 -3.44
CA TYR A 317 25.27 -18.22 -3.52
C TYR A 317 26.15 -17.31 -2.69
N MET A 318 26.33 -16.09 -3.18
CA MET A 318 26.72 -14.98 -2.33
C MET A 318 25.46 -14.34 -1.79
N SER A 319 25.49 -13.91 -0.53
CA SER A 319 24.23 -13.56 0.12
C SER A 319 23.54 -12.35 -0.53
N THR A 320 24.30 -11.42 -1.15
CA THR A 320 23.63 -10.25 -1.74
C THR A 320 22.84 -10.59 -2.99
N GLU A 321 23.15 -11.69 -3.69
CA GLU A 321 22.37 -12.09 -4.84
C GLU A 321 20.94 -12.36 -4.44
N ILE A 322 20.76 -13.08 -3.33
CA ILE A 322 19.43 -13.38 -2.82
C ILE A 322 18.82 -12.17 -2.12
N GLY A 323 19.52 -11.66 -1.09
CA GLY A 323 18.90 -10.70 -0.19
C GLY A 323 18.79 -9.29 -0.74
N THR A 324 19.68 -8.90 -1.64
CA THR A 324 19.61 -7.57 -2.26
C THR A 324 18.95 -7.61 -3.63
N ARG A 325 19.48 -8.43 -4.54
CA ARG A 325 18.96 -8.35 -5.90
C ARG A 325 17.65 -9.12 -6.06
N ASN A 326 17.59 -10.38 -5.60
CA ASN A 326 16.38 -11.14 -5.89
C ASN A 326 15.20 -10.64 -5.05
N LEU A 327 15.44 -10.29 -3.79
CA LEU A 327 14.30 -9.94 -2.95
C LEU A 327 14.00 -8.45 -2.97
N CYS A 328 14.99 -7.60 -3.24
CA CYS A 328 14.80 -6.17 -3.08
C CYS A 328 14.82 -5.36 -4.36
N ASP A 329 15.13 -5.95 -5.52
CA ASP A 329 15.05 -5.16 -6.74
C ASP A 329 13.60 -4.72 -6.96
N PRO A 330 13.37 -3.54 -7.52
CA PRO A 330 11.98 -3.10 -7.74
C PRO A 330 11.26 -3.91 -8.81
N HIS A 331 11.98 -4.59 -9.69
CA HIS A 331 11.37 -5.45 -10.67
C HIS A 331 11.49 -6.93 -10.31
N ARG A 332 11.94 -7.26 -9.08
CA ARG A 332 11.90 -8.64 -8.58
C ARG A 332 10.84 -8.75 -7.48
N TYR A 333 11.12 -9.43 -6.37
CA TYR A 333 10.09 -9.55 -5.33
C TYR A 333 9.80 -8.21 -4.66
N ASN A 334 10.74 -7.26 -4.65
CA ASN A 334 10.44 -5.88 -4.24
C ASN A 334 9.84 -5.82 -2.83
N ILE A 335 10.48 -6.51 -1.87
CA ILE A 335 9.93 -6.65 -0.51
C ILE A 335 10.41 -5.57 0.45
N LEU A 336 11.26 -4.63 -0.01
CA LEU A 336 11.91 -3.71 0.92
C LEU A 336 10.89 -2.91 1.75
N GLU A 337 9.81 -2.44 1.12
CA GLU A 337 8.90 -1.60 1.89
C GLU A 337 8.09 -2.43 2.89
N ASP A 338 7.75 -3.67 2.52
CA ASP A 338 7.10 -4.58 3.46
C ASP A 338 7.93 -4.74 4.72
N VAL A 339 9.21 -5.08 4.55
CA VAL A 339 10.12 -5.25 5.68
C VAL A 339 10.26 -3.95 6.47
N ALA A 340 10.41 -2.82 5.77
CA ALA A 340 10.56 -1.54 6.46
C ALA A 340 9.35 -1.23 7.34
N VAL A 341 8.14 -1.47 6.81
CA VAL A 341 6.92 -1.25 7.59
C VAL A 341 6.90 -2.13 8.84
N CYS A 342 7.40 -3.36 8.73
CA CYS A 342 7.44 -4.25 9.90
C CYS A 342 8.48 -3.79 10.91
N MET A 343 9.54 -3.13 10.48
CA MET A 343 10.52 -2.62 11.41
C MET A 343 10.12 -1.26 11.97
N ASP A 344 8.92 -0.78 11.64
CA ASP A 344 8.46 0.52 12.08
C ASP A 344 9.44 1.63 11.70
N LEU A 345 9.96 1.57 10.47
CA LEU A 345 10.84 2.63 10.00
C LEU A 345 10.01 3.79 9.42
N ASP A 346 10.64 4.95 9.31
CA ASP A 346 9.99 6.14 8.76
C ASP A 346 10.14 6.15 7.25
N THR A 347 9.12 5.67 6.55
CA THR A 347 9.20 5.46 5.11
C THR A 347 8.78 6.67 4.28
N ARG A 348 8.46 7.80 4.90
CA ARG A 348 7.99 8.94 4.14
C ARG A 348 9.06 10.01 3.91
N THR A 349 10.28 9.77 4.36
CA THR A 349 11.41 10.64 4.06
C THR A 349 12.60 9.78 3.65
N THR A 350 13.23 10.10 2.51
CA THR A 350 14.36 9.29 2.08
C THR A 350 15.51 9.35 3.08
N SER A 351 15.66 10.47 3.78
CA SER A 351 16.88 10.71 4.54
C SER A 351 16.92 9.96 5.86
N SER A 352 15.87 9.22 6.20
CA SER A 352 15.99 8.30 7.33
C SER A 352 16.72 7.02 6.95
N LEU A 353 17.05 6.84 5.67
CA LEU A 353 17.77 5.65 5.20
C LEU A 353 17.02 4.37 5.56
N TRP A 354 15.69 4.42 5.52
CA TRP A 354 14.90 3.23 5.81
C TRP A 354 15.14 2.12 4.80
N LYS A 355 15.40 2.47 3.54
CA LYS A 355 15.71 1.44 2.54
C LYS A 355 17.00 0.73 2.88
N ASP A 356 18.01 1.50 3.33
CA ASP A 356 19.27 0.90 3.70
C ASP A 356 19.13 0.03 4.94
N LYS A 357 18.39 0.49 5.95
CA LYS A 357 18.26 -0.31 7.17
C LYS A 357 17.52 -1.61 6.90
N ALA A 358 16.45 -1.54 6.10
CA ALA A 358 15.69 -2.73 5.77
C ALA A 358 16.51 -3.70 4.93
N ALA A 359 17.29 -3.19 3.97
CA ALA A 359 18.10 -4.06 3.14
C ALA A 359 19.13 -4.82 3.97
N VAL A 360 19.77 -4.15 4.94
CA VAL A 360 20.77 -4.86 5.75
C VAL A 360 20.11 -6.00 6.51
N GLU A 361 18.98 -5.73 7.16
CA GLU A 361 18.36 -6.79 7.95
C GLU A 361 17.91 -7.97 7.10
N ILE A 362 17.47 -7.73 5.86
CA ILE A 362 17.12 -8.83 4.95
C ILE A 362 18.36 -9.66 4.63
N ASN A 363 19.48 -9.00 4.34
CA ASN A 363 20.71 -9.75 4.12
C ASN A 363 21.14 -10.51 5.36
N VAL A 364 20.93 -9.93 6.55
CA VAL A 364 21.24 -10.64 7.80
C VAL A 364 20.34 -11.88 7.93
N ALA A 365 19.06 -11.74 7.62
CA ALA A 365 18.16 -12.89 7.62
C ALA A 365 18.65 -13.98 6.66
N VAL A 366 19.08 -13.59 5.45
CA VAL A 366 19.53 -14.58 4.47
C VAL A 366 20.71 -15.36 5.00
N LEU A 367 21.72 -14.64 5.51
CA LEU A 367 22.91 -15.31 6.04
C LEU A 367 22.54 -16.21 7.22
N HIS A 368 21.77 -15.69 8.18
CA HIS A 368 21.44 -16.49 9.35
C HIS A 368 20.66 -17.73 8.97
N SER A 369 19.74 -17.60 8.01
CA SER A 369 18.86 -18.73 7.64
C SER A 369 19.61 -19.81 6.87
N TYR A 370 20.55 -19.43 6.01
CA TYR A 370 21.32 -20.44 5.29
C TYR A 370 22.26 -21.19 6.24
N GLN A 371 22.91 -20.47 7.16
CA GLN A 371 23.80 -21.10 8.13
C GLN A 371 23.02 -22.05 9.04
N LEU A 372 21.86 -21.60 9.52
CA LEU A 372 21.03 -22.42 10.38
C LEU A 372 20.64 -23.72 9.69
N ALA A 373 20.38 -23.67 8.38
CA ALA A 373 20.04 -24.86 7.62
C ALA A 373 21.26 -25.57 7.07
N LYS A 374 22.46 -25.12 7.42
CA LYS A 374 23.70 -25.79 7.01
C LYS A 374 23.84 -25.84 5.49
N VAL A 375 23.37 -24.80 4.82
CA VAL A 375 23.53 -24.65 3.38
C VAL A 375 24.64 -23.65 3.13
N THR A 376 25.54 -23.99 2.20
CA THR A 376 26.69 -23.13 1.93
C THR A 376 26.24 -21.78 1.41
N ILE A 377 26.79 -20.72 2.00
CA ILE A 377 26.55 -19.36 1.56
C ILE A 377 27.79 -18.56 1.92
N VAL A 378 27.99 -17.44 1.23
CA VAL A 378 29.13 -16.58 1.52
C VAL A 378 28.66 -15.13 1.46
N ASP A 379 29.09 -14.32 2.43
CA ASP A 379 28.65 -12.94 2.47
C ASP A 379 29.55 -12.11 1.53
N HIS A 380 29.08 -10.91 1.21
CA HIS A 380 29.82 -10.11 0.22
C HIS A 380 31.20 -9.67 0.74
N HIS A 381 31.39 -9.54 2.05
CA HIS A 381 32.72 -9.19 2.55
C HIS A 381 33.69 -10.34 2.37
N ALA A 382 33.31 -11.55 2.83
CA ALA A 382 34.16 -12.70 2.62
C ALA A 382 34.46 -12.90 1.14
N ALA A 383 33.43 -12.73 0.29
CA ALA A 383 33.59 -13.04 -1.13
C ALA A 383 34.56 -12.07 -1.80
N THR A 384 34.35 -10.77 -1.58
CA THR A 384 35.23 -9.80 -2.22
C THR A 384 36.65 -9.88 -1.69
N ALA A 385 36.82 -10.29 -0.42
CA ALA A 385 38.18 -10.49 0.06
C ALA A 385 38.86 -11.66 -0.65
N SER A 386 38.08 -12.70 -0.98
CA SER A 386 38.65 -13.83 -1.70
CA SER A 386 38.63 -13.84 -1.71
C SER A 386 39.00 -13.45 -3.14
N PHE A 387 38.19 -12.61 -3.78
CA PHE A 387 38.51 -12.19 -5.15
C PHE A 387 39.80 -11.38 -5.18
N MET A 388 40.02 -10.55 -4.18
CA MET A 388 41.30 -9.83 -4.12
C MET A 388 42.46 -10.81 -4.10
N LYS A 389 42.35 -11.88 -3.31
CA LYS A 389 43.35 -12.95 -3.33
C LYS A 389 43.44 -13.61 -4.70
N HIS A 390 42.30 -13.81 -5.37
CA HIS A 390 42.32 -14.36 -6.72
C HIS A 390 43.08 -13.44 -7.68
N LEU A 391 42.87 -12.12 -7.58
CA LEU A 391 43.57 -11.17 -8.46
C LEU A 391 45.07 -11.27 -8.27
N GLU A 392 45.52 -11.39 -7.01
CA GLU A 392 46.94 -11.50 -6.73
C GLU A 392 47.52 -12.80 -7.28
N ASN A 393 46.84 -13.92 -7.05
CA ASN A 393 47.27 -15.20 -7.64
C ASN A 393 47.32 -15.12 -9.16
N GLU A 394 46.31 -14.51 -9.77
CA GLU A 394 46.26 -14.46 -11.23
C GLU A 394 47.34 -13.54 -11.78
N GLN A 395 47.62 -12.43 -11.09
CA GLN A 395 48.71 -11.58 -11.52
C GLN A 395 49.99 -12.40 -11.67
N LYS A 396 50.30 -13.23 -10.68
CA LYS A 396 51.51 -14.03 -10.74
C LYS A 396 51.38 -15.17 -11.75
N ALA A 397 50.20 -15.80 -11.81
CA ALA A 397 50.03 -16.96 -12.68
C ALA A 397 50.09 -16.57 -14.16
N ARG A 398 49.42 -15.48 -14.56
CA ARG A 398 49.48 -15.11 -15.97
C ARG A 398 49.46 -13.60 -16.24
N GLY A 399 49.85 -12.76 -15.30
CA GLY A 399 50.08 -11.36 -15.58
C GLY A 399 48.87 -10.46 -15.57
N GLY A 400 47.72 -10.94 -15.11
CA GLY A 400 46.52 -10.13 -15.09
C GLY A 400 45.29 -10.98 -14.87
N CYS A 401 44.14 -10.33 -14.98
CA CYS A 401 42.87 -11.02 -14.76
C CYS A 401 41.72 -10.18 -15.32
N PRO A 402 40.98 -10.68 -16.30
CA PRO A 402 39.84 -9.91 -16.82
C PRO A 402 38.75 -9.80 -15.74
N ALA A 403 38.37 -8.57 -15.44
CA ALA A 403 37.43 -8.33 -14.35
C ALA A 403 36.51 -7.17 -14.72
N ASP A 404 35.24 -7.33 -14.44
CA ASP A 404 34.21 -6.35 -14.78
C ASP A 404 33.80 -5.65 -13.49
N TRP A 405 34.32 -4.43 -13.29
CA TRP A 405 34.22 -3.75 -12.01
C TRP A 405 32.78 -3.63 -11.54
N ALA A 406 31.85 -3.33 -12.45
CA ALA A 406 30.47 -3.05 -12.06
C ALA A 406 29.76 -4.31 -11.55
N TRP A 407 30.24 -5.48 -11.94
CA TRP A 407 29.67 -6.76 -11.52
C TRP A 407 30.42 -7.36 -10.34
N ILE A 408 31.70 -7.01 -10.17
CA ILE A 408 32.47 -7.50 -9.04
C ILE A 408 32.07 -6.79 -7.74
N VAL A 409 31.91 -5.46 -7.78
CA VAL A 409 31.50 -4.70 -6.59
C VAL A 409 30.07 -5.08 -6.17
N PRO A 410 29.85 -5.45 -4.91
CA PRO A 410 28.50 -5.89 -4.44
C PRO A 410 27.46 -4.79 -4.56
N PRO A 411 26.17 -5.15 -4.61
CA PRO A 411 25.11 -4.14 -4.74
C PRO A 411 24.69 -3.45 -3.44
N ILE A 412 25.27 -3.79 -2.31
CA ILE A 412 25.17 -3.01 -1.09
C ILE A 412 26.57 -2.87 -0.53
N SER A 413 26.80 -1.75 0.18
CA SER A 413 28.06 -1.52 0.90
C SER A 413 29.28 -1.58 -0.02
N GLY A 414 29.13 -1.06 -1.24
CA GLY A 414 30.16 -1.20 -2.27
C GLY A 414 31.55 -0.85 -1.78
N SER A 415 31.70 0.39 -1.29
CA SER A 415 33.00 0.91 -0.87
C SER A 415 33.44 0.35 0.46
N LEU A 416 32.62 -0.46 1.12
CA LEU A 416 33.04 -1.17 2.32
C LEU A 416 33.81 -2.45 1.99
N THR A 417 33.87 -2.83 0.72
CA THR A 417 34.62 -3.99 0.24
C THR A 417 35.87 -3.57 -0.52
N PRO A 418 36.94 -4.38 -0.49
CA PRO A 418 38.21 -3.93 -1.08
C PRO A 418 38.18 -3.83 -2.59
N VAL A 419 37.26 -4.52 -3.26
CA VAL A 419 37.22 -4.48 -4.71
C VAL A 419 36.80 -3.11 -5.22
N PHE A 420 36.01 -2.36 -4.43
CA PHE A 420 35.61 -1.02 -4.85
C PHE A 420 36.82 -0.17 -5.16
N HIS A 421 37.88 -0.31 -4.37
CA HIS A 421 39.09 0.50 -4.48
C HIS A 421 40.10 -0.08 -5.44
N GLN A 422 39.75 -1.14 -6.17
CA GLN A 422 40.66 -1.84 -7.08
C GLN A 422 40.30 -1.51 -8.52
N GLU A 423 41.23 -0.90 -9.26
CA GLU A 423 40.99 -0.70 -10.68
C GLU A 423 41.03 -2.05 -11.39
N MET A 424 40.22 -2.20 -12.43
CA MET A 424 40.18 -3.46 -13.16
C MET A 424 40.21 -3.25 -14.66
N VAL A 425 40.61 -4.29 -15.38
CA VAL A 425 40.66 -4.32 -16.84
C VAL A 425 39.75 -5.43 -17.33
N ASN A 426 38.81 -5.09 -18.22
CA ASN A 426 37.83 -6.04 -18.72
C ASN A 426 38.13 -6.37 -20.17
N TYR A 427 38.25 -7.67 -20.47
CA TYR A 427 38.48 -8.16 -21.83
C TYR A 427 38.04 -9.61 -21.93
N PHE A 428 37.95 -10.11 -23.17
CA PHE A 428 37.43 -11.45 -23.45
C PHE A 428 38.58 -12.40 -23.77
N LEU A 429 38.72 -13.43 -22.96
CA LEU A 429 39.59 -14.55 -23.30
C LEU A 429 38.73 -15.77 -23.61
N SER A 430 39.34 -16.74 -24.30
CA SER A 430 38.69 -18.00 -24.58
C SER A 430 39.55 -19.14 -24.03
N PRO A 431 38.95 -20.29 -23.62
CA PRO A 431 37.54 -20.69 -23.53
C PRO A 431 36.67 -19.76 -22.68
N ALA A 432 35.37 -19.74 -22.96
CA ALA A 432 34.52 -18.74 -22.35
C ALA A 432 33.07 -19.20 -22.33
N PHE A 433 32.31 -18.65 -21.38
CA PHE A 433 30.86 -18.70 -21.40
C PHE A 433 30.31 -17.45 -22.07
N ARG A 434 29.30 -17.64 -22.93
CA ARG A 434 28.65 -16.52 -23.60
C ARG A 434 27.15 -16.63 -23.47
N TYR A 435 26.49 -15.48 -23.50
CA TYR A 435 25.06 -15.46 -23.72
C TYR A 435 24.75 -15.90 -25.13
N GLN A 436 23.49 -16.24 -25.37
CA GLN A 436 23.09 -16.75 -26.67
C GLN A 436 21.62 -16.43 -26.86
N PRO A 437 21.14 -16.40 -28.11
CA PRO A 437 19.71 -16.16 -28.32
C PRO A 437 18.89 -17.22 -27.61
N ASP A 438 17.72 -16.82 -27.12
CA ASP A 438 16.78 -17.78 -26.59
C ASP A 438 16.34 -18.71 -27.72
N PRO A 439 15.93 -19.94 -27.39
CA PRO A 439 15.64 -20.93 -28.45
C PRO A 439 14.36 -20.65 -29.22
N TRP A 440 13.55 -19.68 -28.83
CA TRP A 440 12.31 -19.41 -29.53
C TRP A 440 12.31 -18.03 -30.22
N LYS B 27 23.71 1.77 -36.31
CA LYS B 27 22.95 2.36 -35.22
C LYS B 27 23.87 2.85 -34.10
N PHE B 28 23.40 3.85 -33.37
CA PHE B 28 24.05 4.34 -32.16
C PHE B 28 23.83 3.34 -31.02
N PRO B 29 24.53 3.51 -29.88
CA PRO B 29 24.35 2.57 -28.77
C PRO B 29 22.92 2.55 -28.22
N ARG B 30 22.41 1.34 -28.01
CA ARG B 30 21.11 1.11 -27.38
C ARG B 30 21.31 0.94 -25.87
N VAL B 31 20.45 1.61 -25.10
CA VAL B 31 20.61 1.80 -23.66
C VAL B 31 19.30 1.39 -22.97
N LYS B 32 19.38 0.46 -22.03
CA LYS B 32 18.19 -0.09 -21.39
C LYS B 32 18.10 0.32 -19.92
N ASN B 33 16.88 0.60 -19.46
CA ASN B 33 16.58 0.67 -18.04
C ASN B 33 15.96 -0.66 -17.63
N TRP B 34 16.61 -1.37 -16.72
CA TRP B 34 16.15 -2.70 -16.30
C TRP B 34 15.08 -2.65 -15.21
N GLU B 35 14.89 -1.52 -14.53
CA GLU B 35 13.78 -1.46 -13.60
C GLU B 35 12.45 -1.35 -14.33
N VAL B 36 12.42 -0.56 -15.41
CA VAL B 36 11.21 -0.28 -16.17
C VAL B 36 11.12 -1.10 -17.45
N GLY B 37 12.25 -1.53 -18.01
CA GLY B 37 12.25 -2.19 -19.30
C GLY B 37 12.43 -1.27 -20.48
N SER B 38 12.51 0.04 -20.26
CA SER B 38 12.51 1.02 -21.34
C SER B 38 13.87 1.09 -22.02
N ILE B 39 13.83 1.55 -23.28
CA ILE B 39 14.99 1.52 -24.18
C ILE B 39 15.15 2.88 -24.86
N THR B 40 16.33 3.48 -24.75
CA THR B 40 16.71 4.68 -25.49
C THR B 40 17.93 4.38 -26.35
N TYR B 41 18.23 5.29 -27.28
CA TYR B 41 19.46 5.27 -28.06
C TYR B 41 20.22 6.56 -27.82
N ASP B 42 21.51 6.46 -27.53
CA ASP B 42 22.33 7.64 -27.25
C ASP B 42 22.90 8.13 -28.57
N THR B 43 22.20 9.06 -29.22
CA THR B 43 22.73 9.65 -30.44
C THR B 43 23.75 10.74 -30.16
N LEU B 44 23.75 11.28 -28.94
CA LEU B 44 24.69 12.35 -28.61
C LEU B 44 26.13 11.86 -28.61
N SER B 45 26.36 10.58 -28.26
CA SER B 45 27.73 10.07 -28.16
C SER B 45 28.49 10.15 -29.48
N ALA B 46 27.79 10.20 -30.61
CA ALA B 46 28.46 10.28 -31.90
C ALA B 46 29.18 11.61 -32.09
N GLN B 47 28.88 12.60 -31.25
CA GLN B 47 29.51 13.92 -31.30
C GLN B 47 30.70 14.06 -30.38
N ALA B 48 31.12 12.96 -29.73
CA ALA B 48 32.25 13.03 -28.81
C ALA B 48 33.53 13.40 -29.54
N GLN B 49 34.35 14.23 -28.89
CA GLN B 49 35.63 14.65 -29.46
C GLN B 49 36.78 13.87 -28.84
N GLN B 50 37.43 14.48 -27.84
CA GLN B 50 38.59 13.91 -27.18
C GLN B 50 38.36 12.45 -26.79
N ASP B 51 39.24 11.57 -27.29
CA ASP B 51 39.04 10.14 -27.12
C ASP B 51 39.21 9.72 -25.66
N GLY B 52 38.53 8.63 -25.30
CA GLY B 52 38.63 8.05 -23.98
C GLY B 52 39.63 6.91 -23.97
N PRO B 53 39.70 6.15 -22.87
CA PRO B 53 40.77 5.15 -22.73
C PRO B 53 40.42 3.73 -23.19
N CYS B 54 39.19 3.46 -23.59
CA CYS B 54 38.82 2.11 -23.98
C CYS B 54 39.09 1.87 -25.44
N THR B 55 39.26 0.59 -25.77
CA THR B 55 39.37 0.09 -27.12
C THR B 55 38.50 -1.15 -27.22
N PRO B 56 38.18 -1.59 -28.44
CA PRO B 56 37.47 -2.87 -28.58
C PRO B 56 38.20 -4.05 -27.94
N ARG B 57 39.49 -3.93 -27.66
CA ARG B 57 40.21 -5.04 -27.06
C ARG B 57 40.09 -5.07 -25.54
N ARG B 58 39.90 -3.92 -24.89
CA ARG B 58 39.81 -3.89 -23.43
C ARG B 58 39.18 -2.59 -22.97
N CYS B 59 38.28 -2.70 -21.99
CA CYS B 59 37.61 -1.56 -21.36
C CYS B 59 38.38 -1.12 -20.13
N LEU B 60 38.65 0.19 -20.03
CA LEU B 60 39.31 0.76 -18.86
C LEU B 60 38.39 1.72 -18.13
N GLY B 61 37.08 1.52 -18.26
CA GLY B 61 36.15 2.39 -17.58
C GLY B 61 36.32 2.52 -16.07
N SER B 62 37.02 1.60 -15.42
CA SER B 62 37.14 1.67 -13.96
C SER B 62 38.37 2.43 -13.48
N LEU B 63 39.22 2.92 -14.39
CA LEU B 63 40.41 3.65 -13.99
C LEU B 63 40.07 5.08 -13.57
N VAL B 64 40.65 5.53 -12.45
CA VAL B 64 40.33 6.86 -11.93
C VAL B 64 40.88 7.96 -12.85
N PHE B 65 42.16 7.88 -13.17
CA PHE B 65 42.81 8.79 -14.13
C PHE B 65 43.25 7.96 -15.32
N PRO B 66 42.47 7.91 -16.40
CA PRO B 66 42.94 7.09 -17.51
C PRO B 66 43.71 7.91 -18.57
N ALA B 79 49.10 26.50 -32.57
CA ALA B 79 47.95 25.61 -32.71
C ALA B 79 46.72 26.38 -33.16
N PRO B 80 46.68 26.80 -34.45
CA PRO B 80 45.63 27.73 -34.89
C PRO B 80 44.38 27.08 -35.46
N GLU B 81 44.54 26.03 -36.26
CA GLU B 81 43.39 25.41 -36.92
C GLU B 81 42.57 24.59 -35.93
N GLN B 82 43.23 23.91 -35.01
CA GLN B 82 42.52 23.14 -33.99
C GLN B 82 41.76 24.05 -33.02
N LEU B 83 42.32 25.23 -32.73
CA LEU B 83 41.62 26.18 -31.88
C LEU B 83 40.33 26.66 -32.54
N LEU B 84 40.40 26.95 -33.84
CA LEU B 84 39.27 27.52 -34.57
C LEU B 84 38.12 26.54 -34.69
N SER B 85 38.42 25.27 -34.97
CA SER B 85 37.35 24.29 -35.06
C SER B 85 36.66 24.11 -33.71
N GLN B 86 37.44 24.15 -32.62
CA GLN B 86 36.86 24.10 -31.28
C GLN B 86 36.07 25.37 -30.98
N ALA B 87 36.62 26.53 -31.37
CA ALA B 87 35.92 27.79 -31.13
C ALA B 87 34.63 27.84 -31.94
N ARG B 88 34.70 27.45 -33.21
CA ARG B 88 33.51 27.49 -34.07
C ARG B 88 32.42 26.60 -33.51
N ASP B 89 32.79 25.37 -33.11
CA ASP B 89 31.78 24.48 -32.56
C ASP B 89 31.15 25.05 -31.31
N PHE B 90 31.94 25.64 -30.42
CA PHE B 90 31.40 26.25 -29.22
C PHE B 90 30.44 27.39 -29.57
N ILE B 91 30.86 28.27 -30.48
CA ILE B 91 29.99 29.37 -30.90
C ILE B 91 28.68 28.82 -31.45
N ASN B 92 28.77 27.77 -32.28
CA ASN B 92 27.55 27.13 -32.76
C ASN B 92 26.70 26.63 -31.59
N GLN B 93 27.35 26.08 -30.57
CA GLN B 93 26.61 25.61 -29.40
C GLN B 93 25.90 26.76 -28.72
N TYR B 94 26.60 27.90 -28.56
CA TYR B 94 25.98 29.06 -27.94
C TYR B 94 24.75 29.51 -28.74
N TYR B 95 24.90 29.72 -30.05
CA TYR B 95 23.77 30.25 -30.81
C TYR B 95 22.64 29.25 -30.95
N SER B 96 22.92 27.95 -30.89
CA SER B 96 21.84 26.99 -30.75
C SER B 96 21.07 27.18 -29.44
N SER B 97 21.79 27.40 -28.34
CA SER B 97 21.14 27.44 -27.04
C SER B 97 20.12 28.57 -26.95
N ILE B 98 20.38 29.69 -27.60
CA ILE B 98 19.44 30.80 -27.53
C ILE B 98 18.55 30.81 -28.77
N LYS B 99 18.50 29.68 -29.47
CA LYS B 99 17.60 29.49 -30.61
C LYS B 99 17.83 30.54 -31.70
N ARG B 100 19.08 30.90 -31.94
CA ARG B 100 19.35 31.91 -32.95
C ARG B 100 20.43 31.44 -33.93
N SER B 101 20.52 30.12 -34.12
CA SER B 101 21.47 29.56 -35.08
CA SER B 101 21.46 29.55 -35.09
C SER B 101 21.29 30.19 -36.45
N GLY B 102 22.40 30.41 -37.14
CA GLY B 102 22.38 30.92 -38.49
C GLY B 102 21.99 32.38 -38.62
N SER B 103 21.71 33.06 -37.51
CA SER B 103 21.29 34.45 -37.57
C SER B 103 22.45 35.34 -38.06
N GLN B 104 22.12 36.63 -38.27
CA GLN B 104 23.15 37.62 -38.55
C GLN B 104 24.18 37.68 -37.42
N ALA B 105 23.70 37.74 -36.17
CA ALA B 105 24.61 37.83 -35.05
C ALA B 105 25.51 36.61 -34.94
N HIS B 106 24.98 35.44 -35.32
CA HIS B 106 25.76 34.21 -35.22
C HIS B 106 26.92 34.24 -36.21
N GLU B 107 26.65 34.66 -37.45
CA GLU B 107 27.68 34.70 -38.48
C GLU B 107 28.73 35.76 -38.19
N GLN B 108 28.32 36.91 -37.65
CA GLN B 108 29.30 37.95 -37.32
C GLN B 108 30.20 37.55 -36.16
N ARG B 109 29.65 36.85 -35.17
CA ARG B 109 30.48 36.41 -34.06
C ARG B 109 31.52 35.37 -34.52
N LEU B 110 31.15 34.49 -35.45
CA LEU B 110 32.14 33.57 -36.03
C LEU B 110 33.23 34.33 -36.79
N GLN B 111 32.83 35.27 -37.66
CA GLN B 111 33.83 36.08 -38.33
C GLN B 111 34.72 36.80 -37.32
N GLU B 112 34.12 37.24 -36.22
CA GLU B 112 34.87 38.00 -35.22
C GLU B 112 35.91 37.14 -34.52
N VAL B 113 35.53 35.91 -34.13
CA VAL B 113 36.49 35.00 -33.50
C VAL B 113 37.58 34.60 -34.48
N GLU B 114 37.22 34.39 -35.74
CA GLU B 114 38.21 34.02 -36.75
C GLU B 114 39.28 35.11 -36.89
N ALA B 115 38.86 36.37 -36.92
CA ALA B 115 39.84 37.43 -37.14
C ALA B 115 40.73 37.61 -35.91
N GLU B 116 40.17 37.43 -34.71
CA GLU B 116 41.01 37.60 -33.53
C GLU B 116 42.05 36.50 -33.43
N VAL B 117 41.68 35.26 -33.78
CA VAL B 117 42.63 34.17 -33.77
C VAL B 117 43.72 34.40 -34.83
N ALA B 118 43.37 34.98 -35.97
CA ALA B 118 44.36 35.21 -37.01
C ALA B 118 45.35 36.30 -36.62
N ALA B 119 44.89 37.31 -35.88
CA ALA B 119 45.74 38.42 -35.44
C ALA B 119 46.56 38.05 -34.21
N THR B 120 45.96 37.34 -33.25
CA THR B 120 46.59 37.15 -31.95
C THR B 120 46.91 35.71 -31.62
N GLY B 121 46.49 34.75 -32.45
CA GLY B 121 46.60 33.37 -32.07
C GLY B 121 45.63 32.90 -31.00
N THR B 122 44.79 33.80 -30.45
CA THR B 122 43.82 33.40 -29.42
C THR B 122 42.58 34.29 -29.55
N TYR B 123 41.62 34.10 -28.65
CA TYR B 123 40.49 35.03 -28.64
C TYR B 123 39.94 35.11 -27.22
N GLN B 124 38.97 36.01 -27.05
CA GLN B 124 38.33 36.22 -25.75
C GLN B 124 36.86 35.84 -25.84
N LEU B 125 36.36 35.19 -24.79
CA LEU B 125 34.94 34.93 -24.70
C LEU B 125 34.18 36.22 -24.40
N ARG B 126 33.03 36.39 -25.06
CA ARG B 126 32.03 37.33 -24.52
C ARG B 126 31.58 36.87 -23.13
N GLU B 127 31.10 37.82 -22.33
CA GLU B 127 30.64 37.46 -20.99
C GLU B 127 29.53 36.42 -21.04
N SER B 128 28.53 36.62 -21.92
CA SER B 128 27.44 35.65 -22.04
CA SER B 128 27.43 35.65 -22.05
C SER B 128 27.94 34.27 -22.41
N GLU B 129 28.96 34.20 -23.27
CA GLU B 129 29.54 32.93 -23.67
C GLU B 129 30.25 32.26 -22.51
N LEU B 130 30.90 33.04 -21.64
CA LEU B 130 31.56 32.42 -20.50
C LEU B 130 30.53 31.79 -19.54
N VAL B 131 29.42 32.48 -19.29
CA VAL B 131 28.38 31.91 -18.42
C VAL B 131 27.86 30.62 -19.03
N PHE B 132 27.52 30.66 -20.32
CA PHE B 132 27.00 29.48 -21.00
C PHE B 132 28.01 28.34 -20.99
N GLY B 133 29.28 28.64 -21.26
CA GLY B 133 30.31 27.61 -21.29
C GLY B 133 30.51 26.92 -19.95
N ALA B 134 30.51 27.69 -18.86
CA ALA B 134 30.70 27.07 -17.55
C ALA B 134 29.55 26.12 -17.22
N LYS B 135 28.32 26.55 -17.51
CA LYS B 135 27.15 25.69 -17.34
C LYS B 135 27.25 24.43 -18.21
N GLN B 136 27.68 24.57 -19.47
CA GLN B 136 27.82 23.39 -20.33
C GLN B 136 28.87 22.43 -19.81
N ALA B 137 30.00 22.96 -19.29
CA ALA B 137 31.03 22.09 -18.72
C ALA B 137 30.46 21.24 -17.57
N TRP B 138 29.68 21.85 -16.69
CA TRP B 138 29.01 21.07 -15.64
C TRP B 138 28.07 20.04 -16.24
N ARG B 139 27.23 20.48 -17.18
CA ARG B 139 26.28 19.59 -17.83
C ARG B 139 26.95 18.41 -18.50
N ASN B 140 28.19 18.58 -18.96
CA ASN B 140 28.90 17.55 -19.69
C ASN B 140 29.69 16.63 -18.78
N ALA B 141 29.70 16.88 -17.45
CA ALA B 141 30.61 16.15 -16.58
C ALA B 141 30.10 14.74 -16.29
N PRO B 142 30.71 13.69 -16.85
CA PRO B 142 30.08 12.34 -16.74
C PRO B 142 30.00 11.80 -15.32
N ARG B 143 30.89 12.19 -14.42
CA ARG B 143 30.91 11.61 -13.09
C ARG B 143 30.08 12.38 -12.05
N CYS B 144 29.39 13.46 -12.41
CA CYS B 144 28.63 14.28 -11.46
C CYS B 144 27.18 13.81 -11.39
N VAL B 145 26.72 13.38 -10.21
CA VAL B 145 25.31 13.00 -10.08
C VAL B 145 24.40 14.19 -9.83
N GLY B 146 24.95 15.36 -9.55
CA GLY B 146 24.14 16.53 -9.23
C GLY B 146 23.76 17.42 -10.41
N ARG B 147 23.80 16.91 -11.63
CA ARG B 147 23.65 17.76 -12.80
C ARG B 147 22.21 18.20 -13.08
N ILE B 148 21.22 17.76 -12.31
CA ILE B 148 19.87 18.31 -12.49
C ILE B 148 19.89 19.83 -12.30
N GLN B 149 20.87 20.32 -11.53
CA GLN B 149 20.99 21.72 -11.17
C GLN B 149 21.76 22.57 -12.21
N TRP B 150 22.26 21.96 -13.29
CA TRP B 150 23.30 22.60 -14.12
C TRP B 150 22.87 23.97 -14.63
N GLY B 151 21.57 24.21 -14.81
CA GLY B 151 21.10 25.51 -15.24
C GLY B 151 21.16 26.60 -14.17
N LYS B 152 21.24 26.22 -12.89
CA LYS B 152 21.30 27.18 -11.79
C LYS B 152 22.72 27.18 -11.24
N LEU B 153 23.57 27.94 -11.94
CA LEU B 153 24.98 28.10 -11.58
C LEU B 153 25.26 29.59 -11.61
N GLN B 154 25.79 30.11 -10.50
CA GLN B 154 26.24 31.49 -10.41
C GLN B 154 27.67 31.56 -10.95
N VAL B 155 27.90 32.41 -11.94
CA VAL B 155 29.20 32.50 -12.62
C VAL B 155 29.83 33.84 -12.25
N PHE B 156 30.97 33.80 -11.56
CA PHE B 156 31.70 35.00 -11.20
C PHE B 156 32.85 35.18 -12.20
N ASP B 157 32.90 36.33 -12.84
CA ASP B 157 33.91 36.55 -13.88
C ASP B 157 35.10 37.24 -13.22
N ALA B 158 36.18 36.50 -13.00
CA ALA B 158 37.41 37.08 -12.47
C ALA B 158 38.53 37.14 -13.52
N ARG B 159 38.19 37.25 -14.80
CA ARG B 159 39.22 37.25 -15.85
C ARG B 159 40.13 38.46 -15.81
N ASP B 160 39.80 39.48 -15.03
CA ASP B 160 40.67 40.64 -14.89
C ASP B 160 41.49 40.61 -13.60
N CYS B 161 41.54 39.45 -12.94
CA CYS B 161 42.37 39.28 -11.76
C CYS B 161 43.85 39.45 -12.13
N ARG B 162 44.61 40.04 -11.22
CA ARG B 162 45.98 40.40 -11.55
C ARG B 162 47.00 40.02 -10.49
N SER B 163 46.59 39.51 -9.34
CA SER B 163 47.56 39.15 -8.32
C SER B 163 46.99 38.02 -7.48
N ALA B 164 47.85 37.44 -6.63
CA ALA B 164 47.38 36.40 -5.73
C ALA B 164 46.55 37.00 -4.60
N GLN B 165 46.77 38.27 -4.26
CA GLN B 165 45.94 38.93 -3.27
C GLN B 165 44.52 39.12 -3.80
N GLU B 166 44.39 39.61 -5.03
CA GLU B 166 43.07 39.73 -5.64
C GLU B 166 42.42 38.37 -5.82
N MET B 167 43.24 37.36 -6.15
CA MET B 167 42.72 36.01 -6.27
C MET B 167 42.04 35.57 -4.97
N PHE B 168 42.67 35.87 -3.83
CA PHE B 168 42.10 35.47 -2.54
C PHE B 168 40.79 36.18 -2.25
N THR B 169 40.69 37.46 -2.63
CA THR B 169 39.47 38.21 -2.41
C THR B 169 38.31 37.63 -3.21
N TYR B 170 38.55 37.32 -4.48
CA TYR B 170 37.56 36.59 -5.28
C TYR B 170 37.15 35.28 -4.60
N ILE B 171 38.10 34.54 -4.03
CA ILE B 171 37.75 33.23 -3.48
C ILE B 171 36.92 33.40 -2.22
N CYS B 172 37.30 34.35 -1.36
CA CYS B 172 36.50 34.64 -0.17
C CYS B 172 35.09 35.04 -0.54
N ASN B 173 34.93 35.93 -1.52
CA ASN B 173 33.58 36.30 -1.93
C ASN B 173 32.82 35.10 -2.50
N HIS B 174 33.52 34.19 -3.20
CA HIS B 174 32.88 32.96 -3.65
C HIS B 174 32.39 32.14 -2.46
N ILE B 175 33.24 31.94 -1.45
CA ILE B 175 32.88 31.10 -0.31
C ILE B 175 31.71 31.70 0.45
N LYS B 176 31.73 33.02 0.62
CA LYS B 176 30.64 33.68 1.29
C LYS B 176 29.34 33.53 0.49
N TYR B 177 29.40 33.79 -0.81
CA TYR B 177 28.20 33.67 -1.62
C TYR B 177 27.64 32.24 -1.62
N ALA B 178 28.52 31.24 -1.78
CA ALA B 178 28.07 29.86 -1.94
C ALA B 178 27.56 29.28 -0.63
N THR B 179 28.25 29.57 0.46
CA THR B 179 27.82 29.11 1.78
C THR B 179 26.49 29.71 2.15
N ASN B 180 26.38 31.05 2.07
CA ASN B 180 25.11 31.74 2.27
C ASN B 180 24.48 31.32 3.59
N ARG B 181 25.33 31.18 4.61
CA ARG B 181 24.94 30.87 5.99
C ARG B 181 24.23 29.52 6.10
N GLY B 182 24.60 28.56 5.25
CA GLY B 182 24.06 27.23 5.26
C GLY B 182 23.06 26.93 4.15
N ASN B 183 22.50 27.95 3.50
CA ASN B 183 21.59 27.70 2.39
C ASN B 183 22.41 27.76 1.10
N LEU B 184 23.08 26.66 0.78
CA LEU B 184 24.17 26.67 -0.19
C LEU B 184 23.67 26.95 -1.60
N ARG B 185 24.49 27.67 -2.36
CA ARG B 185 24.21 28.04 -3.75
C ARG B 185 25.40 27.64 -4.60
N SER B 186 25.14 27.00 -5.73
CA SER B 186 26.21 26.55 -6.60
C SER B 186 26.85 27.76 -7.31
N ALA B 187 28.17 27.68 -7.50
CA ALA B 187 28.90 28.84 -8.00
C ALA B 187 30.22 28.42 -8.62
N ILE B 188 30.72 29.25 -9.52
CA ILE B 188 32.06 29.05 -10.07
C ILE B 188 32.67 30.43 -10.29
N THR B 189 33.97 30.54 -10.04
CA THR B 189 34.72 31.76 -10.25
C THR B 189 35.78 31.46 -11.30
N VAL B 190 35.79 32.20 -12.40
CA VAL B 190 36.67 31.90 -13.53
C VAL B 190 37.78 32.94 -13.55
N PHE B 191 39.01 32.49 -13.28
CA PHE B 191 40.20 33.34 -13.33
C PHE B 191 40.75 33.39 -14.74
N PRO B 192 41.76 34.25 -15.00
CA PRO B 192 42.20 34.49 -16.38
C PRO B 192 42.62 33.21 -17.10
N GLN B 193 42.34 33.17 -18.40
CA GLN B 193 42.67 32.01 -19.21
C GLN B 193 44.18 31.90 -19.45
N ARG B 194 44.62 30.68 -19.76
CA ARG B 194 45.97 30.41 -20.18
C ARG B 194 46.31 31.23 -21.42
N CYS B 195 47.47 31.88 -21.42
CA CYS B 195 47.88 32.56 -22.63
C CYS B 195 49.40 32.51 -22.79
N PRO B 196 49.89 32.57 -24.03
CA PRO B 196 51.33 32.38 -24.27
C PRO B 196 52.15 33.50 -23.67
N GLY B 197 53.33 33.13 -23.17
CA GLY B 197 54.24 34.12 -22.64
C GLY B 197 53.97 34.54 -21.21
N ARG B 198 53.20 33.75 -20.47
CA ARG B 198 52.82 34.12 -19.11
C ARG B 198 52.38 32.84 -18.40
N GLY B 199 52.78 32.70 -17.15
CA GLY B 199 52.38 31.53 -16.39
C GLY B 199 50.88 31.52 -16.12
N ASP B 200 50.42 30.40 -15.57
CA ASP B 200 49.02 30.21 -15.24
C ASP B 200 48.72 30.73 -13.85
N PHE B 201 47.49 31.19 -13.65
CA PHE B 201 46.91 31.18 -12.31
C PHE B 201 46.66 29.73 -11.91
N ARG B 202 47.03 29.35 -10.68
CA ARG B 202 46.68 28.04 -10.16
C ARG B 202 46.31 28.15 -8.69
N ILE B 203 45.35 27.31 -8.28
CA ILE B 203 45.09 27.04 -6.88
C ILE B 203 45.73 25.69 -6.56
N TRP B 204 46.68 25.67 -5.64
CA TRP B 204 47.40 24.43 -5.34
C TRP B 204 46.52 23.42 -4.62
N ASN B 205 45.65 23.90 -3.73
CA ASN B 205 44.74 23.03 -2.98
C ASN B 205 43.77 22.33 -3.93
N SER B 206 43.40 21.09 -3.58
CA SER B 206 42.42 20.36 -4.39
C SER B 206 40.99 20.84 -4.13
N GLN B 207 40.70 21.30 -2.92
CA GLN B 207 39.42 21.92 -2.64
C GLN B 207 39.67 23.17 -1.81
N LEU B 208 38.70 24.07 -1.81
CA LEU B 208 38.91 25.31 -1.06
C LEU B 208 38.94 25.06 0.45
N VAL B 209 38.18 24.08 0.93
CA VAL B 209 38.18 23.71 2.34
C VAL B 209 38.61 22.25 2.44
N ARG B 210 39.73 22.00 3.14
CA ARG B 210 40.32 20.67 3.35
C ARG B 210 40.93 20.64 4.73
N TYR B 211 40.83 19.48 5.39
CA TYR B 211 41.42 19.32 6.71
C TYR B 211 42.86 18.86 6.58
N ALA B 212 43.69 19.26 7.55
CA ALA B 212 45.09 18.91 7.53
C ALA B 212 45.31 17.41 7.74
N GLY B 213 46.33 16.88 7.09
CA GLY B 213 46.76 15.52 7.35
C GLY B 213 48.21 15.50 7.76
N TYR B 214 48.48 15.31 9.05
CA TYR B 214 49.84 15.35 9.58
C TYR B 214 50.44 13.95 9.56
N ARG B 215 51.49 13.77 8.76
CA ARG B 215 52.26 12.53 8.80
C ARG B 215 52.80 12.36 10.21
N GLN B 216 52.17 11.49 10.99
CA GLN B 216 52.67 11.20 12.34
C GLN B 216 54.00 10.45 12.25
N GLN B 217 54.73 10.49 13.35
CA GLN B 217 56.09 9.97 13.37
C GLN B 217 56.14 8.43 13.37
N ASP B 218 55.01 7.76 13.63
CA ASP B 218 54.98 6.31 13.49
C ASP B 218 54.96 5.88 12.03
N GLY B 219 54.44 6.73 11.16
CA GLY B 219 54.00 6.32 9.84
C GLY B 219 52.49 6.39 9.68
N SER B 220 51.78 6.70 10.75
CA SER B 220 50.33 6.89 10.73
C SER B 220 50.04 8.34 10.29
N VAL B 221 48.77 8.74 10.38
CA VAL B 221 48.34 10.10 10.05
C VAL B 221 47.36 10.57 11.10
N ARG B 222 47.53 11.82 11.54
CA ARG B 222 46.54 12.53 12.32
C ARG B 222 45.81 13.51 11.40
N GLY B 223 44.49 13.35 11.29
CA GLY B 223 43.73 14.17 10.38
C GLY B 223 43.33 13.42 9.12
N ASP B 224 43.28 14.12 7.99
CA ASP B 224 42.79 13.51 6.77
C ASP B 224 43.98 12.98 5.98
N PRO B 225 44.13 11.65 5.84
CA PRO B 225 45.29 11.12 5.10
C PRO B 225 45.31 11.50 3.63
N ALA B 226 44.18 11.84 3.03
CA ALA B 226 44.20 12.28 1.64
C ALA B 226 44.96 13.60 1.46
N ASN B 227 45.24 14.33 2.54
CA ASN B 227 45.79 15.67 2.42
C ASN B 227 47.19 15.79 3.02
N VAL B 228 47.93 14.69 3.10
CA VAL B 228 49.27 14.74 3.66
C VAL B 228 50.19 15.59 2.78
N GLU B 229 50.05 15.47 1.47
CA GLU B 229 50.98 16.14 0.56
C GLU B 229 50.76 17.65 0.58
N ILE B 230 49.50 18.08 0.44
CA ILE B 230 49.22 19.52 0.43
C ILE B 230 49.46 20.11 1.81
N THR B 231 49.23 19.33 2.87
CA THR B 231 49.54 19.78 4.23
C THR B 231 51.03 20.09 4.39
N GLU B 232 51.88 19.18 3.91
CA GLU B 232 53.32 19.38 4.03
C GLU B 232 53.82 20.52 3.16
N LEU B 233 53.13 20.81 2.05
CA LEU B 233 53.51 21.95 1.24
C LEU B 233 53.16 23.26 1.94
N CYS B 234 52.05 23.30 2.66
CA CYS B 234 51.68 24.51 3.39
C CYS B 234 52.69 24.81 4.49
N ILE B 235 53.09 23.78 5.25
CA ILE B 235 54.08 23.99 6.30
C ILE B 235 55.38 24.48 5.69
N GLN B 236 55.84 23.80 4.63
CA GLN B 236 57.04 24.21 3.93
C GLN B 236 56.95 25.63 3.37
N HIS B 237 55.74 26.20 3.27
CA HIS B 237 55.57 27.54 2.74
C HIS B 237 55.26 28.56 3.81
N GLY B 238 55.47 28.23 5.08
CA GLY B 238 55.38 29.19 6.16
C GLY B 238 54.20 29.00 7.09
N TRP B 239 53.31 28.05 6.84
CA TRP B 239 52.14 27.87 7.70
C TRP B 239 52.53 27.21 9.02
N THR B 240 52.06 27.76 10.12
CA THR B 240 52.29 27.10 11.39
C THR B 240 51.18 26.10 11.62
N PRO B 241 51.49 24.80 11.65
CA PRO B 241 50.44 23.79 11.70
C PRO B 241 49.90 23.60 13.09
N GLY B 242 48.67 23.10 13.15
CA GLY B 242 48.05 22.68 14.39
C GLY B 242 48.34 21.23 14.67
N ASN B 243 47.52 20.64 15.56
CA ASN B 243 47.67 19.21 15.85
C ASN B 243 46.32 18.50 16.03
N GLY B 244 45.23 19.02 15.46
CA GLY B 244 43.95 18.37 15.53
C GLY B 244 43.67 17.48 14.33
N ARG B 245 42.51 16.83 14.38
CA ARG B 245 42.06 15.97 13.29
C ARG B 245 41.25 16.73 12.24
N PHE B 246 40.81 17.95 12.54
CA PHE B 246 39.97 18.75 11.66
C PHE B 246 40.48 20.19 11.58
N ASP B 247 41.77 20.35 11.31
CA ASP B 247 42.36 21.68 11.14
C ASP B 247 42.17 22.12 9.70
N VAL B 248 41.50 23.25 9.50
CA VAL B 248 41.32 23.76 8.16
C VAL B 248 42.65 24.22 7.60
N LEU B 249 42.97 23.77 6.39
CA LEU B 249 44.22 24.17 5.75
C LEU B 249 44.14 25.59 5.20
N PRO B 250 45.28 26.28 5.13
CA PRO B 250 45.34 27.55 4.37
C PRO B 250 45.35 27.28 2.87
N LEU B 251 45.17 28.36 2.11
CA LEU B 251 45.19 28.31 0.67
C LEU B 251 46.57 28.68 0.15
N LEU B 252 47.05 27.96 -0.85
CA LEU B 252 48.26 28.30 -1.59
C LEU B 252 47.82 28.74 -2.97
N LEU B 253 48.01 30.03 -3.26
CA LEU B 253 47.52 30.64 -4.49
C LEU B 253 48.69 31.09 -5.33
N GLN B 254 48.66 30.73 -6.61
CA GLN B 254 49.74 30.98 -7.56
C GLN B 254 49.27 31.96 -8.62
N ALA B 255 49.84 33.16 -8.62
CA ALA B 255 49.70 34.10 -9.72
C ALA B 255 50.75 33.81 -10.77
N PRO B 256 50.53 34.24 -12.02
CA PRO B 256 51.46 33.86 -13.10
C PRO B 256 52.91 34.21 -12.79
N ASP B 257 53.79 33.21 -12.97
CA ASP B 257 55.24 33.36 -12.90
C ASP B 257 55.69 33.80 -11.50
N GLU B 258 55.13 33.14 -10.50
CA GLU B 258 55.18 33.55 -9.13
C GLU B 258 55.15 32.28 -8.31
N PRO B 259 55.95 32.15 -7.26
CA PRO B 259 55.78 31.04 -6.33
C PRO B 259 54.44 31.16 -5.61
N PRO B 260 53.89 30.06 -5.12
CA PRO B 260 52.61 30.15 -4.44
C PRO B 260 52.71 31.02 -3.19
N GLU B 261 51.61 31.67 -2.85
CA GLU B 261 51.54 32.49 -1.66
C GLU B 261 50.44 31.95 -0.74
N LEU B 262 50.69 32.04 0.56
CA LEU B 262 49.85 31.46 1.60
C LEU B 262 48.82 32.48 2.10
N PHE B 263 47.57 32.05 2.20
CA PHE B 263 46.48 32.86 2.74
C PHE B 263 45.64 32.02 3.70
N LEU B 264 45.43 32.54 4.91
CA LEU B 264 44.61 31.87 5.92
C LEU B 264 43.14 32.22 5.71
N LEU B 265 42.29 31.22 5.55
CA LEU B 265 40.86 31.52 5.46
C LEU B 265 40.36 32.07 6.79
N PRO B 266 39.52 33.11 6.77
CA PRO B 266 38.89 33.59 8.01
C PRO B 266 37.94 32.55 8.57
N PRO B 267 38.15 32.14 9.83
CA PRO B 267 37.32 31.06 10.41
C PRO B 267 35.82 31.28 10.29
N GLU B 268 35.34 32.54 10.32
CA GLU B 268 33.91 32.79 10.17
C GLU B 268 33.40 32.57 8.75
N LEU B 269 34.30 32.35 7.79
CA LEU B 269 33.89 32.03 6.43
C LEU B 269 33.71 30.54 6.19
N VAL B 270 34.26 29.70 7.08
CA VAL B 270 34.33 28.26 6.89
C VAL B 270 33.32 27.62 7.82
N LEU B 271 32.13 27.36 7.29
CA LEU B 271 31.05 26.80 8.09
C LEU B 271 31.26 25.29 8.25
N GLU B 272 31.13 24.80 9.48
CA GLU B 272 31.32 23.39 9.79
C GLU B 272 30.11 22.87 10.58
N VAL B 273 29.97 21.54 10.58
CA VAL B 273 28.84 20.86 11.20
C VAL B 273 29.42 19.85 12.19
N PRO B 274 29.18 20.00 13.49
CA PRO B 274 29.49 18.91 14.43
C PRO B 274 28.55 17.77 14.15
N LEU B 275 29.07 16.55 14.23
CA LEU B 275 28.28 15.39 13.92
C LEU B 275 27.72 14.80 15.20
N GLU B 276 26.42 14.57 15.22
CA GLU B 276 25.80 13.80 16.28
C GLU B 276 24.77 12.85 15.69
N HIS B 277 24.35 11.87 16.48
CA HIS B 277 23.39 10.93 15.93
C HIS B 277 22.04 11.14 16.60
N PRO B 278 20.92 11.02 15.89
CA PRO B 278 19.63 11.35 16.51
C PRO B 278 19.29 10.47 17.69
N THR B 279 19.74 9.22 17.70
CA THR B 279 19.45 8.35 18.82
C THR B 279 20.68 7.79 19.52
N LEU B 280 21.87 7.84 18.97
CA LEU B 280 23.05 7.30 19.67
C LEU B 280 23.80 8.47 20.29
N GLU B 281 23.55 8.72 21.57
CA GLU B 281 24.03 9.96 22.21
C GLU B 281 25.53 9.97 22.40
N TRP B 282 26.18 8.79 22.48
CA TRP B 282 27.62 8.78 22.63
C TRP B 282 28.33 9.24 21.36
N PHE B 283 27.64 9.19 20.21
CA PHE B 283 28.26 9.57 18.94
C PHE B 283 28.84 10.96 19.00
N ALA B 284 28.15 11.88 19.69
CA ALA B 284 28.61 13.24 19.79
C ALA B 284 29.98 13.33 20.43
N ALA B 285 30.26 12.43 21.38
CA ALA B 285 31.56 12.42 22.06
C ALA B 285 32.69 11.93 21.17
N LEU B 286 32.39 11.39 19.98
CA LEU B 286 33.46 11.06 19.05
C LEU B 286 34.20 12.32 18.56
N GLY B 287 33.59 13.50 18.71
CA GLY B 287 34.22 14.73 18.30
C GLY B 287 34.38 14.89 16.80
N LEU B 288 33.43 14.38 16.02
CA LEU B 288 33.54 14.42 14.57
C LEU B 288 32.89 15.68 14.01
N ARG B 289 33.43 16.15 12.89
CA ARG B 289 32.91 17.32 12.21
C ARG B 289 33.19 17.16 10.72
N TRP B 290 32.41 17.86 9.90
CA TRP B 290 32.77 18.05 8.50
C TRP B 290 32.41 19.49 8.12
N TYR B 291 32.91 19.92 6.98
CA TYR B 291 32.67 21.30 6.55
C TYR B 291 31.47 21.35 5.59
N ALA B 292 30.89 22.55 5.49
CA ALA B 292 29.64 22.67 4.76
C ALA B 292 29.83 22.65 3.25
N LEU B 293 30.96 23.14 2.75
CA LEU B 293 31.03 23.51 1.34
C LEU B 293 32.00 22.62 0.57
N PRO B 294 31.52 21.82 -0.41
CA PRO B 294 32.43 21.08 -1.29
C PRO B 294 32.85 21.96 -2.47
N ALA B 295 34.12 22.32 -2.57
CA ALA B 295 34.52 23.32 -3.57
C ALA B 295 35.82 22.89 -4.26
N VAL B 296 35.68 22.27 -5.44
CA VAL B 296 36.84 21.71 -6.14
C VAL B 296 37.61 22.84 -6.80
N SER B 297 38.92 22.89 -6.56
CA SER B 297 39.73 24.03 -7.01
C SER B 297 40.88 23.67 -7.94
N ASN B 298 41.07 22.40 -8.31
CA ASN B 298 42.26 22.02 -9.07
C ASN B 298 41.93 21.48 -10.46
N MET B 299 40.68 21.56 -10.90
CA MET B 299 40.39 21.14 -12.27
C MET B 299 40.50 22.28 -13.27
N LEU B 300 40.75 21.91 -14.52
CA LEU B 300 40.88 22.85 -15.61
C LEU B 300 39.58 22.96 -16.38
N LEU B 301 39.10 24.19 -16.57
CA LEU B 301 37.89 24.42 -17.35
C LEU B 301 38.26 24.76 -18.79
N GLU B 302 37.65 24.05 -19.75
CA GLU B 302 37.95 24.19 -21.17
C GLU B 302 36.68 24.64 -21.88
N ILE B 303 36.76 25.75 -22.60
CA ILE B 303 35.62 26.33 -23.31
C ILE B 303 36.08 26.80 -24.67
N GLY B 304 35.56 26.19 -25.74
CA GLY B 304 35.86 26.63 -27.09
C GLY B 304 37.33 26.71 -27.42
N GLY B 305 38.11 25.74 -26.95
CA GLY B 305 39.54 25.74 -27.16
C GLY B 305 40.34 26.52 -26.15
N LEU B 306 39.71 27.40 -25.38
CA LEU B 306 40.42 28.15 -24.37
C LEU B 306 40.46 27.37 -23.06
N GLU B 307 41.52 27.59 -22.30
CA GLU B 307 41.80 26.82 -21.10
C GLU B 307 41.89 27.74 -19.91
N PHE B 308 41.10 27.45 -18.89
CA PHE B 308 41.13 28.22 -17.65
C PHE B 308 41.65 27.32 -16.54
N PRO B 309 42.96 27.36 -16.24
CA PRO B 309 43.53 26.44 -15.26
C PRO B 309 43.11 26.71 -13.82
N ALA B 310 42.57 27.88 -13.49
CA ALA B 310 42.03 28.15 -12.17
C ALA B 310 40.60 28.61 -12.33
N ALA B 311 39.65 27.77 -11.88
CA ALA B 311 38.21 28.04 -11.96
C ALA B 311 37.51 27.21 -10.90
N PRO B 312 37.69 27.52 -9.61
CA PRO B 312 37.07 26.69 -8.55
C PRO B 312 35.57 26.75 -8.64
N PHE B 313 34.92 25.60 -8.36
CA PHE B 313 33.47 25.48 -8.43
C PHE B 313 32.95 24.74 -7.18
N SER B 314 31.71 25.02 -6.80
CA SER B 314 31.18 24.42 -5.57
C SER B 314 29.68 24.18 -5.70
N GLY B 315 29.19 23.24 -4.91
CA GLY B 315 27.76 22.97 -4.85
C GLY B 315 27.36 22.69 -3.42
N TRP B 316 26.73 21.54 -3.17
CA TRP B 316 26.47 21.09 -1.81
C TRP B 316 26.69 19.58 -1.78
N TYR B 317 26.90 19.06 -0.58
CA TYR B 317 27.32 17.67 -0.45
C TYR B 317 26.18 16.70 -0.64
N MET B 318 26.50 15.52 -1.16
CA MET B 318 25.68 14.33 -1.00
C MET B 318 26.21 13.53 0.20
N SER B 319 25.30 13.06 1.07
CA SER B 319 25.72 12.57 2.37
C SER B 319 26.70 11.42 2.29
N THR B 320 26.63 10.61 1.24
CA THR B 320 27.55 9.48 1.21
C THR B 320 28.98 9.91 0.95
N GLU B 321 29.20 11.09 0.35
CA GLU B 321 30.58 11.54 0.19
C GLU B 321 31.23 11.71 1.56
N ILE B 322 30.50 12.30 2.50
CA ILE B 322 31.01 12.45 3.85
C ILE B 322 30.88 11.14 4.61
N GLY B 323 29.67 10.62 4.71
CA GLY B 323 29.40 9.52 5.63
C GLY B 323 30.14 8.25 5.27
N THR B 324 30.19 7.90 3.98
CA THR B 324 30.74 6.62 3.57
C THR B 324 32.21 6.73 3.17
N ARG B 325 32.52 7.62 2.22
CA ARG B 325 33.89 7.69 1.72
C ARG B 325 34.81 8.42 2.71
N ASN B 326 34.53 9.69 3.00
CA ASN B 326 35.45 10.48 3.81
C ASN B 326 35.64 9.89 5.21
N LEU B 327 34.58 9.37 5.83
CA LEU B 327 34.71 8.86 7.19
C LEU B 327 34.97 7.36 7.28
N CYS B 328 34.52 6.54 6.33
CA CYS B 328 34.68 5.09 6.41
C CYS B 328 35.68 4.47 5.44
N ASP B 329 36.22 5.22 4.47
CA ASP B 329 37.29 4.64 3.67
C ASP B 329 38.43 4.19 4.59
N PRO B 330 39.05 3.04 4.33
CA PRO B 330 40.15 2.60 5.20
C PRO B 330 41.34 3.52 5.12
N HIS B 331 41.53 4.18 3.98
CA HIS B 331 42.64 5.10 3.77
C HIS B 331 42.26 6.55 4.04
N ARG B 332 41.12 6.79 4.70
CA ARG B 332 40.74 8.13 5.13
C ARG B 332 40.56 8.14 6.64
N TYR B 333 39.44 8.65 7.15
CA TYR B 333 39.30 8.71 8.61
C TYR B 333 39.08 7.35 9.24
N ASN B 334 38.58 6.37 8.48
CA ASN B 334 38.61 4.97 8.90
C ASN B 334 38.00 4.76 10.29
N ILE B 335 36.76 5.24 10.48
CA ILE B 335 36.11 5.14 11.80
C ILE B 335 35.18 3.93 11.92
N LEU B 336 35.02 3.12 10.88
CA LEU B 336 33.93 2.15 10.86
C LEU B 336 34.02 1.19 12.04
N GLU B 337 35.21 0.68 12.33
CA GLU B 337 35.34 -0.33 13.39
C GLU B 337 35.06 0.28 14.76
N ASP B 338 35.52 1.50 15.00
CA ASP B 338 35.29 2.15 16.30
C ASP B 338 33.80 2.38 16.53
N VAL B 339 33.08 2.78 15.49
CA VAL B 339 31.64 3.01 15.63
C VAL B 339 30.93 1.70 15.93
N ALA B 340 31.30 0.62 15.23
CA ALA B 340 30.65 -0.69 15.43
C ALA B 340 30.88 -1.21 16.85
N VAL B 341 32.12 -1.10 17.34
CA VAL B 341 32.45 -1.52 18.70
C VAL B 341 31.58 -0.78 19.71
N CYS B 342 31.51 0.54 19.54
CA CYS B 342 30.62 1.39 20.34
C CYS B 342 29.18 0.96 20.21
N MET B 343 28.77 0.48 19.03
CA MET B 343 27.41 0.01 18.86
C MET B 343 27.20 -1.38 19.43
N ASP B 344 28.26 -2.00 19.94
CA ASP B 344 28.25 -3.35 20.51
C ASP B 344 27.82 -4.38 19.47
N LEU B 345 28.39 -4.29 18.27
CA LEU B 345 28.19 -5.27 17.21
C LEU B 345 29.32 -6.28 17.24
N ASP B 346 29.05 -7.47 16.72
CA ASP B 346 30.03 -8.55 16.74
C ASP B 346 30.98 -8.35 15.56
N THR B 347 32.13 -7.71 15.83
CA THR B 347 33.11 -7.39 14.80
C THR B 347 34.07 -8.53 14.52
N ARG B 348 33.84 -9.71 15.09
CA ARG B 348 34.71 -10.86 14.88
C ARG B 348 34.23 -11.76 13.77
N THR B 349 33.15 -11.40 13.08
CA THR B 349 32.72 -12.15 11.92
C THR B 349 32.05 -11.20 10.94
N THR B 350 32.46 -11.28 9.67
CA THR B 350 31.85 -10.47 8.62
C THR B 350 30.37 -10.75 8.48
N SER B 351 29.94 -12.01 8.72
CA SER B 351 28.57 -12.43 8.48
C SER B 351 27.55 -11.71 9.38
N SER B 352 27.99 -11.03 10.43
CA SER B 352 27.06 -10.21 11.18
C SER B 352 26.66 -8.95 10.41
N LEU B 353 27.42 -8.58 9.39
CA LEU B 353 27.21 -7.33 8.65
C LEU B 353 27.34 -6.12 9.58
N TRP B 354 28.30 -6.20 10.51
CA TRP B 354 28.56 -5.06 11.38
C TRP B 354 29.04 -3.86 10.57
N LYS B 355 29.87 -4.09 9.53
CA LYS B 355 30.32 -2.97 8.73
C LYS B 355 29.16 -2.25 8.08
N ASP B 356 28.20 -3.01 7.53
CA ASP B 356 27.06 -2.37 6.87
C ASP B 356 26.19 -1.61 7.88
N LYS B 357 25.98 -2.18 9.07
CA LYS B 357 25.18 -1.49 10.08
C LYS B 357 25.84 -0.20 10.55
N ALA B 358 27.13 -0.24 10.86
CA ALA B 358 27.77 0.96 11.37
C ALA B 358 27.85 2.04 10.28
N ALA B 359 28.12 1.63 9.04
CA ALA B 359 28.13 2.59 7.93
C ALA B 359 26.78 3.26 7.76
N VAL B 360 25.68 2.51 7.90
CA VAL B 360 24.36 3.12 7.75
C VAL B 360 24.16 4.19 8.83
N GLU B 361 24.45 3.85 10.09
CA GLU B 361 24.23 4.80 11.18
C GLU B 361 25.14 6.04 11.05
N ILE B 362 26.32 5.89 10.46
CA ILE B 362 27.18 7.05 10.27
C ILE B 362 26.58 7.98 9.23
N ASN B 363 25.99 7.40 8.18
CA ASN B 363 25.29 8.19 7.18
C ASN B 363 24.06 8.87 7.78
N VAL B 364 23.31 8.16 8.63
CA VAL B 364 22.20 8.77 9.34
C VAL B 364 22.69 9.97 10.14
N ALA B 365 23.78 9.81 10.90
CA ALA B 365 24.29 10.91 11.71
C ALA B 365 24.65 12.13 10.84
N VAL B 366 25.32 11.90 9.70
CA VAL B 366 25.71 13.00 8.82
C VAL B 366 24.48 13.80 8.39
N LEU B 367 23.46 13.09 7.90
CA LEU B 367 22.23 13.73 7.42
C LEU B 367 21.52 14.45 8.56
N HIS B 368 21.37 13.77 9.70
CA HIS B 368 20.74 14.42 10.84
C HIS B 368 21.50 15.68 11.24
N SER B 369 22.84 15.64 11.20
CA SER B 369 23.63 16.77 11.70
C SER B 369 23.58 17.96 10.75
N TYR B 370 23.67 17.74 9.44
CA TYR B 370 23.52 18.85 8.50
C TYR B 370 22.11 19.46 8.60
N GLN B 371 21.08 18.62 8.72
CA GLN B 371 19.72 19.12 8.83
C GLN B 371 19.50 19.91 10.13
N LEU B 372 20.10 19.45 11.24
CA LEU B 372 20.03 20.17 12.50
C LEU B 372 20.72 21.52 12.42
N ALA B 373 21.89 21.57 11.79
CA ALA B 373 22.67 22.78 11.58
C ALA B 373 22.10 23.68 10.48
N LYS B 374 21.05 23.23 9.77
CA LYS B 374 20.44 23.97 8.65
C LYS B 374 21.45 24.27 7.55
N VAL B 375 22.21 23.25 7.16
CA VAL B 375 23.12 23.30 6.03
C VAL B 375 22.59 22.35 4.97
N THR B 376 22.46 22.85 3.74
CA THR B 376 21.97 22.02 2.63
C THR B 376 22.76 20.71 2.55
N ILE B 377 22.05 19.62 2.29
CA ILE B 377 22.68 18.34 2.02
C ILE B 377 21.63 17.47 1.34
N VAL B 378 22.09 16.51 0.57
CA VAL B 378 21.16 15.62 -0.13
C VAL B 378 21.60 14.19 0.11
N ASP B 379 20.64 13.30 0.39
CA ASP B 379 20.96 11.91 0.59
C ASP B 379 21.00 11.19 -0.77
N HIS B 380 21.57 9.98 -0.77
CA HIS B 380 21.86 9.34 -2.05
C HIS B 380 20.59 8.85 -2.77
N HIS B 381 19.47 8.68 -2.04
CA HIS B 381 18.23 8.29 -2.70
C HIS B 381 17.62 9.48 -3.44
N ALA B 382 17.62 10.66 -2.83
CA ALA B 382 17.04 11.79 -3.50
C ALA B 382 17.94 12.24 -4.65
N ALA B 383 19.26 12.21 -4.42
CA ALA B 383 20.21 12.61 -5.45
C ALA B 383 20.11 11.73 -6.71
N THR B 384 20.04 10.41 -6.52
CA THR B 384 19.98 9.56 -7.71
C THR B 384 18.60 9.63 -8.38
N ALA B 385 17.53 9.86 -7.61
CA ALA B 385 16.23 10.09 -8.22
C ALA B 385 16.25 11.34 -9.08
N SER B 386 16.92 12.38 -8.62
CA SER B 386 16.94 13.59 -9.43
C SER B 386 17.81 13.41 -10.66
N PHE B 387 18.85 12.57 -10.58
CA PHE B 387 19.68 12.31 -11.75
C PHE B 387 18.92 11.54 -12.82
N MET B 388 18.04 10.61 -12.41
CA MET B 388 17.18 9.96 -13.39
C MET B 388 16.31 10.99 -14.13
N LYS B 389 15.80 12.00 -13.41
CA LYS B 389 15.02 13.05 -14.06
C LYS B 389 15.88 13.82 -15.06
N HIS B 390 17.15 14.03 -14.72
CA HIS B 390 18.09 14.73 -15.60
C HIS B 390 18.38 13.93 -16.88
N LEU B 391 18.54 12.60 -16.76
CA LEU B 391 18.73 11.75 -17.92
C LEU B 391 17.56 11.88 -18.89
N GLU B 392 16.35 11.88 -18.36
CA GLU B 392 15.16 12.02 -19.20
C GLU B 392 15.14 13.38 -19.90
N ASN B 393 15.40 14.46 -19.16
CA ASN B 393 15.49 15.79 -19.76
C ASN B 393 16.53 15.82 -20.87
N GLU B 394 17.71 15.24 -20.63
CA GLU B 394 18.79 15.31 -21.62
C GLU B 394 18.51 14.42 -22.83
N GLN B 395 17.89 13.26 -22.63
CA GLN B 395 17.47 12.46 -23.77
C GLN B 395 16.59 13.27 -24.71
N LYS B 396 15.64 14.02 -24.14
CA LYS B 396 14.78 14.89 -24.95
C LYS B 396 15.57 16.06 -25.53
N ALA B 397 16.43 16.68 -24.71
CA ALA B 397 17.07 17.92 -25.13
C ALA B 397 18.18 17.67 -26.15
N ARG B 398 19.05 16.69 -25.88
CA ARG B 398 20.20 16.43 -26.74
C ARG B 398 20.30 15.01 -27.27
N GLY B 399 19.40 14.10 -26.88
CA GLY B 399 19.49 12.75 -27.41
C GLY B 399 20.55 11.91 -26.74
N GLY B 400 20.84 12.20 -25.48
CA GLY B 400 21.82 11.42 -24.75
C GLY B 400 22.43 12.24 -23.64
N CYS B 401 23.17 11.54 -22.79
CA CYS B 401 23.82 12.12 -21.61
C CYS B 401 25.06 11.30 -21.27
N PRO B 402 26.25 11.90 -21.33
CA PRO B 402 27.46 11.19 -20.89
C PRO B 402 27.42 10.94 -19.39
N ALA B 403 27.67 9.69 -19.00
CA ALA B 403 27.51 9.29 -17.61
C ALA B 403 28.42 8.10 -17.33
N ASP B 404 29.12 8.16 -16.19
CA ASP B 404 30.08 7.16 -15.73
C ASP B 404 29.40 6.34 -14.62
N TRP B 405 28.84 5.18 -14.99
CA TRP B 405 28.07 4.36 -14.06
C TRP B 405 28.79 4.18 -12.72
N ALA B 406 30.07 3.81 -12.75
CA ALA B 406 30.77 3.51 -11.50
C ALA B 406 30.86 4.69 -10.56
N TRP B 407 30.76 5.93 -11.05
CA TRP B 407 30.79 7.11 -10.21
C TRP B 407 29.40 7.65 -9.85
N ILE B 408 28.40 7.43 -10.72
CA ILE B 408 27.02 7.83 -10.42
C ILE B 408 26.39 6.91 -9.35
N VAL B 409 26.67 5.61 -9.42
CA VAL B 409 26.12 4.67 -8.43
C VAL B 409 26.78 4.94 -7.09
N PRO B 410 26.00 5.24 -6.05
CA PRO B 410 26.55 5.63 -4.74
C PRO B 410 27.33 4.49 -4.10
N PRO B 411 28.23 4.80 -3.15
CA PRO B 411 29.12 3.76 -2.59
C PRO B 411 28.50 2.85 -1.55
N ILE B 412 27.31 3.15 -1.04
CA ILE B 412 26.51 2.19 -0.28
C ILE B 412 25.15 2.09 -0.96
N SER B 413 24.51 0.95 -0.75
CA SER B 413 23.13 0.70 -1.17
C SER B 413 22.94 0.85 -2.67
N GLY B 414 23.97 0.53 -3.45
CA GLY B 414 23.95 0.83 -4.88
C GLY B 414 22.67 0.40 -5.59
N SER B 415 22.26 -0.85 -5.44
CA SER B 415 21.11 -1.31 -6.20
C SER B 415 19.79 -0.89 -5.58
N LEU B 416 19.84 -0.29 -4.40
CA LEU B 416 18.62 0.30 -3.87
C LEU B 416 18.31 1.62 -4.54
N THR B 417 19.23 2.14 -5.34
CA THR B 417 18.94 3.38 -6.01
C THR B 417 18.64 3.11 -7.48
N PRO B 418 17.91 3.99 -8.16
CA PRO B 418 17.45 3.67 -9.51
C PRO B 418 18.54 3.75 -10.56
N VAL B 419 19.63 4.50 -10.33
CA VAL B 419 20.68 4.58 -11.35
C VAL B 419 21.42 3.26 -11.49
N PHE B 420 21.37 2.40 -10.47
CA PHE B 420 22.02 1.09 -10.59
C PHE B 420 21.51 0.37 -11.82
N HIS B 421 20.20 0.37 -12.03
CA HIS B 421 19.60 -0.42 -13.07
C HIS B 421 19.56 0.30 -14.41
N GLN B 422 20.18 1.48 -14.51
CA GLN B 422 20.19 2.26 -15.75
C GLN B 422 21.52 2.07 -16.46
N GLU B 423 21.49 1.48 -17.65
CA GLU B 423 22.70 1.42 -18.46
C GLU B 423 23.08 2.83 -18.87
N MET B 424 24.39 3.10 -18.95
CA MET B 424 24.90 4.43 -19.23
C MET B 424 26.01 4.34 -20.26
N VAL B 425 26.20 5.45 -21.00
CA VAL B 425 27.23 5.55 -22.03
C VAL B 425 28.16 6.68 -21.62
N ASN B 426 29.45 6.37 -21.52
CA ASN B 426 30.44 7.34 -21.05
C ASN B 426 31.23 7.92 -22.24
N TYR B 427 31.26 9.26 -22.37
CA TYR B 427 32.02 9.88 -23.44
C TYR B 427 32.31 11.35 -23.07
N PHE B 428 33.22 11.96 -23.82
CA PHE B 428 33.75 13.27 -23.49
C PHE B 428 33.17 14.33 -24.43
N LEU B 429 32.43 15.28 -23.89
CA LEU B 429 32.02 16.44 -24.66
C LEU B 429 32.72 17.67 -24.13
N SER B 430 32.73 18.74 -24.95
CA SER B 430 33.29 20.03 -24.60
C SER B 430 32.22 21.10 -24.80
N PRO B 431 32.20 22.17 -23.98
CA PRO B 431 33.03 22.54 -22.82
C PRO B 431 33.17 21.46 -21.73
N ALA B 432 34.27 21.46 -20.97
CA ALA B 432 34.53 20.36 -20.04
C ALA B 432 35.39 20.81 -18.87
N PHE B 433 35.21 20.12 -17.75
CA PHE B 433 36.16 20.13 -16.66
C PHE B 433 37.11 18.94 -16.82
N ARG B 434 38.40 19.23 -16.74
CA ARG B 434 39.44 18.22 -16.95
C ARG B 434 40.40 18.24 -15.77
N TYR B 435 40.92 17.06 -15.45
CA TYR B 435 42.08 16.97 -14.56
C TYR B 435 43.30 17.59 -15.22
N GLN B 436 44.24 18.05 -14.40
CA GLN B 436 45.48 18.65 -14.89
C GLN B 436 46.58 18.29 -13.92
N PRO B 437 47.84 18.36 -14.36
CA PRO B 437 48.94 18.01 -13.44
C PRO B 437 48.99 18.94 -12.25
N ASP B 438 49.49 18.41 -11.14
CA ASP B 438 49.72 19.25 -9.98
C ASP B 438 50.83 20.24 -10.28
N PRO B 439 50.67 21.50 -9.89
CA PRO B 439 51.59 22.55 -10.35
C PRO B 439 52.99 22.45 -9.79
N TRP B 440 53.21 21.61 -8.77
CA TRP B 440 54.54 21.44 -8.19
C TRP B 440 55.22 20.17 -8.72
N LYS C 27 -40.64 0.89 33.45
CA LYS C 27 -41.34 1.79 32.55
C LYS C 27 -40.36 2.81 31.97
N PHE C 28 -39.07 2.64 32.27
CA PHE C 28 -38.02 3.53 31.78
C PHE C 28 -36.97 2.69 31.05
N PRO C 29 -36.94 2.75 29.72
CA PRO C 29 -36.10 1.83 28.95
C PRO C 29 -34.63 1.96 29.32
N ARG C 30 -33.99 0.82 29.53
CA ARG C 30 -32.56 0.76 29.76
C ARG C 30 -31.85 0.86 28.40
N VAL C 31 -30.89 1.77 28.28
CA VAL C 31 -30.15 1.99 27.04
C VAL C 31 -28.67 1.80 27.35
N LYS C 32 -28.03 0.89 26.61
CA LYS C 32 -26.66 0.49 26.82
C LYS C 32 -25.81 0.89 25.62
N ASN C 33 -24.56 1.27 25.88
CA ASN C 33 -23.55 1.42 24.84
C ASN C 33 -22.58 0.26 24.94
N TRP C 34 -22.49 -0.52 23.86
CA TRP C 34 -21.74 -1.79 23.85
C TRP C 34 -20.25 -1.59 23.64
N GLU C 35 -19.80 -0.39 23.29
CA GLU C 35 -18.37 -0.15 23.14
C GLU C 35 -17.74 0.14 24.50
N VAL C 36 -18.48 0.85 25.35
CA VAL C 36 -17.97 1.37 26.62
C VAL C 36 -18.52 0.54 27.75
N GLY C 37 -19.76 0.06 27.59
CA GLY C 37 -20.47 -0.64 28.64
C GLY C 37 -21.37 0.26 29.46
N SER C 38 -21.41 1.55 29.17
CA SER C 38 -22.19 2.49 29.94
C SER C 38 -23.68 2.23 29.76
N ILE C 39 -24.45 2.49 30.83
CA ILE C 39 -25.90 2.32 30.87
C ILE C 39 -26.52 3.67 31.16
N THR C 40 -27.64 3.98 30.49
CA THR C 40 -28.48 5.12 30.85
C THR C 40 -29.95 4.69 30.79
N TYR C 41 -30.83 5.54 31.32
CA TYR C 41 -32.28 5.35 31.24
C TYR C 41 -32.90 6.54 30.53
N ASP C 42 -33.77 6.26 29.55
CA ASP C 42 -34.44 7.32 28.80
C ASP C 42 -35.74 7.63 29.53
N THR C 43 -35.71 8.66 30.37
CA THR C 43 -36.94 9.13 31.00
C THR C 43 -37.73 10.04 30.09
N LEU C 44 -37.09 10.64 29.08
CA LEU C 44 -37.78 11.53 28.16
C LEU C 44 -38.86 10.81 27.36
N SER C 45 -38.69 9.49 27.14
CA SER C 45 -39.62 8.74 26.31
C SER C 45 -41.04 8.78 26.89
N ALA C 46 -41.17 8.96 28.20
CA ALA C 46 -42.48 9.04 28.83
C ALA C 46 -43.32 10.21 28.30
N GLN C 47 -42.69 11.25 27.76
CA GLN C 47 -43.42 12.40 27.24
C GLN C 47 -43.96 12.21 25.84
N ALA C 48 -43.86 10.99 25.28
CA ALA C 48 -44.21 10.75 23.89
C ALA C 48 -45.65 11.13 23.56
N GLN C 49 -45.82 12.18 22.75
CA GLN C 49 -47.14 12.63 22.34
C GLN C 49 -47.74 11.69 21.31
N GLN C 50 -47.51 11.98 20.02
CA GLN C 50 -48.00 11.14 18.93
C GLN C 50 -47.51 9.71 19.10
N ASP C 51 -48.14 8.76 18.42
CA ASP C 51 -47.79 7.36 18.53
C ASP C 51 -47.14 6.87 17.25
N GLY C 52 -46.03 6.16 17.40
CA GLY C 52 -45.33 5.59 16.27
C GLY C 52 -46.03 4.37 15.70
N PRO C 53 -45.37 3.69 14.76
CA PRO C 53 -45.99 2.58 14.03
C PRO C 53 -45.83 1.20 14.65
N CYS C 54 -45.17 1.08 15.80
CA CYS C 54 -44.77 -0.22 16.33
C CYS C 54 -45.76 -0.71 17.39
N THR C 55 -45.91 -2.02 17.48
CA THR C 55 -46.73 -2.63 18.52
C THR C 55 -45.95 -3.77 19.17
N PRO C 56 -46.43 -4.30 20.31
CA PRO C 56 -45.81 -5.51 20.88
C PRO C 56 -45.64 -6.64 19.86
N ARG C 57 -46.53 -6.75 18.87
CA ARG C 57 -46.55 -7.87 17.94
C ARG C 57 -45.59 -7.71 16.75
N ARG C 58 -45.16 -6.49 16.42
CA ARG C 58 -44.23 -6.32 15.29
C ARG C 58 -43.59 -4.95 15.37
N CYS C 59 -42.35 -4.87 14.87
CA CYS C 59 -41.61 -3.61 14.79
C CYS C 59 -41.63 -3.09 13.35
N LEU C 60 -41.96 -1.83 13.18
CA LEU C 60 -41.98 -1.23 11.86
C LEU C 60 -40.96 -0.10 11.73
N GLY C 61 -39.83 -0.21 12.41
CA GLY C 61 -38.86 0.88 12.46
C GLY C 61 -38.14 1.13 11.15
N SER C 62 -37.98 0.11 10.31
CA SER C 62 -37.29 0.26 9.04
C SER C 62 -38.12 0.94 7.96
N LEU C 63 -39.39 1.25 8.20
CA LEU C 63 -40.23 1.82 7.16
C LEU C 63 -39.96 3.32 7.07
N VAL C 64 -39.76 3.82 5.85
CA VAL C 64 -39.45 5.23 5.65
C VAL C 64 -40.63 6.10 6.04
N PHE C 65 -41.81 5.82 5.47
CA PHE C 65 -43.05 6.48 5.85
C PHE C 65 -43.93 5.47 6.57
N PRO C 66 -44.15 5.59 7.88
CA PRO C 66 -44.91 4.62 8.69
C PRO C 66 -46.31 4.34 8.17
N GLU C 81 -59.97 22.24 17.82
CA GLU C 81 -60.52 23.35 18.59
C GLU C 81 -60.11 23.19 20.06
N GLN C 82 -59.76 21.97 20.44
CA GLN C 82 -58.87 21.75 21.57
C GLN C 82 -57.41 21.78 21.16
N LEU C 83 -57.12 22.48 20.06
CA LEU C 83 -55.80 23.05 19.78
C LEU C 83 -55.25 23.79 21.00
N LEU C 84 -56.12 24.14 21.96
CA LEU C 84 -55.67 24.65 23.25
C LEU C 84 -54.74 23.65 23.93
N SER C 85 -55.03 22.36 23.81
CA SER C 85 -54.20 21.32 24.42
C SER C 85 -52.76 21.46 23.98
N GLN C 86 -52.52 21.37 22.66
CA GLN C 86 -51.16 21.44 22.15
C GLN C 86 -50.57 22.84 22.32
N ALA C 87 -51.39 23.89 22.32
CA ALA C 87 -50.88 25.25 22.52
C ALA C 87 -50.48 25.49 23.97
N ARG C 88 -51.26 24.97 24.93
CA ARG C 88 -50.87 25.05 26.33
C ARG C 88 -49.50 24.41 26.55
N ASP C 89 -49.34 23.16 26.09
CA ASP C 89 -48.09 22.43 26.32
C ASP C 89 -46.89 23.19 25.76
N PHE C 90 -47.03 23.72 24.55
CA PHE C 90 -45.90 24.43 23.95
C PHE C 90 -45.56 25.68 24.74
N ILE C 91 -46.57 26.45 25.17
CA ILE C 91 -46.32 27.64 25.97
C ILE C 91 -45.65 27.26 27.30
N ASN C 92 -46.10 26.15 27.90
CA ASN C 92 -45.47 25.68 29.13
C ASN C 92 -44.02 25.29 28.88
N GLN C 93 -43.74 24.65 27.75
CA GLN C 93 -42.35 24.36 27.39
C GLN C 93 -41.53 25.65 27.33
N TYR C 94 -42.01 26.62 26.55
CA TYR C 94 -41.25 27.84 26.30
C TYR C 94 -40.85 28.52 27.61
N TYR C 95 -41.78 28.62 28.55
CA TYR C 95 -41.48 29.31 29.79
C TYR C 95 -40.64 28.45 30.73
N SER C 96 -40.65 27.14 30.57
CA SER C 96 -39.70 26.31 31.29
C SER C 96 -38.28 26.54 30.80
N SER C 97 -38.11 26.68 29.48
CA SER C 97 -36.79 26.85 28.90
C SER C 97 -36.13 28.14 29.37
N ILE C 98 -36.91 29.23 29.55
CA ILE C 98 -36.37 30.50 30.00
C ILE C 98 -36.50 30.66 31.51
N LYS C 99 -36.67 29.57 32.24
CA LYS C 99 -36.74 29.58 33.71
C LYS C 99 -37.83 30.54 34.19
N ARG C 100 -39.00 30.45 33.58
CA ARG C 100 -40.13 31.33 33.90
C ARG C 100 -41.42 30.52 34.06
N SER C 101 -41.33 29.43 34.81
CA SER C 101 -42.51 28.65 35.17
C SER C 101 -43.20 29.29 36.36
N GLY C 102 -44.53 29.29 36.34
CA GLY C 102 -45.30 29.90 37.42
C GLY C 102 -44.96 31.35 37.63
N SER C 103 -45.07 32.14 36.56
CA SER C 103 -44.63 33.53 36.59
C SER C 103 -45.70 34.42 35.99
N GLN C 104 -45.48 35.73 36.14
CA GLN C 104 -46.43 36.75 35.66
C GLN C 104 -46.66 36.61 34.16
N ALA C 105 -45.59 36.72 33.37
CA ALA C 105 -45.72 36.68 31.92
C ALA C 105 -46.20 35.32 31.42
N HIS C 106 -45.84 34.25 32.12
CA HIS C 106 -46.27 32.91 31.74
C HIS C 106 -47.79 32.78 31.80
N GLU C 107 -48.37 33.06 32.96
CA GLU C 107 -49.82 33.04 33.08
C GLU C 107 -50.46 34.09 32.17
N GLN C 108 -49.82 35.27 32.04
CA GLN C 108 -50.27 36.29 31.11
C GLN C 108 -50.41 35.73 29.69
N ARG C 109 -49.35 35.11 29.17
CA ARG C 109 -49.38 34.60 27.80
C ARG C 109 -50.40 33.48 27.63
N LEU C 110 -50.68 32.73 28.71
CA LEU C 110 -51.70 31.67 28.63
C LEU C 110 -53.09 32.25 28.36
N GLN C 111 -53.34 33.50 28.78
CA GLN C 111 -54.67 34.07 28.63
C GLN C 111 -54.93 34.55 27.21
N GLU C 112 -53.94 35.20 26.60
CA GLU C 112 -54.17 35.78 25.28
C GLU C 112 -54.33 34.71 24.21
N VAL C 113 -53.65 33.56 24.36
CA VAL C 113 -53.91 32.45 23.45
C VAL C 113 -55.31 31.90 23.67
N GLU C 114 -55.75 31.83 24.95
CA GLU C 114 -57.14 31.49 25.23
C GLU C 114 -58.09 32.40 24.47
N ALA C 115 -57.94 33.72 24.66
CA ALA C 115 -58.84 34.68 24.02
C ALA C 115 -58.68 34.66 22.50
N GLU C 116 -57.43 34.58 22.01
CA GLU C 116 -57.21 34.52 20.56
C GLU C 116 -57.96 33.35 19.92
N VAL C 117 -57.87 32.16 20.52
CA VAL C 117 -58.62 31.02 20.00
C VAL C 117 -60.11 31.20 20.26
N ALA C 118 -60.48 31.59 21.48
CA ALA C 118 -61.88 31.91 21.76
C ALA C 118 -62.43 32.92 20.75
N ALA C 119 -61.63 33.92 20.39
CA ALA C 119 -62.08 34.91 19.42
C ALA C 119 -62.10 34.34 18.01
N THR C 120 -60.93 33.93 17.51
CA THR C 120 -60.75 33.63 16.09
C THR C 120 -60.54 32.15 15.79
N GLY C 121 -60.51 31.28 16.79
CA GLY C 121 -60.36 29.85 16.53
C GLY C 121 -58.98 29.42 16.10
N THR C 122 -57.96 30.21 16.41
CA THR C 122 -56.56 29.94 16.08
C THR C 122 -55.74 31.01 16.78
N TYR C 123 -54.42 30.96 16.63
CA TYR C 123 -53.60 31.96 17.29
C TYR C 123 -52.28 32.14 16.54
N GLN C 124 -51.63 33.26 16.82
CA GLN C 124 -50.36 33.62 16.23
C GLN C 124 -49.27 33.46 17.27
N LEU C 125 -48.10 32.99 16.85
CA LEU C 125 -46.98 32.82 17.77
C LEU C 125 -46.20 34.12 17.92
N ARG C 126 -45.81 34.42 19.16
CA ARG C 126 -44.79 35.43 19.39
C ARG C 126 -43.51 35.04 18.67
N GLU C 127 -42.82 36.05 18.14
CA GLU C 127 -41.60 35.85 17.38
C GLU C 127 -40.63 34.95 18.11
N SER C 128 -40.45 35.17 19.42
CA SER C 128 -39.50 34.35 20.18
C SER C 128 -40.01 32.93 20.32
N GLU C 129 -41.31 32.76 20.54
CA GLU C 129 -41.90 31.43 20.55
C GLU C 129 -41.71 30.75 19.19
N LEU C 130 -41.85 31.52 18.11
CA LEU C 130 -41.59 30.94 16.80
C LEU C 130 -40.15 30.47 16.69
N VAL C 131 -39.21 31.28 17.19
CA VAL C 131 -37.79 30.89 17.21
C VAL C 131 -37.59 29.65 18.05
N PHE C 132 -38.15 29.63 19.26
CA PHE C 132 -37.94 28.50 20.15
C PHE C 132 -38.53 27.20 19.60
N GLY C 133 -39.68 27.29 18.92
CA GLY C 133 -40.31 26.11 18.37
C GLY C 133 -39.61 25.53 17.15
N ALA C 134 -39.03 26.39 16.31
CA ALA C 134 -38.25 25.91 15.18
C ALA C 134 -37.02 25.15 15.68
N LYS C 135 -36.33 25.71 16.68
CA LYS C 135 -35.20 25.02 17.29
C LYS C 135 -35.62 23.70 17.93
N GLN C 136 -36.80 23.65 18.56
CA GLN C 136 -37.20 22.40 19.22
C GLN C 136 -37.58 21.34 18.20
N ALA C 137 -38.24 21.73 17.10
CA ALA C 137 -38.57 20.75 16.07
C ALA C 137 -37.31 20.08 15.54
N TRP C 138 -36.27 20.87 15.23
CA TRP C 138 -35.00 20.30 14.83
C TRP C 138 -34.43 19.41 15.93
N ARG C 139 -34.44 19.90 17.18
CA ARG C 139 -33.94 19.14 18.33
C ARG C 139 -34.60 17.77 18.44
N ASN C 140 -35.89 17.70 18.09
CA ASN C 140 -36.72 16.52 18.27
C ASN C 140 -36.72 15.59 17.06
N ALA C 141 -36.06 15.96 15.96
CA ALA C 141 -36.01 15.14 14.75
C ALA C 141 -35.23 13.85 14.99
N PRO C 142 -35.88 12.69 15.14
CA PRO C 142 -35.12 11.48 15.49
C PRO C 142 -34.14 11.05 14.43
N ARG C 143 -34.40 11.33 13.16
CA ARG C 143 -33.54 10.86 12.09
C ARG C 143 -32.36 11.78 11.80
N CYS C 144 -32.25 12.93 12.47
CA CYS C 144 -31.19 13.88 12.16
C CYS C 144 -29.96 13.62 13.03
N VAL C 145 -28.83 13.34 12.37
CA VAL C 145 -27.55 13.17 13.04
C VAL C 145 -26.81 14.48 13.28
N GLY C 146 -27.27 15.60 12.70
CA GLY C 146 -26.65 16.90 12.87
C GLY C 146 -27.14 17.74 14.03
N ARG C 147 -27.86 17.15 14.98
CA ARG C 147 -28.57 17.95 15.98
C ARG C 147 -27.68 18.59 17.05
N ILE C 148 -26.39 18.26 17.13
CA ILE C 148 -25.48 18.92 18.07
C ILE C 148 -25.53 20.43 17.82
N GLN C 149 -25.93 20.82 16.61
CA GLN C 149 -26.04 22.21 16.18
C GLN C 149 -27.41 22.81 16.44
N TRP C 150 -28.31 22.11 17.14
CA TRP C 150 -29.70 22.53 17.13
C TRP C 150 -29.90 23.93 17.69
N GLY C 151 -29.07 24.33 18.66
CA GLY C 151 -29.27 25.63 19.29
C GLY C 151 -28.87 26.83 18.45
N LYS C 152 -28.12 26.60 17.38
CA LYS C 152 -27.63 27.64 16.47
C LYS C 152 -28.43 27.53 15.17
N LEU C 153 -29.57 28.21 15.14
CA LEU C 153 -30.44 28.19 13.96
C LEU C 153 -30.95 29.59 13.70
N GLN C 154 -30.93 29.99 12.43
CA GLN C 154 -31.36 31.32 12.00
C GLN C 154 -32.78 31.23 11.46
N VAL C 155 -33.72 31.85 12.17
CA VAL C 155 -35.15 31.74 11.88
C VAL C 155 -35.61 33.01 11.17
N PHE C 156 -35.95 32.88 9.88
CA PHE C 156 -36.51 33.98 9.12
C PHE C 156 -38.03 33.88 9.13
N ASP C 157 -38.69 34.98 9.41
CA ASP C 157 -40.13 35.02 9.69
C ASP C 157 -40.85 35.59 8.47
N ALA C 158 -41.33 34.70 7.61
CA ALA C 158 -42.10 35.10 6.43
C ALA C 158 -43.60 34.96 6.65
N ARG C 159 -44.05 35.08 7.90
CA ARG C 159 -45.45 34.86 8.21
C ARG C 159 -46.37 35.89 7.58
N ASP C 160 -45.85 37.04 7.15
CA ASP C 160 -46.66 38.03 6.44
C ASP C 160 -46.40 37.98 4.94
N CYS C 161 -46.48 36.78 4.37
CA CYS C 161 -46.23 36.56 2.96
C CYS C 161 -47.55 36.38 2.21
N ARG C 162 -47.56 36.79 0.95
CA ARG C 162 -48.67 36.51 0.04
C ARG C 162 -48.18 36.61 -1.38
N SER C 163 -48.60 35.66 -2.23
CA SER C 163 -48.21 35.46 -3.62
C SER C 163 -46.83 34.81 -3.74
N ALA C 164 -46.69 33.90 -4.72
CA ALA C 164 -45.43 33.22 -4.94
C ALA C 164 -44.30 34.17 -5.33
N GLN C 165 -44.63 35.37 -5.81
CA GLN C 165 -43.62 36.38 -6.03
C GLN C 165 -42.87 36.69 -4.73
N GLU C 166 -43.60 36.80 -3.62
CA GLU C 166 -42.99 37.08 -2.33
C GLU C 166 -42.15 35.90 -1.85
N MET C 167 -42.72 34.69 -1.88
CA MET C 167 -41.97 33.51 -1.49
C MET C 167 -40.61 33.49 -2.18
N PHE C 168 -40.61 33.69 -3.50
CA PHE C 168 -39.38 33.60 -4.27
C PHE C 168 -38.28 34.50 -3.70
N THR C 169 -38.62 35.76 -3.39
CA THR C 169 -37.62 36.65 -2.80
C THR C 169 -37.26 36.20 -1.39
N TYR C 170 -38.25 35.75 -0.61
CA TYR C 170 -37.96 35.16 0.70
C TYR C 170 -37.03 33.97 0.57
N ILE C 171 -37.34 33.06 -0.36
CA ILE C 171 -36.53 31.87 -0.56
C ILE C 171 -35.15 32.26 -1.06
N CYS C 172 -35.08 33.32 -1.86
CA CYS C 172 -33.79 33.75 -2.39
C CYS C 172 -32.95 34.45 -1.33
N ASN C 173 -33.58 35.14 -0.39
CA ASN C 173 -32.84 35.70 0.74
C ASN C 173 -32.18 34.58 1.52
N HIS C 174 -32.99 33.61 1.95
CA HIS C 174 -32.53 32.41 2.63
C HIS C 174 -31.33 31.78 1.93
N ILE C 175 -31.52 31.34 0.69
CA ILE C 175 -30.48 30.68 -0.07
C ILE C 175 -29.18 31.47 -0.04
N LYS C 176 -29.28 32.79 -0.28
CA LYS C 176 -28.10 33.63 -0.22
C LYS C 176 -27.51 33.69 1.19
N TYR C 177 -28.37 33.78 2.21
CA TYR C 177 -27.87 33.80 3.58
C TYR C 177 -27.34 32.44 3.99
N ALA C 178 -28.09 31.37 3.67
CA ALA C 178 -27.63 30.04 4.00
C ALA C 178 -26.30 29.73 3.33
N THR C 179 -26.19 29.99 2.02
CA THR C 179 -24.99 29.63 1.30
C THR C 179 -23.79 30.43 1.79
N ASN C 180 -23.91 31.76 1.85
CA ASN C 180 -22.89 32.58 2.51
C ASN C 180 -21.51 32.34 1.92
N ARG C 181 -21.45 32.26 0.59
CA ARG C 181 -20.20 32.08 -0.14
C ARG C 181 -19.48 30.78 0.23
N GLY C 182 -20.21 29.80 0.75
CA GLY C 182 -19.63 28.53 1.10
C GLY C 182 -19.44 28.30 2.59
N ASN C 183 -19.44 29.35 3.40
CA ASN C 183 -19.42 29.17 4.85
C ASN C 183 -20.87 29.01 5.30
N LEU C 184 -21.35 27.77 5.22
CA LEU C 184 -22.79 27.51 5.32
C LEU C 184 -23.33 27.76 6.73
N ARG C 185 -24.55 28.29 6.78
CA ARG C 185 -25.22 28.65 8.02
C ARG C 185 -26.62 28.03 8.04
N SER C 186 -26.95 27.32 9.13
CA SER C 186 -28.28 26.71 9.26
C SER C 186 -29.37 27.77 9.27
N ALA C 187 -30.50 27.46 8.66
CA ALA C 187 -31.52 28.49 8.50
C ALA C 187 -32.85 27.86 8.11
N ILE C 188 -33.94 28.47 8.58
CA ILE C 188 -35.30 28.11 8.19
C ILE C 188 -36.10 29.39 7.97
N THR C 189 -36.91 29.39 6.90
CA THR C 189 -37.84 30.49 6.60
C THR C 189 -39.25 29.96 6.78
N VAL C 190 -40.03 30.61 7.66
CA VAL C 190 -41.34 30.12 8.04
C VAL C 190 -42.41 30.97 7.36
N PHE C 191 -43.05 30.40 6.36
CA PHE C 191 -44.12 31.05 5.63
C PHE C 191 -45.43 30.95 6.42
N PRO C 192 -46.49 31.65 5.99
CA PRO C 192 -47.71 31.73 6.82
C PRO C 192 -48.30 30.38 7.16
N GLN C 193 -48.88 30.30 8.35
CA GLN C 193 -49.48 29.05 8.80
C GLN C 193 -50.77 28.78 8.06
N ARG C 194 -51.29 27.58 8.27
CA ARG C 194 -52.54 27.14 7.69
C ARG C 194 -53.70 27.60 8.56
N CYS C 195 -54.84 27.87 7.93
CA CYS C 195 -56.09 28.14 8.62
C CYS C 195 -57.24 27.89 7.65
N PRO C 196 -58.40 27.43 8.14
CA PRO C 196 -59.39 26.79 7.26
C PRO C 196 -60.09 27.74 6.28
N GLY C 197 -60.94 27.17 5.43
CA GLY C 197 -61.63 27.92 4.39
C GLY C 197 -60.70 28.69 3.48
N ARG C 198 -59.42 28.34 3.48
CA ARG C 198 -58.38 29.16 2.87
C ARG C 198 -57.18 28.29 2.56
N GLY C 199 -56.45 28.65 1.50
CA GLY C 199 -55.43 27.79 0.94
C GLY C 199 -54.15 27.71 1.76
N ASP C 200 -53.20 26.95 1.20
CA ASP C 200 -51.92 26.68 1.85
C ASP C 200 -50.79 27.24 1.01
N PHE C 201 -49.76 27.73 1.69
CA PHE C 201 -48.47 27.91 1.04
C PHE C 201 -47.80 26.55 0.93
N ARG C 202 -47.29 26.23 -0.26
CA ARG C 202 -46.60 24.97 -0.48
C ARG C 202 -45.48 25.18 -1.50
N ILE C 203 -44.34 24.57 -1.23
CA ILE C 203 -43.27 24.44 -2.22
C ILE C 203 -43.37 23.05 -2.82
N TRP C 204 -43.51 22.96 -4.14
CA TRP C 204 -43.75 21.67 -4.76
C TRP C 204 -42.47 20.85 -4.93
N ASN C 205 -41.31 21.50 -4.93
CA ASN C 205 -40.06 20.77 -4.99
C ASN C 205 -39.77 20.12 -3.64
N SER C 206 -39.12 18.95 -3.68
CA SER C 206 -38.71 18.30 -2.45
C SER C 206 -37.60 19.08 -1.75
N GLN C 207 -36.63 19.57 -2.51
CA GLN C 207 -35.60 20.46 -1.99
C GLN C 207 -35.57 21.72 -2.85
N LEU C 208 -34.82 22.73 -2.40
CA LEU C 208 -34.74 23.96 -3.17
C LEU C 208 -33.80 23.82 -4.35
N VAL C 209 -32.76 23.00 -4.22
CA VAL C 209 -31.84 22.71 -5.31
C VAL C 209 -31.98 21.23 -5.65
N ARG C 210 -32.46 20.95 -6.86
CA ARG C 210 -32.65 19.58 -7.32
C ARG C 210 -32.25 19.49 -8.78
N TYR C 211 -31.63 18.37 -9.16
CA TYR C 211 -31.25 18.15 -10.55
C TYR C 211 -32.36 17.44 -11.31
N ALA C 212 -32.48 17.80 -12.58
CA ALA C 212 -33.55 17.26 -13.41
C ALA C 212 -33.28 15.79 -13.75
N GLY C 213 -34.37 15.07 -13.97
CA GLY C 213 -34.30 13.70 -14.49
C GLY C 213 -35.16 13.56 -15.72
N TYR C 214 -34.54 13.38 -16.88
CA TYR C 214 -35.23 13.32 -18.16
C TYR C 214 -35.36 11.87 -18.60
N ARG C 215 -36.57 11.43 -18.91
CA ARG C 215 -36.76 10.07 -19.40
C ARG C 215 -36.34 9.99 -20.87
N GLN C 216 -36.28 8.77 -21.38
CA GLN C 216 -35.73 8.49 -22.69
C GLN C 216 -36.73 7.71 -23.55
N GLN C 217 -36.43 7.67 -24.85
CA GLN C 217 -37.13 6.80 -25.80
C GLN C 217 -36.56 5.38 -25.81
N ASP C 218 -35.61 5.09 -24.91
CA ASP C 218 -35.24 3.72 -24.57
C ASP C 218 -35.48 3.43 -23.09
N GLY C 219 -36.23 4.29 -22.40
CA GLY C 219 -36.64 4.02 -21.03
C GLY C 219 -35.85 4.73 -19.96
N SER C 220 -34.52 4.57 -19.97
CA SER C 220 -33.67 5.03 -18.87
C SER C 220 -33.73 6.53 -18.67
N VAL C 221 -33.03 7.01 -17.64
CA VAL C 221 -33.11 8.39 -17.19
C VAL C 221 -31.75 9.06 -17.39
N ARG C 222 -31.77 10.27 -17.93
CA ARG C 222 -30.62 11.17 -17.93
C ARG C 222 -30.84 12.20 -16.83
N GLY C 223 -29.85 12.35 -15.95
CA GLY C 223 -30.00 13.19 -14.77
C GLY C 223 -30.28 12.41 -13.50
N ASP C 224 -31.15 12.93 -12.64
CA ASP C 224 -31.44 12.31 -11.35
C ASP C 224 -32.76 11.54 -11.41
N PRO C 225 -32.75 10.20 -11.28
CA PRO C 225 -34.03 9.46 -11.30
C PRO C 225 -34.97 9.80 -10.15
N ALA C 226 -34.45 10.28 -9.01
CA ALA C 226 -35.32 10.71 -7.93
C ALA C 226 -36.26 11.84 -8.34
N ASN C 227 -35.87 12.64 -9.34
CA ASN C 227 -36.60 13.85 -9.70
C ASN C 227 -37.21 13.77 -11.09
N VAL C 228 -37.55 12.57 -11.56
CA VAL C 228 -38.24 12.46 -12.83
C VAL C 228 -39.65 13.05 -12.74
N GLU C 229 -40.31 12.89 -11.59
CA GLU C 229 -41.69 13.35 -11.44
C GLU C 229 -41.78 14.87 -11.45
N ILE C 230 -41.03 15.54 -10.57
CA ILE C 230 -41.11 17.00 -10.54
C ILE C 230 -40.62 17.61 -11.85
N THR C 231 -39.67 16.96 -12.52
CA THR C 231 -39.17 17.48 -13.79
C THR C 231 -40.26 17.53 -14.85
N GLU C 232 -41.11 16.50 -14.90
CA GLU C 232 -42.19 16.50 -15.88
C GLU C 232 -43.34 17.41 -15.45
N LEU C 233 -43.37 17.84 -14.19
CA LEU C 233 -44.27 18.93 -13.82
C LEU C 233 -43.71 20.27 -14.28
N CYS C 234 -42.41 20.51 -14.04
CA CYS C 234 -41.81 21.76 -14.48
C CYS C 234 -41.95 21.96 -15.97
N ILE C 235 -41.77 20.89 -16.74
CA ILE C 235 -41.98 20.97 -18.18
C ILE C 235 -43.46 21.16 -18.48
N GLN C 236 -44.33 20.53 -17.69
CA GLN C 236 -45.77 20.68 -17.88
C GLN C 236 -46.21 22.13 -17.71
N HIS C 237 -45.54 22.88 -16.83
CA HIS C 237 -45.87 24.28 -16.57
C HIS C 237 -44.99 25.24 -17.36
N GLY C 238 -44.32 24.77 -18.40
CA GLY C 238 -43.66 25.65 -19.33
C GLY C 238 -42.18 25.90 -19.11
N TRP C 239 -41.45 24.92 -18.60
CA TRP C 239 -40.00 25.03 -18.46
C TRP C 239 -39.32 24.40 -19.66
N THR C 240 -38.34 25.09 -20.21
CA THR C 240 -37.50 24.57 -21.28
C THR C 240 -36.51 23.55 -20.71
N PRO C 241 -36.65 22.27 -21.02
CA PRO C 241 -35.71 21.28 -20.48
C PRO C 241 -34.34 21.40 -21.12
N GLY C 242 -33.32 21.02 -20.34
CA GLY C 242 -31.96 20.94 -20.83
C GLY C 242 -31.62 19.56 -21.35
N ASN C 243 -30.33 19.36 -21.60
CA ASN C 243 -29.85 18.11 -22.18
C ASN C 243 -29.12 17.22 -21.18
N GLY C 244 -28.44 17.80 -20.19
CA GLY C 244 -27.42 17.08 -19.44
C GLY C 244 -27.93 16.37 -18.18
N ARG C 245 -26.96 15.94 -17.37
CA ARG C 245 -27.18 15.16 -16.16
C ARG C 245 -27.23 16.00 -14.89
N PHE C 246 -26.98 17.31 -14.98
CA PHE C 246 -26.93 18.17 -13.80
C PHE C 246 -27.58 19.51 -14.07
N ASP C 247 -28.69 19.51 -14.81
CA ASP C 247 -29.49 20.71 -14.95
C ASP C 247 -30.27 20.95 -13.67
N VAL C 248 -30.13 22.15 -13.12
CA VAL C 248 -30.85 22.53 -11.90
C VAL C 248 -32.30 22.84 -12.25
N LEU C 249 -33.22 22.22 -11.52
CA LEU C 249 -34.64 22.42 -11.79
C LEU C 249 -35.06 23.85 -11.41
N PRO C 250 -36.11 24.36 -12.06
CA PRO C 250 -36.76 25.58 -11.56
C PRO C 250 -37.57 25.27 -10.30
N LEU C 251 -38.00 26.34 -9.63
CA LEU C 251 -38.87 26.23 -8.48
C LEU C 251 -40.33 26.30 -8.92
N LEU C 252 -41.19 25.58 -8.20
CA LEU C 252 -42.63 25.62 -8.42
C LEU C 252 -43.27 26.06 -7.11
N LEU C 253 -43.48 27.37 -6.96
CA LEU C 253 -44.02 27.94 -5.75
C LEU C 253 -45.50 28.24 -5.92
N GLN C 254 -46.29 27.92 -4.90
CA GLN C 254 -47.75 27.94 -4.99
C GLN C 254 -48.31 28.78 -3.84
N ALA C 255 -48.91 29.91 -4.20
CA ALA C 255 -49.64 30.73 -3.24
C ALA C 255 -51.02 30.12 -2.99
N PRO C 256 -51.67 30.47 -1.88
CA PRO C 256 -52.97 29.86 -1.55
C PRO C 256 -54.01 30.09 -2.65
N ASP C 257 -54.77 29.03 -2.93
CA ASP C 257 -55.91 29.07 -3.84
C ASP C 257 -55.53 29.62 -5.22
N GLU C 258 -54.29 29.37 -5.64
CA GLU C 258 -53.84 29.71 -6.97
C GLU C 258 -52.91 28.60 -7.44
N PRO C 259 -53.00 28.20 -8.72
CA PRO C 259 -52.07 27.22 -9.27
C PRO C 259 -50.64 27.71 -9.16
N PRO C 260 -49.65 26.82 -9.29
CA PRO C 260 -48.26 27.20 -9.03
C PRO C 260 -47.72 28.12 -10.10
N GLU C 261 -46.51 28.62 -9.85
CA GLU C 261 -45.81 29.53 -10.74
C GLU C 261 -44.34 29.14 -10.83
N LEU C 262 -43.82 29.03 -12.05
CA LEU C 262 -42.42 28.66 -12.25
C LEU C 262 -41.49 29.83 -11.97
N PHE C 263 -40.38 29.54 -11.29
CA PHE C 263 -39.34 30.52 -11.00
C PHE C 263 -37.98 29.93 -11.32
N LEU C 264 -37.19 30.67 -12.11
CA LEU C 264 -35.84 30.28 -12.47
C LEU C 264 -34.88 30.76 -11.39
N LEU C 265 -34.11 29.84 -10.82
CA LEU C 265 -33.20 30.28 -9.78
C LEU C 265 -32.02 31.04 -10.40
N PRO C 266 -31.65 32.18 -9.83
CA PRO C 266 -30.47 32.91 -10.31
C PRO C 266 -29.26 32.00 -10.35
N PRO C 267 -28.58 31.92 -11.50
CA PRO C 267 -27.41 31.05 -11.60
C PRO C 267 -26.33 31.31 -10.56
N GLU C 268 -26.03 32.58 -10.30
CA GLU C 268 -25.00 32.91 -9.30
C GLU C 268 -25.46 32.62 -7.88
N LEU C 269 -26.72 32.22 -7.68
CA LEU C 269 -27.24 31.95 -6.35
C LEU C 269 -27.15 30.48 -5.97
N VAL C 270 -26.95 29.60 -6.94
CA VAL C 270 -26.89 28.17 -6.70
C VAL C 270 -25.41 27.79 -6.75
N LEU C 271 -24.81 27.67 -5.57
CA LEU C 271 -23.41 27.26 -5.49
C LEU C 271 -23.28 25.75 -5.70
N GLU C 272 -22.42 25.37 -6.64
CA GLU C 272 -22.18 23.96 -6.94
C GLU C 272 -20.70 23.64 -6.86
N VAL C 273 -20.39 22.36 -6.66
CA VAL C 273 -19.02 21.91 -6.49
C VAL C 273 -18.69 20.86 -7.54
N PRO C 274 -17.79 21.16 -8.48
CA PRO C 274 -17.35 20.12 -9.42
C PRO C 274 -16.51 19.09 -8.68
N LEU C 275 -16.74 17.82 -8.97
CA LEU C 275 -16.09 16.75 -8.22
C LEU C 275 -14.82 16.32 -8.93
N GLU C 276 -13.73 16.30 -8.18
CA GLU C 276 -12.45 15.73 -8.61
C GLU C 276 -11.88 14.93 -7.45
N HIS C 277 -10.91 14.10 -7.75
CA HIS C 277 -10.28 13.27 -6.73
C HIS C 277 -8.83 13.71 -6.54
N PRO C 278 -8.31 13.70 -5.31
CA PRO C 278 -6.95 14.22 -5.10
C PRO C 278 -5.86 13.47 -5.88
N THR C 279 -5.95 12.14 -6.01
CA THR C 279 -4.89 11.42 -6.69
C THR C 279 -5.32 10.76 -8.00
N LEU C 280 -6.63 10.62 -8.25
CA LEU C 280 -7.14 9.98 -9.46
C LEU C 280 -7.54 11.09 -10.44
N GLU C 281 -6.57 11.51 -11.26
CA GLU C 281 -6.77 12.66 -12.14
C GLU C 281 -7.99 12.49 -13.05
N TRP C 282 -8.27 11.26 -13.50
CA TRP C 282 -9.37 11.04 -14.44
C TRP C 282 -10.75 11.29 -13.83
N PHE C 283 -10.86 11.31 -12.50
CA PHE C 283 -12.17 11.46 -11.87
C PHE C 283 -12.88 12.73 -12.34
N ALA C 284 -12.13 13.84 -12.42
CA ALA C 284 -12.69 15.11 -12.87
C ALA C 284 -13.33 14.97 -14.25
N ALA C 285 -12.81 14.06 -15.08
CA ALA C 285 -13.29 13.94 -16.45
C ALA C 285 -14.68 13.34 -16.49
N LEU C 286 -15.06 12.58 -15.47
CA LEU C 286 -16.42 12.06 -15.40
C LEU C 286 -17.46 13.17 -15.33
N GLY C 287 -17.06 14.43 -15.16
CA GLY C 287 -18.02 15.54 -15.15
C GLY C 287 -19.02 15.54 -14.01
N LEU C 288 -18.70 14.91 -12.88
CA LEU C 288 -19.64 14.91 -11.76
C LEU C 288 -19.59 16.24 -11.01
N ARG C 289 -20.76 16.67 -10.54
CA ARG C 289 -20.91 17.85 -9.69
C ARG C 289 -21.99 17.56 -8.66
N TRP C 290 -22.01 18.35 -7.58
CA TRP C 290 -23.17 18.40 -6.68
C TRP C 290 -23.28 19.81 -6.13
N TYR C 291 -24.44 20.12 -5.54
CA TYR C 291 -24.69 21.46 -5.05
C TYR C 291 -24.34 21.58 -3.56
N ALA C 292 -24.21 22.83 -3.11
CA ALA C 292 -23.70 23.11 -1.78
C ALA C 292 -24.79 23.05 -0.71
N LEU C 293 -25.98 23.50 -1.02
CA LEU C 293 -26.98 23.76 0.01
C LEU C 293 -28.00 22.64 0.07
N PRO C 294 -28.01 21.81 1.12
CA PRO C 294 -29.12 20.86 1.32
C PRO C 294 -30.28 21.59 1.98
N ALA C 295 -31.34 21.81 1.21
CA ALA C 295 -32.45 22.65 1.64
C ALA C 295 -33.76 21.91 1.43
N VAL C 296 -34.28 21.32 2.51
CA VAL C 296 -35.50 20.52 2.46
C VAL C 296 -36.71 21.46 2.43
N SER C 297 -37.54 21.33 1.39
CA SER C 297 -38.59 22.31 1.14
C SER C 297 -39.98 21.69 1.03
N ASN C 298 -40.20 20.49 1.59
CA ASN C 298 -41.53 19.91 1.46
C ASN C 298 -42.04 19.34 2.78
N MET C 299 -41.48 19.73 3.91
CA MET C 299 -41.94 19.19 5.18
C MET C 299 -42.78 20.22 5.92
N LEU C 300 -43.62 19.70 6.80
CA LEU C 300 -44.60 20.51 7.51
C LEU C 300 -44.07 20.74 8.92
N LEU C 301 -43.80 22.00 9.24
CA LEU C 301 -43.44 22.38 10.59
C LEU C 301 -44.71 22.54 11.42
N GLU C 302 -44.71 21.93 12.61
CA GLU C 302 -45.86 21.97 13.49
C GLU C 302 -45.40 22.43 14.85
N ILE C 303 -45.95 23.55 15.32
CA ILE C 303 -45.60 24.13 16.61
C ILE C 303 -46.89 24.48 17.36
N GLY C 304 -47.00 23.99 18.59
CA GLY C 304 -48.09 24.42 19.47
C GLY C 304 -49.47 24.25 18.88
N GLY C 305 -49.68 23.16 18.14
CA GLY C 305 -50.92 22.96 17.43
C GLY C 305 -51.01 23.69 16.11
N LEU C 306 -50.13 24.64 15.84
CA LEU C 306 -50.13 25.34 14.57
C LEU C 306 -49.32 24.55 13.56
N GLU C 307 -49.66 24.72 12.28
CA GLU C 307 -49.05 23.95 11.20
C GLU C 307 -48.59 24.89 10.11
N PHE C 308 -47.35 24.71 9.66
CA PHE C 308 -46.76 25.54 8.62
C PHE C 308 -46.38 24.65 7.44
N PRO C 309 -47.30 24.40 6.50
CA PRO C 309 -46.99 23.56 5.34
C PRO C 309 -45.79 24.01 4.52
N ALA C 310 -45.38 25.27 4.68
CA ALA C 310 -44.21 25.81 3.99
C ALA C 310 -43.29 26.40 5.05
N ALA C 311 -42.18 25.71 5.32
CA ALA C 311 -41.11 26.13 6.22
C ALA C 311 -39.79 25.50 5.80
N PRO C 312 -39.17 25.98 4.73
CA PRO C 312 -37.91 25.35 4.27
C PRO C 312 -36.77 25.58 5.24
N PHE C 313 -36.08 24.50 5.60
CA PHE C 313 -34.91 24.55 6.47
C PHE C 313 -33.67 24.03 5.73
N SER C 314 -32.49 24.48 6.17
CA SER C 314 -31.27 24.10 5.47
C SER C 314 -30.11 24.02 6.44
N GLY C 315 -29.11 23.21 6.07
CA GLY C 315 -27.91 23.06 6.87
C GLY C 315 -26.67 22.97 6.00
N TRP C 316 -25.81 21.98 6.26
CA TRP C 316 -24.74 21.63 5.35
C TRP C 316 -24.70 20.11 5.25
N TYR C 317 -24.13 19.60 4.16
CA TYR C 317 -24.17 18.17 3.87
C TYR C 317 -23.23 17.38 4.76
N MET C 318 -23.62 16.14 5.07
CA MET C 318 -22.69 15.11 5.46
C MET C 318 -22.26 14.35 4.20
N SER C 319 -20.98 13.99 4.12
CA SER C 319 -20.44 13.58 2.83
C SER C 319 -21.10 12.30 2.30
N THR C 320 -21.49 11.37 3.18
CA THR C 320 -22.11 10.16 2.66
C THR C 320 -23.46 10.41 1.99
N GLU C 321 -24.12 11.54 2.31
CA GLU C 321 -25.39 11.82 1.64
C GLU C 321 -25.19 11.99 0.14
N ILE C 322 -24.13 12.70 -0.23
CA ILE C 322 -23.77 12.91 -1.63
C ILE C 322 -23.04 11.70 -2.18
N GLY C 323 -21.90 11.37 -1.57
CA GLY C 323 -21.03 10.34 -2.12
C GLY C 323 -21.68 8.97 -2.14
N THR C 324 -22.31 8.60 -1.02
CA THR C 324 -22.82 7.24 -0.94
C THR C 324 -24.23 7.09 -1.51
N ARG C 325 -25.20 7.90 -1.06
CA ARG C 325 -26.59 7.70 -1.50
C ARG C 325 -26.86 8.31 -2.87
N ASN C 326 -26.57 9.62 -3.03
CA ASN C 326 -26.95 10.31 -4.26
C ASN C 326 -26.19 9.79 -5.46
N LEU C 327 -24.90 9.52 -5.31
CA LEU C 327 -24.10 9.09 -6.46
C LEU C 327 -24.11 7.59 -6.65
N CYS C 328 -24.31 6.80 -5.59
CA CYS C 328 -24.12 5.34 -5.68
C CYS C 328 -25.37 4.50 -5.46
N ASP C 329 -26.50 5.06 -5.07
CA ASP C 329 -27.70 4.24 -5.00
C ASP C 329 -28.05 3.71 -6.40
N PRO C 330 -28.48 2.45 -6.52
CA PRO C 330 -28.81 1.92 -7.84
C PRO C 330 -29.90 2.70 -8.54
N HIS C 331 -30.78 3.35 -7.78
CA HIS C 331 -31.87 4.12 -8.35
C HIS C 331 -31.59 5.61 -8.31
N ARG C 332 -30.36 6.01 -8.03
CA ARG C 332 -29.96 7.40 -8.06
C ARG C 332 -29.00 7.58 -9.26
N TYR C 333 -27.85 8.22 -9.11
CA TYR C 333 -26.98 8.35 -10.27
C TYR C 333 -26.24 7.05 -10.60
N ASN C 334 -26.16 6.08 -9.65
CA ASN C 334 -25.70 4.72 -9.91
C ASN C 334 -24.36 4.68 -10.69
N ILE C 335 -23.37 5.44 -10.19
CA ILE C 335 -22.09 5.55 -10.89
C ILE C 335 -21.06 4.51 -10.44
N LEU C 336 -21.41 3.66 -9.50
CA LEU C 336 -20.41 2.85 -8.82
C LEU C 336 -19.59 2.00 -9.81
N GLU C 337 -20.26 1.40 -10.79
CA GLU C 337 -19.54 0.59 -11.77
C GLU C 337 -18.64 1.45 -12.66
N ASP C 338 -19.10 2.64 -13.03
CA ASP C 338 -18.30 3.47 -13.92
C ASP C 338 -16.99 3.89 -13.26
N VAL C 339 -17.03 4.23 -11.97
CA VAL C 339 -15.83 4.58 -11.23
C VAL C 339 -14.93 3.35 -11.07
N ALA C 340 -15.52 2.17 -10.88
CA ALA C 340 -14.72 0.96 -10.68
C ALA C 340 -14.02 0.53 -11.98
N VAL C 341 -14.67 0.70 -13.12
CA VAL C 341 -13.99 0.44 -14.40
C VAL C 341 -12.77 1.34 -14.55
N CYS C 342 -12.88 2.61 -14.13
CA CYS C 342 -11.77 3.55 -14.24
C CYS C 342 -10.65 3.27 -13.26
N MET C 343 -10.94 2.62 -12.14
CA MET C 343 -9.90 2.19 -11.22
C MET C 343 -9.31 0.84 -11.61
N ASP C 344 -9.81 0.23 -12.68
CA ASP C 344 -9.40 -1.12 -13.12
C ASP C 344 -9.60 -2.16 -12.02
N LEU C 345 -10.75 -2.10 -11.35
CA LEU C 345 -11.07 -3.07 -10.30
C LEU C 345 -11.70 -4.33 -10.90
N ASP C 346 -11.61 -5.44 -10.17
CA ASP C 346 -12.14 -6.70 -10.67
C ASP C 346 -13.64 -6.73 -10.42
N THR C 347 -14.41 -6.19 -11.35
CA THR C 347 -15.85 -6.16 -11.18
C THR C 347 -16.54 -7.50 -11.46
N ARG C 348 -15.81 -8.57 -11.71
CA ARG C 348 -16.45 -9.83 -12.08
C ARG C 348 -16.57 -10.80 -10.90
N THR C 349 -16.14 -10.40 -9.70
CA THR C 349 -16.35 -11.19 -8.50
C THR C 349 -16.70 -10.25 -7.34
N THR C 350 -17.78 -10.55 -6.61
CA THR C 350 -18.17 -9.67 -5.51
C THR C 350 -17.14 -9.69 -4.39
N SER C 351 -16.37 -10.77 -4.29
CA SER C 351 -15.47 -10.98 -3.16
C SER C 351 -14.20 -10.17 -3.27
N SER C 352 -13.98 -9.52 -4.42
CA SER C 352 -12.91 -8.54 -4.55
C SER C 352 -13.24 -7.23 -3.83
N LEU C 353 -14.49 -7.05 -3.39
CA LEU C 353 -14.96 -5.84 -2.72
C LEU C 353 -14.74 -4.59 -3.58
N TRP C 354 -14.81 -4.75 -4.91
CA TRP C 354 -14.69 -3.59 -5.79
C TRP C 354 -15.74 -2.53 -5.51
N LYS C 355 -16.94 -2.92 -5.09
CA LYS C 355 -17.95 -1.92 -4.77
C LYS C 355 -17.52 -1.08 -3.59
N ASP C 356 -17.08 -1.74 -2.52
CA ASP C 356 -16.62 -1.03 -1.34
C ASP C 356 -15.46 -0.10 -1.67
N LYS C 357 -14.51 -0.56 -2.49
CA LYS C 357 -13.33 0.25 -2.81
C LYS C 357 -13.71 1.47 -3.65
N ALA C 358 -14.61 1.29 -4.63
CA ALA C 358 -15.00 2.42 -5.45
C ALA C 358 -15.82 3.43 -4.65
N ALA C 359 -16.69 2.94 -3.76
CA ALA C 359 -17.51 3.84 -2.96
C ALA C 359 -16.64 4.68 -2.03
N VAL C 360 -15.61 4.08 -1.43
CA VAL C 360 -14.78 4.85 -0.51
C VAL C 360 -14.10 6.00 -1.26
N GLU C 361 -13.64 5.74 -2.49
CA GLU C 361 -12.96 6.77 -3.26
C GLU C 361 -13.92 7.88 -3.70
N ILE C 362 -15.16 7.54 -3.99
CA ILE C 362 -16.15 8.56 -4.34
C ILE C 362 -16.39 9.47 -3.14
N ASN C 363 -16.47 8.91 -1.94
CA ASN C 363 -16.60 9.75 -0.74
C ASN C 363 -15.34 10.60 -0.53
N VAL C 364 -14.15 10.02 -0.78
CA VAL C 364 -12.92 10.80 -0.71
C VAL C 364 -12.98 11.99 -1.65
N ALA C 365 -13.49 11.76 -2.86
CA ALA C 365 -13.56 12.85 -3.82
C ALA C 365 -14.58 13.89 -3.38
N VAL C 366 -15.69 13.47 -2.76
CA VAL C 366 -16.67 14.46 -2.33
C VAL C 366 -16.06 15.38 -1.27
N LEU C 367 -15.50 14.80 -0.21
CA LEU C 367 -14.87 15.58 0.85
C LEU C 367 -13.78 16.50 0.28
N HIS C 368 -12.85 15.92 -0.50
CA HIS C 368 -11.79 16.72 -1.10
C HIS C 368 -12.34 17.91 -1.89
N SER C 369 -13.37 17.67 -2.71
CA SER C 369 -13.86 18.72 -3.60
C SER C 369 -14.54 19.84 -2.84
N TYR C 370 -15.40 19.49 -1.87
CA TYR C 370 -16.05 20.51 -1.06
C TYR C 370 -15.02 21.32 -0.27
N GLN C 371 -14.04 20.64 0.32
CA GLN C 371 -12.99 21.35 1.04
C GLN C 371 -12.25 22.32 0.12
N LEU C 372 -11.95 21.90 -1.11
CA LEU C 372 -11.13 22.75 -1.98
C LEU C 372 -11.92 23.96 -2.47
N ALA C 373 -13.23 23.80 -2.62
CA ALA C 373 -14.15 24.88 -2.95
C ALA C 373 -14.57 25.70 -1.74
N LYS C 374 -14.00 25.41 -0.56
CA LYS C 374 -14.31 26.16 0.66
C LYS C 374 -15.81 26.12 0.96
N VAL C 375 -16.42 24.96 0.81
CA VAL C 375 -17.84 24.79 1.10
C VAL C 375 -17.94 23.85 2.29
N THR C 376 -18.71 24.26 3.30
CA THR C 376 -18.83 23.49 4.51
C THR C 376 -19.36 22.09 4.21
N ILE C 377 -18.64 21.07 4.68
CA ILE C 377 -19.11 19.68 4.63
C ILE C 377 -18.51 18.93 5.82
N VAL C 378 -19.20 17.87 6.26
CA VAL C 378 -18.76 17.09 7.42
C VAL C 378 -18.78 15.61 7.05
N ASP C 379 -17.70 14.90 7.40
CA ASP C 379 -17.61 13.47 7.10
C ASP C 379 -18.37 12.68 8.16
N HIS C 380 -18.67 11.41 7.83
CA HIS C 380 -19.57 10.67 8.69
C HIS C 380 -18.91 10.25 10.01
N HIS C 381 -17.58 10.23 10.08
CA HIS C 381 -16.93 9.96 11.37
C HIS C 381 -17.06 11.15 12.30
N ALA C 382 -16.75 12.36 11.81
CA ALA C 382 -16.88 13.56 12.62
C ALA C 382 -18.33 13.81 13.01
N ALA C 383 -19.26 13.57 12.07
CA ALA C 383 -20.67 13.79 12.34
C ALA C 383 -21.18 12.84 13.43
N THR C 384 -20.83 11.55 13.35
CA THR C 384 -21.35 10.63 14.33
C THR C 384 -20.74 10.88 15.70
N ALA C 385 -19.45 11.22 15.75
CA ALA C 385 -18.84 11.55 17.03
C ALA C 385 -19.53 12.75 17.69
N SER C 386 -19.95 13.75 16.90
CA SER C 386 -20.66 14.89 17.47
CA SER C 386 -20.65 14.89 17.48
C SER C 386 -22.02 14.49 18.01
N PHE C 387 -22.68 13.52 17.36
CA PHE C 387 -23.98 13.09 17.84
C PHE C 387 -23.87 12.36 19.17
N MET C 388 -22.84 11.53 19.35
CA MET C 388 -22.60 10.93 20.65
C MET C 388 -22.47 12.00 21.73
N LYS C 389 -21.77 13.10 21.41
CA LYS C 389 -21.68 14.22 22.33
C LYS C 389 -23.06 14.84 22.52
N HIS C 390 -23.85 14.89 21.45
CA HIS C 390 -25.22 15.39 21.58
C HIS C 390 -26.02 14.53 22.52
N LEU C 391 -25.99 13.20 22.32
CA LEU C 391 -26.71 12.30 23.21
C LEU C 391 -26.34 12.54 24.67
N GLU C 392 -25.04 12.70 24.93
CA GLU C 392 -24.58 12.95 26.30
C GLU C 392 -25.17 14.24 26.85
N ASN C 393 -25.09 15.33 26.07
CA ASN C 393 -25.73 16.59 26.45
C ASN C 393 -27.20 16.40 26.77
N GLU C 394 -27.94 15.76 25.85
CA GLU C 394 -29.38 15.65 25.99
C GLU C 394 -29.77 14.79 27.19
N GLN C 395 -28.99 13.75 27.47
CA GLN C 395 -29.20 12.94 28.67
C GLN C 395 -29.22 13.81 29.91
N LYS C 396 -28.18 14.63 30.07
CA LYS C 396 -28.10 15.54 31.22
C LYS C 396 -29.21 16.59 31.18
N ALA C 397 -29.55 17.08 29.98
CA ALA C 397 -30.49 18.20 29.89
C ALA C 397 -31.94 17.75 30.03
N ARG C 398 -32.36 16.74 29.26
CA ARG C 398 -33.76 16.31 29.24
C ARG C 398 -33.99 14.85 29.62
N GLY C 399 -32.95 14.11 30.01
CA GLY C 399 -33.15 12.73 30.38
C GLY C 399 -33.30 11.77 29.23
N GLY C 400 -32.86 12.14 28.03
CA GLY C 400 -32.96 11.26 26.89
C GLY C 400 -32.93 12.04 25.58
N CYS C 401 -33.04 11.27 24.50
CA CYS C 401 -33.03 11.86 23.17
C CYS C 401 -33.64 10.87 22.18
N PRO C 402 -34.70 11.26 21.46
CA PRO C 402 -35.30 10.35 20.48
C PRO C 402 -34.39 10.22 19.26
N ALA C 403 -33.98 8.99 18.98
CA ALA C 403 -33.02 8.78 17.91
C ALA C 403 -33.48 7.56 17.12
N ASP C 404 -33.33 7.65 15.80
CA ASP C 404 -33.72 6.61 14.88
C ASP C 404 -32.45 5.89 14.42
N TRP C 405 -32.18 4.71 14.99
CA TRP C 405 -30.91 4.02 14.75
C TRP C 405 -30.62 3.82 13.26
N ALA C 406 -31.61 3.36 12.49
CA ALA C 406 -31.39 3.04 11.08
C ALA C 406 -31.00 4.27 10.25
N TRP C 407 -31.30 5.46 10.75
CA TRP C 407 -31.01 6.70 10.05
C TRP C 407 -29.83 7.45 10.63
N ILE C 408 -29.50 7.24 11.91
CA ILE C 408 -28.32 7.88 12.49
C ILE C 408 -27.05 7.16 12.03
N VAL C 409 -27.09 5.84 11.95
CA VAL C 409 -25.93 5.08 11.48
C VAL C 409 -25.70 5.37 10.00
N PRO C 410 -24.50 5.78 9.60
CA PRO C 410 -24.26 6.17 8.18
C PRO C 410 -24.30 4.98 7.23
N PRO C 411 -24.47 5.22 5.93
CA PRO C 411 -24.70 4.11 4.98
C PRO C 411 -23.46 3.39 4.48
N ILE C 412 -22.27 3.86 4.83
CA ILE C 412 -21.05 3.09 4.68
C ILE C 412 -20.37 3.07 6.05
N SER C 413 -19.59 2.01 6.28
CA SER C 413 -18.72 1.91 7.46
C SER C 413 -19.50 2.05 8.77
N GLY C 414 -20.75 1.58 8.78
CA GLY C 414 -21.62 1.68 9.95
C GLY C 414 -20.95 1.35 11.27
N SER C 415 -20.45 0.13 11.42
CA SER C 415 -19.89 -0.23 12.72
C SER C 415 -18.55 0.41 13.03
N LEU C 416 -17.95 1.15 12.08
CA LEU C 416 -16.73 1.91 12.37
C LEU C 416 -17.01 3.23 13.06
N THR C 417 -18.28 3.63 13.14
CA THR C 417 -18.69 4.83 13.85
C THR C 417 -19.28 4.48 15.19
N PRO C 418 -19.20 5.38 16.18
CA PRO C 418 -19.64 5.02 17.54
C PRO C 418 -21.14 4.84 17.68
N VAL C 419 -21.95 5.50 16.85
CA VAL C 419 -23.41 5.40 16.95
C VAL C 419 -23.86 3.96 16.75
N PHE C 420 -23.12 3.17 15.96
CA PHE C 420 -23.52 1.78 15.69
C PHE C 420 -23.67 1.00 16.98
N HIS C 421 -22.77 1.22 17.94
CA HIS C 421 -22.72 0.48 19.17
C HIS C 421 -23.58 1.09 20.26
N GLN C 422 -24.33 2.15 19.93
CA GLN C 422 -25.20 2.84 20.87
C GLN C 422 -26.64 2.38 20.65
N GLU C 423 -27.26 1.82 21.68
CA GLU C 423 -28.69 1.59 21.66
C GLU C 423 -29.43 2.93 21.68
N MET C 424 -30.61 2.95 21.04
CA MET C 424 -31.36 4.18 20.85
C MET C 424 -32.85 3.93 21.02
N VAL C 425 -33.56 4.95 21.47
CA VAL C 425 -35.01 4.91 21.66
C VAL C 425 -35.65 5.94 20.77
N ASN C 426 -36.69 5.53 20.04
CA ASN C 426 -37.33 6.36 19.03
C ASN C 426 -38.78 6.64 19.41
N TYR C 427 -39.17 7.91 19.37
CA TYR C 427 -40.51 8.33 19.79
C TYR C 427 -40.75 9.74 19.30
N PHE C 428 -42.02 10.17 19.35
CA PHE C 428 -42.43 11.47 18.83
C PHE C 428 -42.55 12.49 19.96
N LEU C 429 -41.80 13.59 19.84
CA LEU C 429 -42.01 14.79 20.65
C LEU C 429 -42.42 15.94 19.76
N SER C 430 -43.15 16.90 20.32
CA SER C 430 -43.54 18.10 19.63
C SER C 430 -42.91 19.32 20.30
N PRO C 431 -42.57 20.39 19.54
CA PRO C 431 -42.74 20.59 18.09
C PRO C 431 -41.92 19.65 17.22
N ALA C 432 -42.34 19.52 15.96
CA ALA C 432 -41.77 18.51 15.08
C ALA C 432 -41.84 18.96 13.63
N PHE C 433 -40.93 18.42 12.84
CA PHE C 433 -41.06 18.34 11.40
C PHE C 433 -41.75 17.03 11.05
N ARG C 434 -42.88 17.12 10.35
CA ARG C 434 -43.63 15.97 9.89
C ARG C 434 -43.70 15.95 8.36
N TYR C 435 -43.71 14.76 7.78
CA TYR C 435 -44.01 14.58 6.37
C TYR C 435 -45.46 14.97 6.10
N GLN C 436 -45.75 15.26 4.83
CA GLN C 436 -47.08 15.72 4.45
C GLN C 436 -47.37 15.24 3.04
N PRO C 437 -48.65 15.13 2.66
CA PRO C 437 -48.97 14.62 1.32
C PRO C 437 -48.46 15.57 0.25
N ASP C 438 -48.27 15.04 -0.95
CA ASP C 438 -47.86 15.87 -2.07
C ASP C 438 -48.98 16.84 -2.43
N PRO C 439 -48.71 18.16 -2.51
CA PRO C 439 -49.78 19.14 -2.69
C PRO C 439 -50.41 19.10 -4.08
N TRP C 440 -50.68 17.88 -4.57
CA TRP C 440 -51.34 17.68 -5.85
C TRP C 440 -51.82 16.23 -5.93
N LYS D 27 -56.19 -5.36 6.92
CA LYS D 27 -55.02 -4.74 6.31
C LYS D 27 -53.76 -4.90 7.18
N PHE D 28 -52.71 -5.39 6.57
CA PHE D 28 -51.45 -5.75 7.18
C PHE D 28 -50.36 -4.78 6.73
N PRO D 29 -49.20 -4.76 7.41
CA PRO D 29 -48.16 -3.79 7.07
C PRO D 29 -47.73 -3.86 5.61
N ARG D 30 -47.61 -2.69 4.98
CA ARG D 30 -47.10 -2.59 3.62
C ARG D 30 -45.60 -2.33 3.66
N VAL D 31 -44.87 -2.94 2.71
CA VAL D 31 -43.42 -3.06 2.76
C VAL D 31 -42.85 -2.70 1.39
N LYS D 32 -42.13 -1.59 1.29
CA LYS D 32 -41.59 -1.13 0.02
C LYS D 32 -40.10 -1.47 -0.14
N ASN D 33 -39.71 -1.78 -1.37
CA ASN D 33 -38.30 -1.83 -1.75
C ASN D 33 -37.98 -0.59 -2.59
N TRP D 34 -37.06 0.23 -2.10
CA TRP D 34 -36.83 1.53 -2.70
C TRP D 34 -35.89 1.48 -3.89
N GLU D 35 -35.14 0.40 -4.07
CA GLU D 35 -34.29 0.31 -5.26
C GLU D 35 -35.10 -0.03 -6.50
N VAL D 36 -36.11 -0.91 -6.36
CA VAL D 36 -36.89 -1.40 -7.48
C VAL D 36 -38.22 -0.65 -7.54
N GLY D 37 -38.71 -0.22 -6.38
CA GLY D 37 -40.03 0.38 -6.28
C GLY D 37 -41.15 -0.59 -5.94
N SER D 38 -40.86 -1.87 -5.79
CA SER D 38 -41.90 -2.89 -5.57
C SER D 38 -42.43 -2.84 -4.13
N ILE D 39 -43.61 -3.42 -3.94
CA ILE D 39 -44.36 -3.31 -2.70
C ILE D 39 -45.05 -4.64 -2.40
N THR D 40 -44.99 -5.07 -1.13
CA THR D 40 -45.72 -6.24 -0.65
C THR D 40 -46.37 -5.92 0.68
N TYR D 41 -47.15 -6.88 1.18
CA TYR D 41 -47.79 -6.79 2.48
C TYR D 41 -47.43 -8.02 3.27
N ASP D 42 -47.08 -7.84 4.54
CA ASP D 42 -46.63 -8.93 5.39
C ASP D 42 -47.84 -9.45 6.16
N THR D 43 -48.58 -10.36 5.53
CA THR D 43 -49.70 -11.00 6.23
C THR D 43 -49.23 -11.99 7.28
N LEU D 44 -48.00 -12.50 7.16
CA LEU D 44 -47.49 -13.45 8.14
C LEU D 44 -47.32 -12.83 9.52
N SER D 45 -47.07 -11.52 9.60
CA SER D 45 -46.86 -10.88 10.90
C SER D 45 -48.05 -11.00 11.83
N ALA D 46 -49.26 -11.17 11.29
CA ALA D 46 -50.43 -11.26 12.16
C ALA D 46 -50.47 -12.56 12.96
N GLN D 47 -49.72 -13.59 12.55
CA GLN D 47 -49.59 -14.81 13.34
C GLN D 47 -48.50 -14.72 14.39
N ALA D 48 -47.86 -13.57 14.56
CA ALA D 48 -46.79 -13.43 15.54
C ALA D 48 -47.29 -13.84 16.92
N GLN D 49 -46.59 -14.80 17.53
CA GLN D 49 -47.05 -15.36 18.80
C GLN D 49 -46.65 -14.44 19.95
N GLN D 50 -45.37 -14.45 20.33
CA GLN D 50 -44.93 -13.69 21.47
C GLN D 50 -44.80 -12.21 21.11
N ASP D 51 -44.77 -11.38 22.15
CA ASP D 51 -44.70 -9.94 21.98
C ASP D 51 -43.25 -9.49 22.05
N GLY D 52 -42.91 -8.49 21.23
CA GLY D 52 -41.58 -7.92 21.25
C GLY D 52 -41.53 -6.69 22.13
N PRO D 53 -40.47 -5.88 22.00
CA PRO D 53 -40.23 -4.80 22.96
C PRO D 53 -40.83 -3.44 22.63
N CYS D 54 -41.40 -3.26 21.44
CA CYS D 54 -41.88 -1.95 21.01
C CYS D 54 -43.32 -1.70 21.45
N THR D 55 -43.70 -0.42 21.44
CA THR D 55 -45.08 0.00 21.64
C THR D 55 -45.39 1.12 20.66
N PRO D 56 -46.64 1.59 20.58
CA PRO D 56 -46.90 2.81 19.79
C PRO D 56 -46.26 4.05 20.38
N ARG D 57 -45.77 4.00 21.62
CA ARG D 57 -45.12 5.15 22.24
C ARG D 57 -43.64 5.22 21.88
N ARG D 58 -42.95 4.08 21.89
CA ARG D 58 -41.51 4.06 21.68
C ARG D 58 -41.12 2.77 20.98
N CYS D 59 -40.22 2.89 20.00
CA CYS D 59 -39.59 1.76 19.33
C CYS D 59 -38.28 1.44 20.04
N LEU D 60 -38.11 0.17 20.45
CA LEU D 60 -36.88 -0.33 21.03
C LEU D 60 -36.16 -1.32 20.11
N GLY D 61 -36.51 -1.30 18.82
CA GLY D 61 -35.91 -2.22 17.87
C GLY D 61 -34.39 -2.30 17.90
N SER D 62 -33.71 -1.20 18.26
CA SER D 62 -32.26 -1.17 18.29
C SER D 62 -31.64 -1.87 19.49
N LEU D 63 -32.40 -2.35 20.46
CA LEU D 63 -31.77 -2.94 21.64
C LEU D 63 -31.31 -4.36 21.32
N VAL D 64 -30.15 -4.74 21.87
CA VAL D 64 -29.59 -6.08 21.58
C VAL D 64 -30.40 -7.16 22.31
N PHE D 65 -30.64 -6.98 23.61
CA PHE D 65 -31.43 -7.94 24.38
C PHE D 65 -32.78 -7.32 24.71
N PRO D 66 -33.83 -7.58 23.94
CA PRO D 66 -35.19 -7.06 24.18
C PRO D 66 -36.05 -7.98 25.05
N ALA D 79 -48.57 -24.84 34.50
CA ALA D 79 -49.00 -24.14 33.30
C ALA D 79 -49.20 -25.08 32.11
N PRO D 80 -50.05 -26.10 32.24
CA PRO D 80 -50.16 -27.10 31.18
C PRO D 80 -51.03 -26.64 30.02
N GLU D 81 -52.01 -25.77 30.31
CA GLU D 81 -52.94 -25.36 29.26
C GLU D 81 -52.24 -24.51 28.19
N GLN D 82 -51.24 -23.73 28.59
CA GLN D 82 -50.49 -22.93 27.64
C GLN D 82 -49.42 -23.76 26.94
N LEU D 83 -48.85 -24.74 27.62
CA LEU D 83 -48.01 -25.73 26.93
C LEU D 83 -48.81 -26.50 25.89
N LEU D 84 -50.08 -26.74 26.16
CA LEU D 84 -50.92 -27.46 25.21
C LEU D 84 -51.16 -26.65 23.94
N SER D 85 -51.40 -25.34 24.08
CA SER D 85 -51.73 -24.55 22.92
C SER D 85 -50.50 -24.24 22.07
N GLN D 86 -49.31 -24.15 22.69
CA GLN D 86 -48.09 -24.08 21.90
C GLN D 86 -47.85 -25.40 21.18
N ALA D 87 -48.13 -26.51 21.86
CA ALA D 87 -47.95 -27.81 21.24
C ALA D 87 -48.90 -27.97 20.06
N ARG D 88 -50.17 -27.64 20.26
CA ARG D 88 -51.17 -27.82 19.22
C ARG D 88 -50.80 -27.05 17.98
N ASP D 89 -50.38 -25.79 18.17
CA ASP D 89 -49.96 -24.97 17.04
C ASP D 89 -48.79 -25.60 16.29
N PHE D 90 -47.80 -26.12 17.02
CA PHE D 90 -46.64 -26.72 16.35
C PHE D 90 -47.03 -27.98 15.58
N ILE D 91 -47.84 -28.85 16.19
CA ILE D 91 -48.31 -30.04 15.49
C ILE D 91 -49.08 -29.64 14.23
N ASN D 92 -49.91 -28.61 14.33
CA ASN D 92 -50.60 -28.08 13.16
C ASN D 92 -49.61 -27.66 12.09
N GLN D 93 -48.55 -26.95 12.48
CA GLN D 93 -47.50 -26.57 11.55
C GLN D 93 -46.89 -27.79 10.90
N TYR D 94 -46.53 -28.79 11.70
CA TYR D 94 -45.85 -29.96 11.16
C TYR D 94 -46.76 -30.68 10.16
N TYR D 95 -48.05 -30.85 10.50
CA TYR D 95 -48.95 -31.56 9.60
C TYR D 95 -49.30 -30.74 8.36
N SER D 96 -49.23 -29.41 8.42
CA SER D 96 -49.37 -28.63 7.19
C SER D 96 -48.18 -28.86 6.26
N SER D 97 -46.98 -28.97 6.82
CA SER D 97 -45.77 -29.10 6.01
C SER D 97 -45.70 -30.44 5.31
N ILE D 98 -46.28 -31.49 5.87
CA ILE D 98 -46.26 -32.79 5.22
C ILE D 98 -47.53 -32.96 4.39
N LYS D 99 -48.23 -31.86 4.12
CA LYS D 99 -49.45 -31.84 3.31
C LYS D 99 -50.45 -32.89 3.79
N ARG D 100 -50.68 -32.90 5.11
CA ARG D 100 -51.63 -33.82 5.73
C ARG D 100 -52.45 -33.13 6.80
N SER D 101 -52.71 -31.83 6.66
CA SER D 101 -53.51 -31.10 7.64
CA SER D 101 -53.52 -31.11 7.65
C SER D 101 -54.91 -31.72 7.75
N GLY D 102 -55.34 -31.98 8.97
CA GLY D 102 -56.64 -32.59 9.22
C GLY D 102 -56.76 -34.05 8.84
N SER D 103 -55.68 -34.70 8.41
CA SER D 103 -55.73 -36.11 8.04
C SER D 103 -55.73 -36.98 9.30
N GLN D 104 -55.94 -38.29 9.08
CA GLN D 104 -56.04 -39.26 10.16
C GLN D 104 -54.96 -39.06 11.22
N ALA D 105 -53.71 -39.17 10.80
CA ALA D 105 -52.59 -39.11 11.74
C ALA D 105 -52.57 -37.80 12.53
N HIS D 106 -53.11 -36.71 11.96
CA HIS D 106 -53.04 -35.40 12.60
C HIS D 106 -53.77 -35.42 13.95
N GLU D 107 -55.05 -35.79 13.94
CA GLU D 107 -55.81 -35.77 15.19
C GLU D 107 -55.30 -36.79 16.19
N GLN D 108 -54.81 -37.94 15.70
CA GLN D 108 -54.15 -38.90 16.59
C GLN D 108 -53.07 -38.20 17.40
N ARG D 109 -52.20 -37.44 16.74
CA ARG D 109 -51.09 -36.80 17.43
C ARG D 109 -51.57 -35.73 18.40
N LEU D 110 -52.53 -34.90 17.99
CA LEU D 110 -53.09 -33.92 18.91
C LEU D 110 -53.58 -34.60 20.19
N GLN D 111 -54.39 -35.65 20.04
CA GLN D 111 -54.91 -36.35 21.21
C GLN D 111 -53.79 -37.01 22.01
N GLU D 112 -52.85 -37.65 21.31
CA GLU D 112 -51.68 -38.24 21.98
C GLU D 112 -50.94 -37.23 22.85
N VAL D 113 -50.76 -36.00 22.33
CA VAL D 113 -49.96 -35.02 23.06
C VAL D 113 -50.69 -34.54 24.31
N GLU D 114 -51.99 -34.27 24.19
CA GLU D 114 -52.78 -33.85 25.35
C GLU D 114 -52.75 -34.93 26.44
N ALA D 115 -53.09 -36.16 26.08
CA ALA D 115 -53.04 -37.26 27.04
C ALA D 115 -51.68 -37.37 27.70
N GLU D 116 -50.61 -37.08 26.96
CA GLU D 116 -49.28 -37.18 27.55
C GLU D 116 -48.96 -35.99 28.45
N VAL D 117 -49.49 -34.81 28.13
CA VAL D 117 -49.29 -33.68 29.01
C VAL D 117 -50.14 -33.85 30.28
N ALA D 118 -51.33 -34.41 30.12
CA ALA D 118 -52.18 -34.69 31.29
C ALA D 118 -51.51 -35.68 32.24
N ALA D 119 -50.85 -36.71 31.69
CA ALA D 119 -50.27 -37.76 32.52
C ALA D 119 -48.90 -37.36 33.08
N THR D 120 -48.05 -36.74 32.26
CA THR D 120 -46.67 -36.49 32.66
C THR D 120 -46.32 -35.02 32.78
N GLY D 121 -47.21 -34.10 32.38
CA GLY D 121 -46.91 -32.68 32.39
C GLY D 121 -46.10 -32.18 31.21
N THR D 122 -45.72 -33.04 30.28
CA THR D 122 -44.87 -32.69 29.15
C THR D 122 -45.14 -33.72 28.05
N TYR D 123 -44.37 -33.67 26.97
CA TYR D 123 -44.50 -34.69 25.93
C TYR D 123 -43.18 -34.78 25.18
N GLN D 124 -43.05 -35.82 24.37
CA GLN D 124 -41.85 -36.10 23.58
C GLN D 124 -42.13 -35.89 22.10
N LEU D 125 -41.20 -35.21 21.42
CA LEU D 125 -41.26 -35.06 19.97
C LEU D 125 -40.87 -36.36 19.27
N ARG D 126 -41.56 -36.67 18.18
CA ARG D 126 -41.09 -37.67 17.25
C ARG D 126 -39.91 -37.12 16.46
N GLU D 127 -39.05 -38.02 15.97
CA GLU D 127 -37.83 -37.60 15.26
C GLU D 127 -38.11 -36.60 14.13
N SER D 128 -39.07 -36.91 13.25
CA SER D 128 -39.34 -36.02 12.13
CA SER D 128 -39.37 -36.02 12.13
C SER D 128 -39.87 -34.67 12.59
N GLU D 129 -40.64 -34.64 13.69
CA GLU D 129 -41.07 -33.38 14.27
C GLU D 129 -39.87 -32.56 14.74
N LEU D 130 -38.84 -33.22 15.27
CA LEU D 130 -37.69 -32.49 15.79
C LEU D 130 -36.87 -31.87 14.66
N VAL D 131 -36.69 -32.61 13.56
CA VAL D 131 -36.00 -32.08 12.39
C VAL D 131 -36.77 -30.91 11.80
N PHE D 132 -38.08 -31.03 11.71
CA PHE D 132 -38.89 -29.92 11.21
C PHE D 132 -38.81 -28.72 12.14
N GLY D 133 -38.86 -28.96 13.45
CA GLY D 133 -38.85 -27.86 14.40
C GLY D 133 -37.53 -27.12 14.45
N ALA D 134 -36.41 -27.83 14.28
CA ALA D 134 -35.10 -27.18 14.28
C ALA D 134 -34.90 -26.34 13.01
N LYS D 135 -35.39 -26.84 11.88
CA LYS D 135 -35.36 -26.07 10.63
C LYS D 135 -36.22 -24.80 10.71
N GLN D 136 -37.45 -24.93 11.21
CA GLN D 136 -38.30 -23.75 11.36
C GLN D 136 -37.67 -22.71 12.26
N ALA D 137 -37.05 -23.17 13.37
CA ALA D 137 -36.38 -22.24 14.28
C ALA D 137 -35.35 -21.41 13.55
N TRP D 138 -34.57 -22.04 12.67
CA TRP D 138 -33.62 -21.27 11.86
C TRP D 138 -34.36 -20.35 10.90
N ARG D 139 -35.34 -20.91 10.19
CA ARG D 139 -36.12 -20.12 9.22
C ARG D 139 -36.79 -18.90 9.87
N ASN D 140 -37.21 -19.03 11.14
CA ASN D 140 -37.90 -17.95 11.86
C ASN D 140 -36.96 -16.89 12.45
N ALA D 141 -35.63 -17.08 12.41
CA ALA D 141 -34.71 -16.25 13.19
C ALA D 141 -34.52 -14.89 12.52
N PRO D 142 -35.08 -13.80 13.06
CA PRO D 142 -35.14 -12.53 12.30
C PRO D 142 -33.80 -11.89 12.02
N ARG D 143 -32.77 -12.18 12.81
CA ARG D 143 -31.46 -11.55 12.68
C ARG D 143 -30.47 -12.36 11.86
N CYS D 144 -30.88 -13.50 11.29
CA CYS D 144 -29.97 -14.35 10.52
C CYS D 144 -30.07 -13.99 9.03
N VAL D 145 -28.95 -13.55 8.45
CA VAL D 145 -28.94 -13.24 7.03
C VAL D 145 -28.73 -14.46 6.15
N GLY D 146 -28.31 -15.60 6.73
CA GLY D 146 -28.03 -16.81 5.98
C GLY D 146 -29.19 -17.76 5.78
N ARG D 147 -30.42 -17.30 6.01
CA ARG D 147 -31.57 -18.19 6.03
C ARG D 147 -31.95 -18.77 4.67
N ILE D 148 -31.35 -18.32 3.56
CA ILE D 148 -31.61 -19.00 2.29
C ILE D 148 -31.34 -20.49 2.40
N GLN D 149 -30.40 -20.88 3.28
CA GLN D 149 -29.99 -22.26 3.50
C GLN D 149 -30.90 -23.04 4.48
N TRP D 150 -32.04 -22.50 4.92
CA TRP D 150 -32.70 -23.04 6.12
C TRP D 150 -33.16 -24.50 5.93
N GLY D 151 -33.49 -24.91 4.70
CA GLY D 151 -33.91 -26.28 4.48
C GLY D 151 -32.78 -27.29 4.49
N LYS D 152 -31.54 -26.85 4.36
CA LYS D 152 -30.38 -27.72 4.31
C LYS D 152 -29.69 -27.64 5.67
N LEU D 153 -30.29 -28.31 6.65
CA LEU D 153 -29.79 -28.34 8.02
C LEU D 153 -29.70 -29.81 8.45
N GLN D 154 -28.53 -30.19 8.95
CA GLN D 154 -28.29 -31.54 9.44
C GLN D 154 -28.61 -31.56 10.94
N VAL D 155 -29.59 -32.38 11.33
CA VAL D 155 -30.03 -32.44 12.72
C VAL D 155 -29.50 -33.74 13.33
N PHE D 156 -28.72 -33.59 14.40
CA PHE D 156 -28.21 -34.70 15.19
C PHE D 156 -29.03 -34.81 16.48
N ASP D 157 -29.67 -35.95 16.69
CA ASP D 157 -30.56 -36.17 17.82
C ASP D 157 -29.72 -36.76 18.95
N ALA D 158 -29.41 -35.93 19.94
CA ALA D 158 -28.67 -36.34 21.13
C ALA D 158 -29.56 -36.32 22.38
N ARG D 159 -30.87 -36.44 22.18
CA ARG D 159 -31.80 -36.40 23.30
C ARG D 159 -31.62 -37.61 24.21
N ASP D 160 -30.84 -38.59 23.78
CA ASP D 160 -30.54 -39.73 24.63
CA ASP D 160 -30.48 -39.77 24.54
C ASP D 160 -29.25 -39.55 25.40
N CYS D 161 -28.63 -38.37 25.33
CA CYS D 161 -27.38 -38.10 26.05
C CYS D 161 -27.58 -38.23 27.55
N ARG D 162 -26.54 -38.71 28.22
CA ARG D 162 -26.64 -39.19 29.59
C ARG D 162 -25.72 -38.47 30.57
N SER D 163 -24.58 -37.96 30.11
CA SER D 163 -23.57 -37.40 31.00
C SER D 163 -22.90 -36.25 30.28
N ALA D 164 -22.04 -35.54 31.02
CA ALA D 164 -21.19 -34.55 30.36
C ALA D 164 -20.17 -35.22 29.46
N GLN D 165 -19.75 -36.44 29.79
CA GLN D 165 -18.75 -37.10 28.93
C GLN D 165 -19.36 -37.47 27.58
N GLU D 166 -20.59 -37.97 27.57
CA GLU D 166 -21.30 -38.24 26.32
C GLU D 166 -21.54 -36.96 25.55
N MET D 167 -21.89 -35.88 26.26
CA MET D 167 -22.10 -34.60 25.61
C MET D 167 -20.86 -34.19 24.82
N PHE D 168 -19.68 -34.32 25.42
CA PHE D 168 -18.43 -33.96 24.74
C PHE D 168 -18.24 -34.76 23.46
N THR D 169 -18.51 -36.06 23.50
CA THR D 169 -18.37 -36.88 22.30
C THR D 169 -19.32 -36.43 21.20
N TYR D 170 -20.59 -36.18 21.55
CA TYR D 170 -21.53 -35.61 20.60
C TYR D 170 -21.02 -34.28 20.02
N ILE D 171 -20.44 -33.43 20.85
CA ILE D 171 -20.02 -32.13 20.35
C ILE D 171 -18.82 -32.26 19.42
N CYS D 172 -17.89 -33.15 19.75
CA CYS D 172 -16.73 -33.38 18.88
C CYS D 172 -17.17 -33.91 17.53
N ASN D 173 -18.18 -34.81 17.53
CA ASN D 173 -18.71 -35.31 16.27
CA ASN D 173 -18.73 -35.31 16.28
C ASN D 173 -19.40 -34.20 15.48
N HIS D 174 -20.13 -33.30 16.16
CA HIS D 174 -20.71 -32.16 15.49
C HIS D 174 -19.63 -31.34 14.79
N ILE D 175 -18.58 -30.95 15.54
CA ILE D 175 -17.52 -30.12 14.98
C ILE D 175 -16.85 -30.84 13.81
N LYS D 176 -16.66 -32.15 13.91
CA LYS D 176 -16.03 -32.89 12.84
C LYS D 176 -16.88 -32.87 11.58
N TYR D 177 -18.17 -33.17 11.73
CA TYR D 177 -19.06 -33.21 10.56
C TYR D 177 -19.22 -31.84 9.94
N ALA D 178 -19.41 -30.81 10.78
CA ALA D 178 -19.71 -29.48 10.27
C ALA D 178 -18.51 -28.90 9.54
N THR D 179 -17.32 -29.12 10.08
CA THR D 179 -16.10 -28.58 9.49
C THR D 179 -15.77 -29.25 8.17
N ASN D 180 -15.80 -30.59 8.15
CA ASN D 180 -15.73 -31.32 6.91
C ASN D 180 -14.50 -30.91 6.11
N ARG D 181 -13.39 -30.69 6.82
CA ARG D 181 -12.09 -30.33 6.23
C ARG D 181 -12.13 -29.01 5.46
N GLY D 182 -13.04 -28.10 5.81
CA GLY D 182 -13.12 -26.81 5.19
C GLY D 182 -14.31 -26.62 4.27
N ASN D 183 -14.98 -27.70 3.86
CA ASN D 183 -16.21 -27.59 3.09
C ASN D 183 -17.36 -27.66 4.09
N LEU D 184 -17.65 -26.51 4.70
CA LEU D 184 -18.49 -26.49 5.90
C LEU D 184 -19.94 -26.89 5.60
N ARG D 185 -20.56 -27.55 6.56
CA ARG D 185 -21.94 -28.01 6.45
C ARG D 185 -22.73 -27.53 7.67
N SER D 186 -23.93 -27.01 7.44
CA SER D 186 -24.77 -26.53 8.53
C SER D 186 -25.30 -27.69 9.36
N ALA D 187 -25.32 -27.52 10.69
CA ALA D 187 -25.76 -28.63 11.53
C ALA D 187 -26.21 -28.12 12.88
N ILE D 188 -26.97 -28.95 13.58
CA ILE D 188 -27.34 -28.68 14.97
C ILE D 188 -27.39 -30.03 15.70
N THR D 189 -26.92 -30.05 16.94
CA THR D 189 -27.06 -31.20 17.83
C THR D 189 -28.00 -30.82 18.96
N VAL D 190 -29.03 -31.64 19.20
CA VAL D 190 -30.09 -31.33 20.16
C VAL D 190 -29.96 -32.28 21.35
N PHE D 191 -29.68 -31.72 22.51
CA PHE D 191 -29.50 -32.48 23.74
C PHE D 191 -30.83 -32.56 24.48
N PRO D 192 -30.93 -33.39 25.53
CA PRO D 192 -32.25 -33.62 26.15
C PRO D 192 -32.93 -32.31 26.53
N GLN D 193 -34.26 -32.32 26.49
CA GLN D 193 -35.08 -31.15 26.76
C GLN D 193 -35.17 -30.89 28.25
N ARG D 194 -35.47 -29.63 28.60
CA ARG D 194 -35.83 -29.31 29.97
C ARG D 194 -37.03 -30.15 30.39
N CYS D 195 -37.02 -30.61 31.64
CA CYS D 195 -38.14 -31.40 32.14
C CYS D 195 -38.17 -31.31 33.65
N PRO D 196 -39.35 -31.41 34.26
CA PRO D 196 -39.42 -31.31 35.72
C PRO D 196 -38.71 -32.49 36.38
N GLY D 197 -38.02 -32.20 37.49
CA GLY D 197 -37.34 -33.19 38.28
C GLY D 197 -35.85 -33.25 38.07
N ARG D 198 -35.34 -32.57 37.05
CA ARG D 198 -33.94 -32.67 36.65
C ARG D 198 -33.47 -31.29 36.22
N GLY D 199 -32.20 -30.99 36.48
CA GLY D 199 -31.58 -29.78 35.97
C GLY D 199 -31.40 -29.85 34.45
N ASP D 200 -30.94 -28.73 33.89
CA ASP D 200 -30.72 -28.60 32.45
C ASP D 200 -29.34 -29.11 32.07
N PHE D 201 -29.25 -29.70 30.88
CA PHE D 201 -27.98 -29.72 30.17
C PHE D 201 -27.66 -28.28 29.76
N ARG D 202 -26.44 -27.82 30.00
CA ARG D 202 -26.00 -26.53 29.48
C ARG D 202 -24.60 -26.62 28.93
N ILE D 203 -24.36 -25.91 27.83
CA ILE D 203 -23.02 -25.54 27.40
C ILE D 203 -22.78 -24.11 27.88
N TRP D 204 -21.76 -23.92 28.72
CA TRP D 204 -21.48 -22.62 29.32
C TRP D 204 -20.84 -21.65 28.32
N ASN D 205 -20.02 -22.17 27.42
CA ASN D 205 -19.43 -21.38 26.33
C ASN D 205 -20.50 -20.81 25.40
N SER D 206 -20.30 -19.56 24.97
CA SER D 206 -21.24 -18.94 24.04
C SER D 206 -21.09 -19.49 22.63
N GLN D 207 -19.88 -19.89 22.23
CA GLN D 207 -19.65 -20.61 20.99
C GLN D 207 -18.75 -21.82 21.29
N LEU D 208 -18.80 -22.82 20.40
CA LEU D 208 -17.95 -23.97 20.61
C LEU D 208 -16.46 -23.63 20.41
N VAL D 209 -16.13 -22.74 19.47
CA VAL D 209 -14.75 -22.28 19.29
C VAL D 209 -14.70 -20.80 19.66
N ARG D 210 -13.91 -20.47 20.68
CA ARG D 210 -13.70 -19.09 21.13
C ARG D 210 -12.25 -18.90 21.52
N TYR D 211 -11.74 -17.69 21.37
CA TYR D 211 -10.36 -17.43 21.81
C TYR D 211 -10.34 -16.82 23.20
N ALA D 212 -9.32 -17.19 23.98
CA ALA D 212 -9.21 -16.72 25.35
C ALA D 212 -9.01 -15.21 25.41
N GLY D 213 -9.59 -14.60 26.45
CA GLY D 213 -9.37 -13.20 26.75
C GLY D 213 -8.77 -13.05 28.14
N TYR D 214 -7.46 -12.79 28.21
CA TYR D 214 -6.74 -12.73 29.48
C TYR D 214 -6.62 -11.29 29.93
N ARG D 215 -7.28 -10.97 31.04
CA ARG D 215 -7.10 -9.66 31.65
C ARG D 215 -5.63 -9.43 31.95
N GLN D 216 -5.03 -8.43 31.32
CA GLN D 216 -3.62 -8.16 31.50
C GLN D 216 -3.41 -7.50 32.86
N GLN D 217 -2.22 -6.96 33.06
CA GLN D 217 -1.89 -6.29 34.31
C GLN D 217 -2.05 -4.78 34.21
N ASP D 218 -1.67 -4.18 33.09
CA ASP D 218 -1.98 -2.77 32.85
C ASP D 218 -3.45 -2.58 32.49
N GLY D 219 -4.32 -3.48 32.97
CA GLY D 219 -5.76 -3.39 32.76
C GLY D 219 -6.24 -3.73 31.36
N SER D 220 -5.33 -3.88 30.40
CA SER D 220 -5.74 -4.22 29.04
C SER D 220 -6.17 -5.69 28.98
N VAL D 221 -6.48 -6.16 27.79
CA VAL D 221 -6.81 -7.56 27.55
C VAL D 221 -5.88 -8.09 26.47
N ARG D 222 -5.32 -9.27 26.72
CA ARG D 222 -4.63 -10.02 25.69
C ARG D 222 -5.59 -11.08 25.16
N GLY D 223 -5.76 -11.13 23.84
CA GLY D 223 -6.73 -12.01 23.23
C GLY D 223 -8.06 -11.34 22.97
N ASP D 224 -9.16 -12.07 23.11
CA ASP D 224 -10.45 -11.53 22.72
C ASP D 224 -11.16 -10.96 23.94
N PRO D 225 -11.34 -9.64 24.05
CA PRO D 225 -12.01 -9.07 25.23
C PRO D 225 -13.44 -9.53 25.43
N ALA D 226 -14.14 -9.98 24.38
CA ALA D 226 -15.49 -10.47 24.60
C ALA D 226 -15.55 -11.71 25.49
N ASN D 227 -14.41 -12.36 25.77
CA ASN D 227 -14.38 -13.68 26.42
C ASN D 227 -13.61 -13.66 27.74
N VAL D 228 -13.43 -12.49 28.34
CA VAL D 228 -12.76 -12.41 29.64
C VAL D 228 -13.52 -13.22 30.70
N GLU D 229 -14.85 -13.18 30.68
CA GLU D 229 -15.62 -13.84 31.73
C GLU D 229 -15.48 -15.36 31.64
N ILE D 230 -15.77 -15.94 30.47
CA ILE D 230 -15.73 -17.40 30.35
C ILE D 230 -14.29 -17.90 30.52
N THR D 231 -13.31 -17.09 30.08
CA THR D 231 -11.91 -17.42 30.36
C THR D 231 -11.65 -17.53 31.85
N GLU D 232 -12.16 -16.57 32.66
CA GLU D 232 -11.99 -16.66 34.12
C GLU D 232 -12.69 -17.88 34.69
N LEU D 233 -13.86 -18.23 34.17
CA LEU D 233 -14.57 -19.40 34.65
C LEU D 233 -13.82 -20.69 34.34
N CYS D 234 -13.13 -20.74 33.19
CA CYS D 234 -12.38 -21.95 32.85
C CYS D 234 -11.19 -22.15 33.78
N ILE D 235 -10.40 -21.09 33.98
CA ILE D 235 -9.28 -21.14 34.92
C ILE D 235 -9.77 -21.54 36.30
N GLN D 236 -10.88 -20.94 36.74
CA GLN D 236 -11.52 -21.25 38.01
C GLN D 236 -11.91 -22.72 38.12
N HIS D 237 -12.13 -23.40 36.99
CA HIS D 237 -12.48 -24.82 36.99
C HIS D 237 -11.31 -25.71 36.60
N GLY D 238 -10.09 -25.21 36.71
CA GLY D 238 -8.91 -26.05 36.57
C GLY D 238 -8.21 -26.00 35.24
N TRP D 239 -8.61 -25.11 34.33
CA TRP D 239 -7.90 -24.98 33.07
C TRP D 239 -6.57 -24.28 33.29
N THR D 240 -5.50 -24.85 32.75
CA THR D 240 -4.20 -24.20 32.80
C THR D 240 -4.09 -23.23 31.63
N PRO D 241 -4.16 -21.92 31.88
CA PRO D 241 -4.29 -20.96 30.79
C PRO D 241 -2.97 -20.77 30.03
N GLY D 242 -3.09 -20.41 28.77
CA GLY D 242 -1.97 -19.94 27.98
C GLY D 242 -1.77 -18.45 28.16
N ASN D 243 -1.01 -17.85 27.24
CA ASN D 243 -0.87 -16.41 27.28
C ASN D 243 -0.75 -15.79 25.88
N GLY D 244 -1.33 -16.44 24.87
CA GLY D 244 -1.37 -15.90 23.53
C GLY D 244 -2.65 -15.14 23.23
N ARG D 245 -2.72 -14.62 22.00
CA ARG D 245 -3.86 -13.85 21.55
C ARG D 245 -4.95 -14.70 20.92
N PHE D 246 -4.63 -15.93 20.55
CA PHE D 246 -5.56 -16.80 19.82
C PHE D 246 -5.56 -18.19 20.44
N ASP D 247 -5.73 -18.26 21.76
CA ASP D 247 -5.75 -19.53 22.48
C ASP D 247 -7.16 -20.08 22.49
N VAL D 248 -7.36 -21.27 21.93
CA VAL D 248 -8.71 -21.81 21.85
C VAL D 248 -9.14 -22.27 23.24
N LEU D 249 -10.34 -21.86 23.67
CA LEU D 249 -10.82 -22.15 25.02
C LEU D 249 -11.28 -23.60 25.16
N PRO D 250 -11.21 -24.17 26.36
CA PRO D 250 -11.84 -25.47 26.61
C PRO D 250 -13.36 -25.32 26.72
N LEU D 251 -14.05 -26.45 26.68
CA LEU D 251 -15.49 -26.47 26.91
C LEU D 251 -15.82 -26.73 28.38
N LEU D 252 -16.72 -25.91 28.93
CA LEU D 252 -17.35 -26.16 30.23
C LEU D 252 -18.74 -26.73 29.95
N LEU D 253 -18.94 -28.01 30.28
CA LEU D 253 -20.15 -28.75 29.96
C LEU D 253 -20.84 -29.19 31.24
N GLN D 254 -22.13 -28.90 31.33
CA GLN D 254 -22.93 -29.15 32.53
C GLN D 254 -23.99 -30.19 32.21
N ALA D 255 -23.88 -31.35 32.89
CA ALA D 255 -24.96 -32.33 32.95
C ALA D 255 -25.94 -31.93 34.05
N PRO D 256 -27.19 -32.39 33.97
CA PRO D 256 -28.21 -32.00 34.96
C PRO D 256 -27.72 -32.21 36.40
N ASP D 257 -27.86 -31.17 37.22
CA ASP D 257 -27.63 -31.25 38.67
C ASP D 257 -26.19 -31.63 39.00
N GLU D 258 -25.28 -31.28 38.10
CA GLU D 258 -23.85 -31.51 38.17
C GLU D 258 -23.16 -30.16 38.02
N PRO D 259 -22.04 -29.93 38.71
CA PRO D 259 -21.20 -28.77 38.39
C PRO D 259 -20.68 -28.92 36.96
N PRO D 260 -20.28 -27.83 36.31
CA PRO D 260 -19.71 -27.96 34.96
C PRO D 260 -18.42 -28.73 34.98
N GLU D 261 -18.18 -29.48 33.91
CA GLU D 261 -16.95 -30.23 33.73
C GLU D 261 -16.16 -29.63 32.57
N LEU D 262 -14.84 -29.63 32.72
CA LEU D 262 -13.94 -29.05 31.72
C LEU D 262 -13.55 -30.10 30.68
N PHE D 263 -13.51 -29.70 29.41
CA PHE D 263 -13.10 -30.59 28.32
C PHE D 263 -12.30 -29.80 27.29
N LEU D 264 -11.11 -30.29 26.99
CA LEU D 264 -10.24 -29.69 25.99
C LEU D 264 -10.61 -30.20 24.60
N LEU D 265 -10.72 -29.29 23.67
CA LEU D 265 -10.91 -29.66 22.27
C LEU D 265 -9.58 -30.10 21.67
N PRO D 266 -9.51 -31.28 21.06
CA PRO D 266 -8.27 -31.70 20.39
C PRO D 266 -7.92 -30.73 19.28
N PRO D 267 -6.66 -30.30 19.18
CA PRO D 267 -6.32 -29.25 18.22
C PRO D 267 -6.67 -29.60 16.78
N GLU D 268 -6.57 -30.88 16.40
CA GLU D 268 -6.90 -31.27 15.04
C GLU D 268 -8.39 -31.18 14.73
N LEU D 269 -9.23 -30.98 15.74
CA LEU D 269 -10.64 -30.80 15.45
C LEU D 269 -10.98 -29.35 15.11
N VAL D 270 -10.13 -28.39 15.53
CA VAL D 270 -10.38 -26.96 15.41
C VAL D 270 -9.61 -26.44 14.19
N LEU D 271 -10.29 -26.31 13.05
CA LEU D 271 -9.62 -25.81 11.86
C LEU D 271 -9.52 -24.29 11.95
N GLU D 272 -8.32 -23.74 11.74
CA GLU D 272 -8.10 -22.30 11.78
C GLU D 272 -7.53 -21.85 10.44
N VAL D 273 -7.46 -20.52 10.27
CA VAL D 273 -7.07 -19.88 9.01
C VAL D 273 -6.10 -18.76 9.34
N PRO D 274 -4.83 -18.88 8.95
CA PRO D 274 -3.92 -17.74 9.08
C PRO D 274 -4.34 -16.65 8.12
N LEU D 275 -4.29 -15.40 8.60
CA LEU D 275 -4.76 -14.27 7.81
C LEU D 275 -3.57 -13.61 7.10
N GLU D 276 -3.69 -13.49 5.80
CA GLU D 276 -2.74 -12.76 4.98
C GLU D 276 -3.51 -11.95 3.93
N HIS D 277 -2.83 -11.01 3.28
CA HIS D 277 -3.48 -10.15 2.32
C HIS D 277 -2.87 -10.36 0.94
N PRO D 278 -3.67 -10.39 -0.13
CA PRO D 278 -3.14 -10.76 -1.44
C PRO D 278 -2.10 -9.80 -1.98
N THR D 279 -2.11 -8.54 -1.57
CA THR D 279 -1.15 -7.55 -2.07
C THR D 279 -0.49 -6.73 -0.96
N LEU D 280 -0.72 -7.02 0.31
CA LEU D 280 -0.05 -6.29 1.39
C LEU D 280 0.73 -7.33 2.19
N GLU D 281 2.00 -7.53 1.83
CA GLU D 281 2.71 -8.72 2.36
C GLU D 281 3.05 -8.57 3.83
N TRP D 282 3.13 -7.35 4.36
CA TRP D 282 3.38 -7.20 5.78
C TRP D 282 2.20 -7.69 6.61
N PHE D 283 1.02 -7.83 6.02
CA PHE D 283 -0.17 -8.20 6.77
C PHE D 283 -0.03 -9.57 7.43
N ALA D 284 0.62 -10.50 6.75
CA ALA D 284 0.86 -11.80 7.36
C ALA D 284 1.71 -11.69 8.62
N ALA D 285 2.49 -10.62 8.78
CA ALA D 285 3.36 -10.54 9.95
C ALA D 285 2.64 -10.05 11.19
N LEU D 286 1.36 -9.67 11.08
CA LEU D 286 0.53 -9.36 12.24
C LEU D 286 0.21 -10.61 13.05
N GLY D 287 0.38 -11.79 12.47
CA GLY D 287 0.13 -13.01 13.21
C GLY D 287 -1.32 -13.29 13.47
N LEU D 288 -2.22 -12.76 12.65
CA LEU D 288 -3.64 -12.90 12.95
C LEU D 288 -4.18 -14.20 12.38
N ARG D 289 -5.19 -14.75 13.05
CA ARG D 289 -5.87 -16.00 12.73
C ARG D 289 -7.35 -15.84 13.03
N TRP D 290 -8.16 -16.72 12.44
CA TRP D 290 -9.52 -16.92 12.94
C TRP D 290 -9.91 -18.38 12.70
N TYR D 291 -10.98 -18.83 13.35
CA TYR D 291 -11.38 -20.23 13.21
C TYR D 291 -12.41 -20.41 12.09
N ALA D 292 -12.42 -21.61 11.52
CA ALA D 292 -13.32 -21.92 10.41
C ALA D 292 -14.80 -21.92 10.84
N LEU D 293 -15.10 -22.44 12.02
CA LEU D 293 -16.47 -22.86 12.32
C LEU D 293 -17.18 -21.90 13.28
N PRO D 294 -18.23 -21.14 12.84
CA PRO D 294 -19.07 -20.40 13.79
C PRO D 294 -20.13 -21.33 14.37
N ALA D 295 -20.04 -21.59 15.67
CA ALA D 295 -20.93 -22.59 16.30
C ALA D 295 -21.52 -22.01 17.59
N VAL D 296 -22.73 -21.51 17.51
CA VAL D 296 -23.36 -20.85 18.65
C VAL D 296 -23.91 -21.91 19.60
N SER D 297 -23.54 -21.82 20.89
CA SER D 297 -23.82 -22.89 21.84
C SER D 297 -24.59 -22.46 23.09
N ASN D 298 -25.01 -21.20 23.22
CA ASN D 298 -25.68 -20.78 24.45
C ASN D 298 -27.13 -20.39 24.25
N MET D 299 -27.71 -20.64 23.08
CA MET D 299 -29.09 -20.27 22.86
C MET D 299 -30.06 -21.41 23.17
N LEU D 300 -31.28 -21.05 23.53
CA LEU D 300 -32.33 -22.03 23.81
C LEU D 300 -33.16 -22.28 22.57
N LEU D 301 -33.42 -23.56 22.29
CA LEU D 301 -34.26 -23.95 21.16
C LEU D 301 -35.65 -24.27 21.70
N GLU D 302 -36.66 -23.55 21.22
CA GLU D 302 -38.05 -23.78 21.65
C GLU D 302 -38.84 -24.43 20.51
N ILE D 303 -39.46 -25.58 20.78
CA ILE D 303 -40.32 -26.24 19.80
C ILE D 303 -41.60 -26.68 20.51
N GLY D 304 -42.75 -26.19 20.05
CA GLY D 304 -44.05 -26.61 20.55
C GLY D 304 -44.18 -26.59 22.06
N GLY D 305 -43.63 -25.57 22.71
CA GLY D 305 -43.70 -25.47 24.15
C GLY D 305 -42.57 -26.14 24.89
N LEU D 306 -41.84 -27.05 24.24
CA LEU D 306 -40.71 -27.72 24.86
C LEU D 306 -39.47 -26.86 24.65
N GLU D 307 -38.55 -26.93 25.60
CA GLU D 307 -37.38 -26.06 25.63
C GLU D 307 -36.15 -26.95 25.66
N PHE D 308 -35.20 -26.66 24.78
CA PHE D 308 -33.92 -27.37 24.72
C PHE D 308 -32.84 -26.35 25.04
N PRO D 309 -32.42 -26.26 26.30
CA PRO D 309 -31.40 -25.25 26.67
C PRO D 309 -30.03 -25.56 26.09
N ALA D 310 -29.79 -26.77 25.60
CA ALA D 310 -28.51 -27.09 24.97
C ALA D 310 -28.79 -27.65 23.58
N ALA D 311 -28.51 -26.83 22.57
CA ALA D 311 -28.73 -27.28 21.19
C ALA D 311 -27.81 -26.49 20.27
N PRO D 312 -26.50 -26.72 20.34
CA PRO D 312 -25.56 -25.93 19.53
C PRO D 312 -25.76 -26.11 18.04
N PHE D 313 -25.65 -24.99 17.30
CA PHE D 313 -25.82 -24.98 15.87
C PHE D 313 -24.68 -24.22 15.18
N SER D 314 -24.36 -24.60 13.95
CA SER D 314 -23.22 -24.02 13.25
C SER D 314 -23.51 -23.89 11.76
N GLY D 315 -22.84 -22.93 11.11
CA GLY D 315 -22.87 -22.78 9.66
C GLY D 315 -21.51 -22.45 9.09
N TRP D 316 -21.38 -21.37 8.33
CA TRP D 316 -20.08 -20.85 7.91
C TRP D 316 -20.13 -19.34 8.07
N TYR D 317 -18.98 -18.70 8.08
CA TYR D 317 -18.93 -17.26 8.36
C TYR D 317 -19.30 -16.43 7.14
N MET D 318 -19.88 -15.26 7.41
CA MET D 318 -19.86 -14.12 6.50
C MET D 318 -18.68 -13.23 6.87
N SER D 319 -17.91 -12.79 5.85
CA SER D 319 -16.61 -12.20 6.11
C SER D 319 -16.67 -11.02 7.05
N THR D 320 -17.73 -10.21 6.98
CA THR D 320 -17.77 -9.03 7.83
C THR D 320 -17.89 -9.39 9.31
N GLU D 321 -18.39 -10.59 9.66
CA GLU D 321 -18.38 -10.94 11.08
C GLU D 321 -16.95 -10.96 11.60
N ILE D 322 -16.04 -11.46 10.79
CA ILE D 322 -14.65 -11.59 11.18
C ILE D 322 -13.91 -10.28 10.91
N GLY D 323 -13.96 -9.86 9.66
CA GLY D 323 -13.11 -8.75 9.24
C GLY D 323 -13.52 -7.44 9.86
N THR D 324 -14.82 -7.20 10.00
CA THR D 324 -15.27 -5.91 10.52
C THR D 324 -15.52 -5.96 12.02
N ARG D 325 -16.43 -6.83 12.47
CA ARG D 325 -16.79 -6.81 13.88
C ARG D 325 -15.68 -7.39 14.75
N ASN D 326 -15.26 -8.63 14.46
CA ASN D 326 -14.35 -9.30 15.39
C ASN D 326 -12.99 -8.61 15.44
N LEU D 327 -12.46 -8.17 14.31
CA LEU D 327 -11.13 -7.62 14.30
C LEU D 327 -11.10 -6.11 14.49
N CYS D 328 -12.16 -5.39 14.11
CA CYS D 328 -12.14 -3.93 14.10
C CYS D 328 -13.04 -3.26 15.15
N ASP D 329 -13.91 -3.99 15.85
CA ASP D 329 -14.65 -3.35 16.92
C ASP D 329 -13.68 -2.78 17.95
N PRO D 330 -13.90 -1.56 18.45
CA PRO D 330 -13.00 -0.99 19.47
C PRO D 330 -12.88 -1.86 20.70
N HIS D 331 -13.97 -2.55 21.08
CA HIS D 331 -13.99 -3.43 22.23
C HIS D 331 -13.69 -4.87 21.88
N ARG D 332 -13.17 -5.14 20.69
CA ARG D 332 -12.71 -6.48 20.35
C ARG D 332 -11.22 -6.41 20.04
N TYR D 333 -10.75 -7.05 18.95
CA TYR D 333 -9.32 -7.04 18.67
C TYR D 333 -8.80 -5.66 18.27
N ASN D 334 -9.66 -4.79 17.77
CA ASN D 334 -9.35 -3.36 17.65
C ASN D 334 -8.04 -3.10 16.90
N ILE D 335 -7.90 -3.73 15.72
CA ILE D 335 -6.65 -3.61 14.95
C ILE D 335 -6.66 -2.47 13.93
N LEU D 336 -7.76 -1.73 13.81
CA LEU D 336 -7.99 -0.88 12.63
C LEU D 336 -6.89 0.17 12.51
N GLU D 337 -6.54 0.81 13.62
CA GLU D 337 -5.55 1.87 13.54
C GLU D 337 -4.17 1.31 13.21
N ASP D 338 -3.80 0.19 13.81
CA ASP D 338 -2.51 -0.41 13.51
C ASP D 338 -2.37 -0.75 12.03
N VAL D 339 -3.45 -1.27 11.44
CA VAL D 339 -3.46 -1.55 9.99
C VAL D 339 -3.34 -0.26 9.18
N ALA D 340 -4.12 0.76 9.55
CA ALA D 340 -4.06 2.02 8.80
C ALA D 340 -2.67 2.64 8.88
N VAL D 341 -2.04 2.56 10.05
CA VAL D 341 -0.66 3.04 10.22
C VAL D 341 0.28 2.27 9.30
N CYS D 342 0.16 0.94 9.27
CA CYS D 342 1.02 0.15 8.40
C CYS D 342 0.79 0.49 6.93
N MET D 343 -0.47 0.76 6.54
CA MET D 343 -0.81 1.13 5.17
C MET D 343 -0.33 2.52 4.81
N ASP D 344 0.28 3.24 5.76
CA ASP D 344 0.69 4.64 5.60
C ASP D 344 -0.48 5.53 5.17
N LEU D 345 -1.61 5.33 5.84
CA LEU D 345 -2.71 6.29 5.70
C LEU D 345 -2.53 7.42 6.70
N ASP D 346 -3.13 8.57 6.37
CA ASP D 346 -3.09 9.75 7.23
C ASP D 346 -4.16 9.61 8.29
N THR D 347 -3.78 9.12 9.48
CA THR D 347 -4.73 8.84 10.54
C THR D 347 -5.01 10.05 11.43
N ARG D 348 -4.48 11.23 11.08
CA ARG D 348 -4.71 12.38 11.94
C ARG D 348 -6.06 13.03 11.71
N THR D 349 -6.57 13.00 10.48
CA THR D 349 -7.84 13.60 10.12
C THR D 349 -8.83 12.52 9.73
N THR D 350 -10.08 12.65 10.19
CA THR D 350 -11.07 11.64 9.87
C THR D 350 -11.48 11.71 8.40
N SER D 351 -11.30 12.87 7.76
CA SER D 351 -11.83 13.09 6.42
C SER D 351 -11.00 12.45 5.32
N SER D 352 -9.82 11.90 5.64
CA SER D 352 -9.15 11.04 4.68
C SER D 352 -9.80 9.67 4.52
N LEU D 353 -10.75 9.32 5.41
CA LEU D 353 -11.41 8.02 5.41
C LEU D 353 -10.41 6.88 5.59
N TRP D 354 -9.40 7.12 6.45
CA TRP D 354 -8.43 6.06 6.72
C TRP D 354 -9.10 4.86 7.38
N LYS D 355 -10.11 5.10 8.22
CA LYS D 355 -10.80 3.98 8.85
C LYS D 355 -11.49 3.12 7.80
N ASP D 356 -12.21 3.76 6.87
CA ASP D 356 -12.93 2.99 5.86
C ASP D 356 -11.97 2.21 4.97
N LYS D 357 -10.82 2.81 4.60
CA LYS D 357 -9.89 2.13 3.71
C LYS D 357 -9.26 0.93 4.39
N ALA D 358 -8.82 1.09 5.65
CA ALA D 358 -8.20 -0.03 6.34
C ALA D 358 -9.19 -1.16 6.57
N ALA D 359 -10.43 -0.84 6.97
CA ALA D 359 -11.45 -1.88 7.14
C ALA D 359 -11.66 -2.68 5.86
N VAL D 360 -11.74 -1.99 4.70
CA VAL D 360 -11.98 -2.72 3.45
C VAL D 360 -10.88 -3.75 3.20
N GLU D 361 -9.63 -3.35 3.39
CA GLU D 361 -8.53 -4.27 3.17
C GLU D 361 -8.50 -5.42 4.18
N ILE D 362 -8.90 -5.18 5.43
CA ILE D 362 -8.97 -6.28 6.38
C ILE D 362 -10.04 -7.27 5.92
N ASN D 363 -11.12 -6.77 5.33
CA ASN D 363 -12.13 -7.70 4.83
C ASN D 363 -11.61 -8.48 3.62
N VAL D 364 -10.96 -7.78 2.69
CA VAL D 364 -10.27 -8.44 1.58
C VAL D 364 -9.36 -9.54 2.09
N ALA D 365 -8.51 -9.23 3.08
CA ALA D 365 -7.61 -10.24 3.64
C ALA D 365 -8.37 -11.44 4.18
N VAL D 366 -9.50 -11.20 4.85
CA VAL D 366 -10.28 -12.32 5.40
C VAL D 366 -10.79 -13.21 4.27
N LEU D 367 -11.40 -12.62 3.24
CA LEU D 367 -11.90 -13.39 2.11
C LEU D 367 -10.76 -14.12 1.42
N HIS D 368 -9.65 -13.42 1.16
CA HIS D 368 -8.55 -14.06 0.45
C HIS D 368 -8.01 -15.24 1.25
N SER D 369 -7.94 -15.11 2.56
CA SER D 369 -7.28 -16.13 3.36
C SER D 369 -8.15 -17.38 3.47
N TYR D 370 -9.46 -17.22 3.67
CA TYR D 370 -10.35 -18.39 3.75
C TYR D 370 -10.40 -19.13 2.41
N GLN D 371 -10.42 -18.39 1.30
CA GLN D 371 -10.40 -19.04 -0.01
C GLN D 371 -9.08 -19.76 -0.22
N LEU D 372 -7.98 -19.12 0.16
CA LEU D 372 -6.67 -19.76 0.06
C LEU D 372 -6.62 -21.04 0.88
N ALA D 373 -7.14 -21.01 2.10
CA ALA D 373 -7.17 -22.20 2.94
C ALA D 373 -8.24 -23.21 2.52
N LYS D 374 -9.06 -22.89 1.52
CA LYS D 374 -10.21 -23.71 1.11
C LYS D 374 -11.18 -23.98 2.27
N VAL D 375 -11.61 -22.89 2.92
CA VAL D 375 -12.62 -22.91 3.97
C VAL D 375 -13.78 -22.04 3.52
N THR D 376 -14.98 -22.61 3.56
CA THR D 376 -16.18 -21.89 3.12
C THR D 376 -16.30 -20.53 3.81
N ILE D 377 -16.63 -19.52 3.00
CA ILE D 377 -16.86 -18.16 3.49
C ILE D 377 -17.73 -17.47 2.44
N VAL D 378 -18.56 -16.51 2.89
CA VAL D 378 -19.41 -15.75 1.99
C VAL D 378 -19.21 -14.26 2.30
N ASP D 379 -18.98 -13.46 1.26
CA ASP D 379 -18.87 -12.01 1.44
C ASP D 379 -20.27 -11.39 1.58
N HIS D 380 -20.30 -10.16 2.07
CA HIS D 380 -21.57 -9.53 2.40
C HIS D 380 -22.38 -9.16 1.17
N HIS D 381 -21.76 -9.01 -0.01
CA HIS D 381 -22.57 -8.78 -1.20
C HIS D 381 -23.31 -10.04 -1.63
N ALA D 382 -22.61 -11.18 -1.64
CA ALA D 382 -23.28 -12.42 -2.01
C ALA D 382 -24.32 -12.82 -0.96
N ALA D 383 -24.01 -12.62 0.32
CA ALA D 383 -24.94 -13.03 1.37
C ALA D 383 -26.23 -12.22 1.32
N THR D 384 -26.12 -10.89 1.16
CA THR D 384 -27.33 -10.08 1.14
C THR D 384 -28.12 -10.29 -0.14
N ALA D 385 -27.46 -10.61 -1.26
CA ALA D 385 -28.19 -10.95 -2.46
C ALA D 385 -28.94 -12.27 -2.30
N SER D 386 -28.38 -13.21 -1.55
CA SER D 386 -29.12 -14.44 -1.36
C SER D 386 -30.27 -14.27 -0.38
N PHE D 387 -30.14 -13.32 0.56
CA PHE D 387 -31.23 -13.07 1.49
C PHE D 387 -32.39 -12.38 0.80
N MET D 388 -32.11 -11.55 -0.21
CA MET D 388 -33.20 -11.02 -1.03
C MET D 388 -33.94 -12.16 -1.72
N LYS D 389 -33.21 -13.16 -2.21
CA LYS D 389 -33.90 -14.30 -2.79
C LYS D 389 -34.76 -15.00 -1.73
N HIS D 390 -34.27 -15.04 -0.48
CA HIS D 390 -35.02 -15.69 0.59
C HIS D 390 -36.29 -14.92 0.95
N LEU D 391 -36.21 -13.58 0.98
CA LEU D 391 -37.40 -12.77 1.23
C LEU D 391 -38.45 -13.00 0.16
N GLU D 392 -38.02 -13.14 -1.09
CA GLU D 392 -38.95 -13.39 -2.18
C GLU D 392 -39.55 -14.79 -2.08
N ASN D 393 -38.70 -15.81 -1.85
CA ASN D 393 -39.23 -17.14 -1.63
C ASN D 393 -40.22 -17.14 -0.48
N GLU D 394 -39.88 -16.45 0.62
CA GLU D 394 -40.72 -16.50 1.81
C GLU D 394 -42.03 -15.73 1.62
N GLN D 395 -42.00 -14.63 0.88
CA GLN D 395 -43.25 -13.96 0.53
C GLN D 395 -44.20 -14.91 -0.18
N LYS D 396 -43.68 -15.74 -1.10
CA LYS D 396 -44.55 -16.66 -1.82
C LYS D 396 -44.97 -17.85 -0.98
N ALA D 397 -44.12 -18.31 -0.05
CA ALA D 397 -44.46 -19.47 0.77
C ALA D 397 -45.40 -19.13 1.92
N ARG D 398 -45.18 -17.99 2.58
CA ARG D 398 -45.82 -17.73 3.86
C ARG D 398 -46.46 -16.35 3.97
N GLY D 399 -46.30 -15.47 2.98
CA GLY D 399 -46.86 -14.14 3.04
C GLY D 399 -45.98 -13.12 3.73
N GLY D 400 -44.69 -13.39 3.89
CA GLY D 400 -43.83 -12.49 4.60
C GLY D 400 -42.66 -13.21 5.24
N CYS D 401 -41.80 -12.43 5.88
CA CYS D 401 -40.59 -12.94 6.51
C CYS D 401 -40.19 -12.04 7.67
N PRO D 402 -40.07 -12.58 8.89
CA PRO D 402 -39.60 -11.74 10.01
C PRO D 402 -38.13 -11.42 9.88
N ALA D 403 -37.79 -10.13 9.90
CA ALA D 403 -36.43 -9.70 9.65
C ALA D 403 -36.08 -8.45 10.44
N ASP D 404 -34.87 -8.44 10.97
CA ASP D 404 -34.35 -7.37 11.81
C ASP D 404 -33.35 -6.56 10.97
N TRP D 405 -33.85 -5.48 10.36
CA TRP D 405 -33.06 -4.69 9.41
C TRP D 405 -31.68 -4.34 9.95
N ALA D 406 -31.61 -3.85 11.19
CA ALA D 406 -30.33 -3.41 11.74
C ALA D 406 -29.31 -4.55 11.89
N TRP D 407 -29.76 -5.81 11.92
CA TRP D 407 -28.85 -6.95 11.93
C TRP D 407 -28.61 -7.54 10.54
N ILE D 408 -29.58 -7.40 9.64
CA ILE D 408 -29.45 -7.91 8.29
C ILE D 408 -28.49 -7.04 7.48
N VAL D 409 -28.59 -5.73 7.62
CA VAL D 409 -27.70 -4.82 6.90
C VAL D 409 -26.27 -4.97 7.41
N PRO D 410 -25.30 -5.29 6.54
CA PRO D 410 -23.90 -5.50 6.96
C PRO D 410 -23.30 -4.29 7.66
N PRO D 411 -22.26 -4.49 8.48
CA PRO D 411 -21.66 -3.37 9.24
C PRO D 411 -20.70 -2.49 8.45
N ILE D 412 -20.31 -2.87 7.24
CA ILE D 412 -19.64 -1.96 6.32
C ILE D 412 -20.44 -1.99 5.03
N SER D 413 -20.34 -0.92 4.26
CA SER D 413 -20.95 -0.87 2.92
C SER D 413 -22.46 -1.11 2.93
N GLY D 414 -23.14 -0.77 4.03
CA GLY D 414 -24.57 -1.03 4.16
C GLY D 414 -25.42 -0.74 2.93
N SER D 415 -25.40 0.51 2.43
CA SER D 415 -26.32 0.85 1.36
C SER D 415 -25.86 0.38 -0.01
N LEU D 416 -24.65 -0.16 -0.13
CA LEU D 416 -24.24 -0.86 -1.35
C LEU D 416 -24.88 -2.23 -1.47
N THR D 417 -25.49 -2.74 -0.42
CA THR D 417 -26.11 -4.04 -0.55
C THR D 417 -27.61 -3.87 -0.71
N PRO D 418 -28.27 -4.80 -1.41
CA PRO D 418 -29.68 -4.62 -1.71
C PRO D 418 -30.58 -4.63 -0.47
N VAL D 419 -30.14 -5.18 0.66
CA VAL D 419 -31.02 -5.25 1.82
C VAL D 419 -31.22 -3.89 2.48
N PHE D 420 -30.26 -2.98 2.32
CA PHE D 420 -30.43 -1.64 2.89
C PHE D 420 -31.72 -1.00 2.39
N HIS D 421 -32.07 -1.24 1.13
CA HIS D 421 -33.17 -0.53 0.49
C HIS D 421 -34.48 -1.27 0.63
N GLN D 422 -34.50 -2.31 1.47
CA GLN D 422 -35.68 -3.15 1.67
C GLN D 422 -36.25 -2.87 3.06
N GLU D 423 -37.50 -2.41 3.11
CA GLU D 423 -38.18 -2.33 4.39
C GLU D 423 -38.47 -3.74 4.89
N MET D 424 -38.43 -3.92 6.21
CA MET D 424 -38.58 -5.23 6.82
C MET D 424 -39.47 -5.12 8.05
N VAL D 425 -40.08 -6.24 8.41
CA VAL D 425 -41.03 -6.32 9.52
C VAL D 425 -40.48 -7.34 10.50
N ASN D 426 -40.31 -6.94 11.75
CA ASN D 426 -39.65 -7.77 12.74
C ASN D 426 -40.69 -8.28 13.74
N TYR D 427 -40.73 -9.59 13.94
CA TYR D 427 -41.68 -10.18 14.87
C TYR D 427 -41.19 -11.58 15.22
N PHE D 428 -41.84 -12.19 16.21
CA PHE D 428 -41.40 -13.44 16.80
C PHE D 428 -42.38 -14.54 16.44
N LEU D 429 -41.88 -15.55 15.73
CA LEU D 429 -42.59 -16.80 15.47
C LEU D 429 -41.90 -17.95 16.20
N SER D 430 -42.68 -18.99 16.49
CA SER D 430 -42.16 -20.22 17.06
C SER D 430 -42.43 -21.37 16.09
N PRO D 431 -41.54 -22.38 16.03
CA PRO D 431 -40.28 -22.62 16.78
C PRO D 431 -39.23 -21.50 16.65
N ALA D 432 -38.36 -21.38 17.65
CA ALA D 432 -37.45 -20.24 17.68
C ALA D 432 -36.21 -20.57 18.48
N PHE D 433 -35.14 -19.85 18.19
CA PHE D 433 -34.00 -19.77 19.07
C PHE D 433 -34.14 -18.50 19.90
N ARG D 434 -33.94 -18.63 21.21
CA ARG D 434 -34.08 -17.52 22.17
C ARG D 434 -32.80 -17.41 23.00
N TYR D 435 -32.48 -16.19 23.41
CA TYR D 435 -31.46 -16.01 24.44
C TYR D 435 -31.95 -16.57 25.77
N GLN D 436 -31.01 -16.89 26.66
CA GLN D 436 -31.33 -17.39 27.98
C GLN D 436 -30.26 -16.88 28.93
N PRO D 437 -30.53 -16.84 30.23
CA PRO D 437 -29.50 -16.35 31.16
C PRO D 437 -28.29 -17.27 31.16
N ASP D 438 -27.16 -16.70 31.55
CA ASP D 438 -25.96 -17.49 31.75
C ASP D 438 -26.14 -18.42 32.94
N PRO D 439 -25.68 -19.66 32.85
CA PRO D 439 -25.93 -20.62 33.95
C PRO D 439 -25.18 -20.29 35.23
N TRP D 440 -24.16 -19.44 35.19
CA TRP D 440 -23.47 -19.07 36.44
C TRP D 440 -24.05 -17.79 37.09
CHA HEM E . 28.68 -14.50 -12.42
CHB HEM E . 29.27 -15.63 -7.72
CHC HEM E . 30.60 -20.10 -9.16
CHD HEM E . 30.63 -18.77 -13.84
C1A HEM E . 28.61 -14.42 -11.03
C2A HEM E . 28.05 -13.35 -10.22
C3A HEM E . 28.22 -13.68 -8.93
C4A HEM E . 28.90 -14.95 -8.86
CMA HEM E . 27.78 -12.86 -7.70
CAA HEM E . 27.33 -12.07 -10.72
CBA HEM E . 25.97 -12.58 -11.23
CGA HEM E . 24.80 -11.69 -10.92
O1A HEM E . 24.93 -10.77 -10.08
O2A HEM E . 23.72 -11.91 -11.54
C1B HEM E . 29.68 -16.95 -7.68
C2B HEM E . 30.00 -17.73 -6.50
C3B HEM E . 30.37 -18.95 -6.89
C4B HEM E . 30.30 -19.01 -8.36
CMB HEM E . 29.93 -17.24 -5.03
CAB HEM E . 30.79 -20.08 -5.91
CBB HEM E . 31.29 -21.26 -6.28
C1C HEM E . 30.68 -20.16 -10.54
C2C HEM E . 30.93 -21.35 -11.34
C3C HEM E . 30.93 -20.99 -12.64
C4C HEM E . 30.70 -19.56 -12.69
CMC HEM E . 31.12 -22.77 -10.73
CAC HEM E . 31.17 -21.83 -13.91
CBC HEM E . 31.78 -23.03 -13.93
C1D HEM E . 30.08 -17.50 -13.86
C2D HEM E . 29.78 -16.72 -15.05
C3D HEM E . 29.25 -15.57 -14.66
C4D HEM E . 29.17 -15.54 -13.21
CMD HEM E . 30.02 -17.15 -16.51
CAD HEM E . 28.82 -14.44 -15.63
CBD HEM E . 27.32 -14.26 -15.57
CGD HEM E . 26.91 -12.97 -16.24
O1D HEM E . 27.67 -12.49 -17.13
O2D HEM E . 25.83 -12.45 -15.88
NA HEM E . 29.12 -15.37 -10.17
NB HEM E . 29.88 -17.76 -8.78
NC HEM E . 30.54 -19.08 -11.41
ND HEM E . 29.69 -16.75 -12.75
FE HEM E . 30.15 -17.10 -10.77
N1 H4B F . 26.26 -6.50 -11.10
C2 H4B F . 25.89 -7.77 -10.83
N2 H4B F . 26.67 -8.53 -10.02
N3 H4B F . 24.76 -8.29 -11.35
C4 H4B F . 23.98 -7.56 -12.17
O4 H4B F . 22.93 -8.05 -12.64
C4A H4B F . 24.35 -6.26 -12.46
C8A H4B F . 25.50 -5.73 -11.91
N5 H4B F . 23.58 -5.52 -13.26
N8 H4B F . 25.91 -4.47 -12.19
C6 H4B F . 24.17 -4.36 -13.92
C7 H4B F . 25.08 -3.56 -12.99
C9 H4B F . 23.06 -3.49 -14.52
O9 H4B F . 22.10 -3.09 -13.56
C10 H4B F . 23.69 -2.26 -15.09
C11 H4B F . 22.67 -1.51 -15.93
O10 H4B F . 24.81 -2.69 -15.86
C02 A1CN6 G . 26.40 -17.72 -8.30
C03 A1CN6 G . 26.94 -18.89 -8.84
C04 A1CN6 G . 26.71 -19.19 -10.17
C05 A1CN6 G . 25.95 -18.33 -10.95
C06 A1CN6 G . 25.43 -17.17 -10.38
C07 A1CN6 G . 27.29 -20.46 -10.74
C08 A1CN6 G . 24.59 -16.22 -11.21
C11 A1CN6 G . 24.58 -15.40 -13.51
C12 A1CN6 G . 24.84 -15.99 -14.72
C13 A1CN6 G . 24.16 -15.58 -15.87
C14 A1CN6 G . 23.20 -14.59 -15.78
C15 A1CN6 G . 22.93 -13.98 -14.55
C16 A1CN6 G . 23.62 -14.39 -13.41
C17 A1CN6 G . 21.88 -12.90 -14.52
C18 A1CN6 G . 20.96 -13.16 -15.71
C22 A1CN6 G . 19.04 -11.97 -16.54
C23 A1CN6 G . 18.56 -10.58 -16.92
C24 A1CN6 G . 19.34 -10.05 -18.11
C25 A1CN6 G . 20.84 -10.25 -17.95
C26 A1CN6 G . 21.15 -11.70 -17.60
F12 A1CN6 G . 25.77 -16.96 -14.78
F13 A1CN6 G . 24.40 -16.15 -17.06
N01 A1CN6 G . 25.66 -16.91 -9.08
N02 A1CN6 G . 26.63 -17.44 -6.99
N21 A1CN6 G . 20.49 -11.91 -16.32
O09 A1CN6 G . 25.28 -15.83 -12.39
C1 BTB H . 4.23 -5.96 11.44
O1 BTB H . 3.34 -5.66 10.35
C2 BTB H . 4.04 -4.95 12.58
C3 BTB H . 4.79 -3.66 12.26
O3 BTB H . 4.56 -2.63 13.23
C4 BTB H . 2.54 -4.65 12.75
O4 BTB H . 2.30 -3.67 13.78
N BTB H . 4.55 -5.60 13.81
C5 BTB H . 6.01 -5.78 13.72
C6 BTB H . 6.62 -5.59 15.11
O6 BTB H . 6.37 -4.25 15.58
C7 BTB H . 3.92 -6.92 13.99
C8 BTB H . 3.42 -7.05 15.43
O8 BTB H . 3.51 -5.75 16.06
C1 BTB I . 2.40 4.92 -0.24
O1 BTB I . 2.16 3.65 0.40
C2 BTB I . 3.71 4.83 -1.00
C3 BTB I . 4.10 3.36 -0.97
O3 BTB I . 5.37 3.12 -1.57
C4 BTB I . 3.47 5.34 -2.41
O4 BTB I . 4.41 4.76 -3.32
N BTB I . 4.69 5.68 -0.31
C5 BTB I . 4.09 6.98 0.00
C6 BTB I . 4.96 7.64 1.06
O6 BTB I . 5.19 6.69 2.11
C7 BTB I . 5.91 6.01 -1.10
C8 BTB I . 7.11 5.39 -0.40
O8 BTB I . 6.63 4.75 0.79
C1 GOL J . 34.46 -41.36 -19.03
O1 GOL J . 33.55 -40.27 -19.04
C2 GOL J . 35.09 -41.48 -17.64
O2 GOL J . 34.94 -40.25 -16.96
C3 GOL J . 36.57 -41.79 -17.79
O3 GOL J . 37.30 -40.73 -17.22
C1 GOL K . 9.55 -38.86 -35.91
O1 GOL K . 10.80 -38.36 -35.46
C2 GOL K . 8.41 -38.08 -35.26
O2 GOL K . 8.61 -36.69 -35.46
C3 GOL K . 8.37 -38.35 -33.76
O3 GOL K . 9.29 -37.50 -33.10
C1 GOL L . 20.06 -6.47 -15.13
O1 GOL L . 21.09 -7.32 -14.70
C2 GOL L . 18.80 -6.67 -14.30
O2 GOL L . 18.76 -5.71 -13.26
C3 GOL L . 18.71 -8.08 -13.71
O3 GOL L . 17.40 -8.33 -13.29
CL CL M . 19.87 -15.84 -8.68
GD GD N . 3.92 -2.99 15.84
ZN ZN O . 34.89 0.81 -21.57
CA CA P . -9.44 -5.29 -15.41
CHA HEM Q . 31.51 14.87 -9.30
CHB HEM Q . 27.56 15.72 -6.63
CHC HEM Q . 27.59 20.39 -7.96
CHD HEM Q . 31.03 19.33 -11.17
C1A HEM Q . 30.52 14.75 -8.35
C2A HEM Q . 30.34 13.62 -7.47
C3A HEM Q . 29.26 13.85 -6.71
C4A HEM Q . 28.69 15.13 -7.13
CMA HEM Q . 28.70 12.92 -5.60
CAA HEM Q . 31.31 12.43 -7.38
CBA HEM Q . 32.52 13.03 -6.67
CGA HEM Q . 33.37 12.06 -5.89
O1A HEM Q . 32.90 10.99 -5.48
O2A HEM Q . 34.55 12.40 -5.65
C1B HEM Q . 27.23 17.04 -6.76
C2B HEM Q . 26.10 17.68 -6.09
C3B HEM Q . 26.09 18.98 -6.46
C4B HEM Q . 27.23 19.20 -7.37
CMB HEM Q . 25.08 17.03 -5.13
CAB HEM Q . 25.03 20.00 -5.95
CBB HEM Q . 24.78 21.16 -6.57
C1C HEM Q . 28.52 20.54 -8.94
C2C HEM Q . 28.87 21.78 -9.64
C3C HEM Q . 29.85 21.47 -10.53
C4C HEM Q . 30.11 20.03 -10.40
CMC HEM Q . 28.23 23.16 -9.33
CAC HEM Q . 30.61 22.35 -11.55
CBC HEM Q . 30.16 23.57 -11.85
C1D HEM Q . 31.46 18.04 -10.94
C2D HEM Q . 32.52 17.37 -11.67
C3D HEM Q . 32.65 16.15 -11.15
C4D HEM Q . 31.69 15.99 -10.09
CMD HEM Q . 33.39 17.87 -12.85
CAD HEM Q . 33.64 15.11 -11.69
CBD HEM Q . 34.94 15.03 -10.90
CGD HEM Q . 35.73 13.89 -11.47
O1D HEM Q . 35.83 13.77 -12.74
O2D HEM Q . 36.25 13.11 -10.64
NA HEM Q . 29.49 15.63 -8.13
NB HEM Q . 27.89 17.99 -7.54
NC HEM Q . 29.28 19.52 -9.46
ND HEM Q . 30.97 17.17 -9.99
FE HEM Q . 29.21 17.44 -9.06
N1 H4B R . 32.62 6.74 -7.58
C2 H4B R . 32.60 7.95 -6.96
N2 H4B R . 31.45 8.65 -6.96
N3 H4B R . 33.70 8.43 -6.36
C4 H4B R . 34.85 7.72 -6.36
O4 H4B R . 35.88 8.18 -5.79
C4A H4B R . 34.89 6.48 -6.99
C8A H4B R . 33.74 6.00 -7.60
N5 H4B R . 36.01 5.75 -7.00
N8 H4B R . 33.72 4.79 -8.24
C6 H4B R . 36.16 4.77 -8.07
C7 H4B R . 34.90 3.92 -8.30
C9 H4B R . 37.42 3.93 -7.85
O9 H4B R . 37.49 3.40 -6.52
C10 H4B R . 37.47 2.81 -8.87
C11 H4B R . 38.77 2.01 -8.75
O10 H4B R . 37.36 3.40 -10.18
C02 A1CN6 S . 29.84 17.74 -4.52
C03 A1CN6 S . 29.81 19.00 -5.15
C04 A1CN6 S . 30.91 19.34 -5.93
C05 A1CN6 S . 31.95 18.45 -6.10
C06 A1CN6 S . 31.93 17.24 -5.43
C07 A1CN6 S . 30.97 20.67 -6.65
C08 A1CN6 S . 33.06 16.25 -5.53
C11 A1CN6 S . 35.03 15.95 -6.84
C12 A1CN6 S . 35.81 16.27 -7.93
C13 A1CN6 S . 37.10 15.78 -8.00
C14 A1CN6 S . 37.62 14.96 -7.00
C15 A1CN6 S . 36.82 14.63 -5.90
C16 A1CN6 S . 35.53 15.13 -5.84
C17 A1CN6 S . 37.33 13.75 -4.77
C18 A1CN6 S . 38.78 13.35 -5.02
C22 A1CN6 S . 39.58 11.12 -5.30
C23 A1CN6 S . 39.46 9.85 -6.13
C24 A1CN6 S . 39.90 10.11 -7.56
C25 A1CN6 S . 39.19 11.34 -8.14
C26 A1CN6 S . 39.33 12.54 -7.23
F12 A1CN6 S . 35.31 17.07 -8.88
F13 A1CN6 S . 37.86 16.11 -9.07
N01 A1CN6 S . 30.89 16.93 -4.66
N02 A1CN6 S . 28.84 17.32 -3.74
N21 A1CN6 S . 38.78 12.18 -5.91
O09 A1CN6 S . 33.75 16.43 -6.76
C1 BTB T . 15.01 7.35 24.01
O1 BTB T . 14.91 8.63 24.66
C2 BTB T . 16.37 7.20 23.34
C3 BTB T . 16.22 6.40 22.03
O3 BTB T . 17.48 6.24 21.34
C4 BTB T . 16.91 8.58 22.96
O4 BTB T . 18.33 8.49 22.84
N BTB T . 17.31 6.52 24.27
C5 BTB T . 16.92 5.12 24.49
C6 BTB T . 18.05 4.20 24.03
O6 BTB T . 19.22 4.53 24.76
C7 BTB T . 17.46 7.20 25.59
C8 BTB T . 18.84 7.82 25.78
O8 BTB T . 19.89 6.89 25.49
C1 BTB U . 58.46 40.53 -6.68
O1 BTB U . 58.15 40.72 -5.28
C2 BTB U . 58.00 39.14 -7.11
C3 BTB U . 58.16 38.18 -5.95
O3 BTB U . 58.55 36.93 -6.50
C4 BTB U . 56.51 39.23 -7.47
O4 BTB U . 56.21 40.23 -8.45
N BTB U . 58.85 38.53 -8.17
C5 BTB U . 60.05 39.36 -8.44
C6 BTB U . 61.30 38.50 -8.66
O6 BTB U . 61.16 37.24 -7.97
C7 BTB U . 58.16 38.22 -9.43
C8 BTB U . 58.63 36.85 -9.84
O8 BTB U . 59.04 36.23 -8.62
C1 GOL V . 42.43 2.24 15.08
O1 GOL V . 43.17 3.45 15.00
C2 GOL V . 41.22 2.49 15.97
O2 GOL V . 41.35 3.74 16.63
C3 GOL V . 41.03 1.37 16.99
O3 GOL V . 40.15 1.81 17.99
CL CL W . 34.91 15.55 -0.22
GD GD X . 19.78 6.32 22.79
CHA HEM Y . -32.37 14.20 8.77
CHB HEM Y . -27.76 15.73 8.48
CHC HEM Y . -29.19 20.19 9.84
CHD HEM Y . -33.80 18.63 10.10
C1A HEM Y . -31.02 14.25 8.47
C2A HEM Y . -30.24 13.24 7.78
C3A HEM Y . -28.99 13.66 7.71
C4A HEM Y . -28.89 14.95 8.34
CMA HEM Y . -27.82 12.90 7.05
CAA HEM Y . -30.79 11.90 7.21
CBA HEM Y . -31.76 12.23 6.08
CGA HEM Y . -31.44 11.44 4.85
O1A HEM Y . -30.42 10.70 4.84
O2A HEM Y . -32.21 11.55 3.86
C1B HEM Y . -27.74 17.06 8.85
C2B HEM Y . -26.55 17.89 8.95
C3B HEM Y . -26.92 19.11 9.34
C4B HEM Y . -28.37 19.12 9.47
CMB HEM Y . -25.12 17.41 8.67
CAB HEM Y . -25.91 20.27 9.55
CBB HEM Y . -26.21 21.47 10.06
C1C HEM Y . -30.57 20.19 9.97
C2C HEM Y . -31.44 21.34 10.20
C3C HEM Y . -32.71 20.91 10.25
C4C HEM Y . -32.69 19.47 10.09
CMC HEM Y . -30.96 22.80 10.31
CAC HEM Y . -34.00 21.72 10.49
CBC HEM Y . -34.02 22.81 11.26
C1D HEM Y . -33.82 17.30 9.78
C2D HEM Y . -34.97 16.42 9.81
C3D HEM Y . -34.57 15.20 9.44
C4D HEM Y . -33.15 15.25 9.17
CMD HEM Y . -36.41 16.83 10.20
CAD HEM Y . -35.46 13.96 9.31
CBD HEM Y . -36.23 14.06 8.01
CGD HEM Y . -36.67 12.69 7.58
O1D HEM Y . -37.43 12.02 8.32
O2D HEM Y . -36.26 12.30 6.45
NA HEM Y . -30.15 15.28 8.80
NB HEM Y . -28.82 17.85 9.18
NC HEM Y . -31.38 19.07 9.92
ND HEM Y . -32.73 16.55 9.40
FE HEM Y . -30.76 17.10 9.58
N1 H4B Z . -30.85 6.46 6.67
C2 H4B Z . -30.72 7.70 6.15
N2 H4B Z . -29.88 8.58 6.78
N3 H4B Z . -31.36 8.08 5.03
C4 H4B Z . -32.18 7.20 4.40
O4 H4B Z . -32.81 7.55 3.36
C4A H4B Z . -32.35 5.93 4.92
C8A H4B Z . -31.66 5.56 6.06
N5 H4B Z . -33.15 5.05 4.31
N8 H4B Z . -31.81 4.32 6.59
C6 H4B Z . -33.70 3.97 5.08
C7 H4B Z . -32.64 3.30 5.96
C9 H4B Z . -34.38 2.99 4.12
O9 H4B Z . -33.51 2.67 3.02
C10 H4B Z . -34.81 1.71 4.80
C11 H4B Z . -35.82 0.97 3.94
O10 H4B Z . -35.38 2.01 6.07
C02 A1CN6 AA . -28.59 17.63 5.70
C03 A1CN6 AA . -29.18 18.78 6.22
C04 A1CN6 AA . -30.56 18.91 6.14
C05 A1CN6 AA . -31.31 17.89 5.55
C06 A1CN6 AA . -30.66 16.77 5.05
C07 A1CN6 AA . -31.25 20.12 6.69
C08 A1CN6 AA . -31.42 15.65 4.40
C11 A1CN6 AA . -33.72 15.08 4.36
C12 A1CN6 AA . -34.99 15.41 4.78
C13 A1CN6 AA . -36.08 15.08 3.99
C14 A1CN6 AA . -35.89 14.43 2.79
C15 A1CN6 AA . -34.61 14.09 2.36
C16 A1CN6 AA . -33.52 14.42 3.14
C17 A1CN6 AA . -34.40 13.37 1.04
C18 A1CN6 AA . -35.74 12.86 0.53
C22 A1CN6 AA . -37.16 11.05 0.05
C23 A1CN6 AA . -37.64 9.64 0.37
C24 A1CN6 AA . -37.97 9.58 1.84
C25 A1CN6 AA . -36.71 9.87 2.64
C26 A1CN6 AA . -36.23 11.26 2.30
F12 A1CN6 AA . -35.15 16.05 5.96
F13 A1CN6 AA . -37.33 15.39 4.39
N01 A1CN6 AA . -29.32 16.67 5.13
N02 A1CN6 AA . -27.25 17.47 5.77
N21 A1CN6 AA . -35.99 11.44 0.85
O09 A1CN6 AA . -32.63 15.40 5.10
C1 BTB BA . -9.50 6.15 -16.83
O1 BTB BA . -10.87 5.77 -16.96
C2 BTB BA . -8.60 5.04 -17.36
C3 BTB BA . -8.25 4.07 -16.24
O3 BTB BA . -8.52 2.72 -16.63
C4 BTB BA . -9.33 4.30 -18.48
O4 BTB BA . -10.55 3.71 -17.99
N BTB BA . -7.35 5.64 -17.86
C5 BTB BA . -6.63 6.25 -16.74
C6 BTB BA . -5.12 6.27 -17.00
O6 BTB BA . -4.46 6.94 -15.92
C7 BTB BA . -7.67 6.69 -18.84
C8 BTB BA . -6.85 6.52 -20.11
O8 BTB BA . -5.61 7.22 -19.98
C1 BTB CA . -22.02 -8.07 -17.33
O1 BTB CA . -20.92 -7.58 -18.13
C2 BTB CA . -22.18 -7.21 -16.07
C3 BTB CA . -21.74 -5.79 -16.38
O3 BTB CA . -22.08 -4.98 -15.25
C4 BTB CA . -23.65 -7.17 -15.68
O4 BTB CA . -23.96 -5.96 -14.98
N BTB CA . -21.32 -7.70 -14.95
C5 BTB CA . -20.40 -8.79 -15.32
C6 BTB CA . -18.97 -8.32 -15.12
O6 BTB CA . -18.76 -7.10 -15.84
C7 BTB CA . -22.10 -8.15 -13.77
C8 BTB CA . -21.42 -7.55 -12.54
O8 BTB CA . -20.71 -6.37 -12.95
C1 GOL DA . -39.39 42.42 13.55
O1 GOL DA . -40.18 41.33 13.12
C2 GOL DA . -38.06 41.90 14.09
O2 GOL DA . -38.02 40.49 14.01
C3 GOL DA . -37.91 42.30 15.56
O3 GOL DA . -37.52 41.15 16.27
C1 GOL EA . -58.00 35.10 -9.41
O1 GOL EA . -57.83 34.19 -8.34
C2 GOL EA . -57.84 34.40 -10.77
O2 GOL EA . -57.82 33.00 -10.62
C3 GOL EA . -56.56 34.85 -11.44
O3 GOL EA . -55.48 34.05 -11.00
CL CL FA . -29.65 15.18 -0.76
GD GD GA . -6.19 2.62 -18.08
ZN ZN HA . -39.99 -0.85 16.66
CA CA IA . -38.10 1.88 -28.91
CHA HEM JA . -27.37 -14.63 13.27
CHB HEM JA . -25.14 -15.61 9.08
CHC HEM JA . -26.29 -20.32 9.64
CHD HEM JA . -29.17 -19.15 13.33
C1A HEM JA . -26.56 -14.54 12.16
C2A HEM JA . -25.74 -13.38 11.84
C3A HEM JA . -25.09 -13.62 10.69
C4A HEM JA . -25.52 -14.94 10.23
CMA HEM JA . -24.09 -12.69 9.95
CAA HEM JA . -25.66 -12.17 12.78
CBA HEM JA . -24.56 -12.55 13.77
CGA HEM JA . -23.88 -11.40 14.45
O1A HEM JA . -23.79 -10.29 13.84
O2A HEM JA . -23.39 -11.60 15.60
C1B HEM JA . -25.25 -16.97 8.86
C2B HEM JA . -24.69 -17.72 7.76
C3B HEM JA . -25.00 -19.00 7.89
C4B HEM JA . -25.78 -19.14 9.11
CMB HEM JA . -23.84 -17.19 6.57
CAB HEM JA . -24.53 -20.08 6.87
CBB HEM JA . -25.00 -21.33 6.76
C1C HEM JA . -27.15 -20.46 10.70
C2C HEM JA . -27.71 -21.70 11.26
C3C HEM JA . -28.51 -21.37 12.29
C4C HEM JA . -28.50 -19.91 12.39
CMC HEM JA . -27.37 -23.09 10.70
CAC HEM JA . -29.38 -22.21 13.24
CBC HEM JA . -29.78 -23.47 12.97
C1D HEM JA . -28.93 -17.84 13.64
C2D HEM JA . -29.53 -17.09 14.71
C3D HEM JA . -29.04 -15.85 14.71
C4D HEM JA . -28.09 -15.76 13.63
CMD HEM JA . -30.57 -17.62 15.72
CAD HEM JA . -29.45 -14.72 15.71
CBD HEM JA . -28.23 -14.04 16.33
CGD HEM JA . -28.56 -13.42 17.65
O1D HEM JA . -29.76 -13.31 17.98
O2D HEM JA . -27.61 -13.03 18.38
NA HEM JA . -26.40 -15.45 11.15
NB HEM JA . -25.92 -17.88 9.68
NC HEM JA . -27.67 -19.41 11.42
ND HEM JA . -28.05 -16.97 12.98
FE HEM JA . -27.30 -17.32 11.13
N1 H4B KA . -26.06 -6.40 13.50
C2 H4B KA . -25.39 -7.58 13.52
N2 H4B KA . -25.44 -8.39 12.43
N3 H4B KA . -24.68 -7.95 14.60
C4 H4B KA . -24.63 -7.16 15.69
O4 H4B KA . -23.96 -7.54 16.68
C4A H4B KA . -25.30 -5.95 15.69
C8A H4B KA . -26.02 -5.57 14.57
N5 H4B KA . -25.26 -5.14 16.75
N8 H4B KA . -26.70 -4.39 14.56
C6 H4B KA . -26.28 -4.12 16.93
C7 H4B KA . -26.62 -3.39 15.63
C9 H4B KA . -25.86 -3.22 18.09
O9 H4B KA . -24.50 -2.78 17.98
C10 H4B KA . -26.74 -2.02 18.27
C11 H4B KA . -26.45 -1.48 19.67
O10 H4B KA . -28.11 -2.44 18.14
C02 A1CN6 LA . -22.82 -17.39 11.30
C03 A1CN6 LA . -23.40 -18.66 11.45
C04 A1CN6 LA . -23.99 -19.01 12.66
C05 A1CN6 LA . -23.98 -18.09 13.69
C06 A1CN6 LA . -23.38 -16.85 13.50
C07 A1CN6 LA . -24.63 -20.36 12.85
C08 A1CN6 LA . -23.33 -15.85 14.62
C11 A1CN6 LA . -24.71 -15.33 16.49
C12 A1CN6 LA . -25.72 -15.82 17.30
C13 A1CN6 LA . -25.76 -15.45 18.63
C14 A1CN6 LA . -24.79 -14.60 19.16
C15 A1CN6 LA . -23.77 -14.11 18.34
C16 A1CN6 LA . -23.73 -14.48 17.01
C17 A1CN6 LA . -22.70 -13.18 18.87
C18 A1CN6 LA . -22.97 -12.77 20.31
C22 A1CN6 LA . -23.41 -11.06 21.85
C23 A1CN6 LA . -24.40 -10.01 22.32
C24 A1CN6 LA . -25.78 -10.46 21.90
C25 A1CN6 LA . -25.84 -10.40 20.39
C26 A1CN6 LA . -24.88 -11.43 19.84
F12 A1CN6 LA . -26.67 -16.64 16.80
F13 A1CN6 LA . -26.76 -15.93 19.41
N01 A1CN6 LA . -22.81 -16.53 12.32
N02 A1CN6 LA . -22.23 -16.99 10.15
N21 A1CN6 LA . -23.51 -11.40 20.41
O09 A1CN6 LA . -24.63 -15.67 15.17
C1 BTB MA . 3.50 -6.76 -6.53
O1 BTB MA . 3.71 -5.74 -7.49
C2 BTB MA . 2.89 -6.22 -5.22
C3 BTB MA . 1.70 -5.31 -5.48
O3 BTB MA . 0.94 -5.21 -4.26
C4 BTB MA . 2.35 -7.39 -4.40
O4 BTB MA . 3.23 -7.73 -3.33
N BTB MA . 3.92 -5.48 -4.42
C5 BTB MA . 3.87 -4.01 -4.62
C6 BTB MA . 4.68 -3.29 -3.56
O6 BTB MA . 3.90 -2.94 -2.42
C7 BTB MA . 5.27 -6.05 -4.41
C8 BTB MA . 5.60 -6.49 -2.99
O8 BTB MA . 5.42 -5.39 -2.08
C1 BTB NA . -24.09 -35.91 41.72
O1 BTB NA . -24.19 -34.53 41.36
C2 BTB NA . -22.62 -36.31 41.78
C3 BTB NA . -21.72 -35.10 41.90
O3 BTB NA . -22.50 -34.00 42.38
C4 BTB NA . -22.42 -37.22 42.99
O4 BTB NA . -21.94 -36.43 44.08
N BTB NA . -22.21 -37.03 40.56
C5 BTB NA . -23.08 -38.20 40.31
C6 BTB NA . -23.79 -38.07 38.97
O6 BTB NA . -22.85 -37.56 38.00
C7 BTB NA . -20.82 -37.46 40.74
C8 BTB NA . -20.35 -38.35 39.60
O8 BTB NA . -19.26 -37.72 38.91
C1 GOL OA . -2.77 -0.20 20.92
O1 GOL OA . -3.57 0.90 20.55
C2 GOL OA . -1.64 -0.37 19.92
O2 GOL OA . -1.86 0.50 18.82
C3 GOL OA . -1.59 -1.81 19.43
O3 GOL OA . -0.49 -1.96 18.56
C1 GOL PA . -24.02 -7.09 20.39
O1 GOL PA . -24.75 -7.53 19.27
C2 GOL PA . -23.05 -5.99 20.01
O2 GOL PA . -23.03 -5.78 18.61
C3 GOL PA . -21.66 -6.36 20.49
O3 GOL PA . -20.76 -5.31 20.21
CL CL QA . -18.12 -14.60 15.58
GD GD RA . 2.70 -5.38 -2.18
#